data_7OP7
#
_entry.id   7OP7
#
_cell.length_a   90.761
_cell.length_b   114.707
_cell.length_c   98.639
_cell.angle_alpha   90.000
_cell.angle_beta   112.890
_cell.angle_gamma   90.000
#
_symmetry.space_group_name_H-M   'P 1 21 1'
#
loop_
_entity.id
_entity.type
_entity.pdbx_description
1 polymer Beta-mannosidase
2 non-polymer 1,2-ETHANEDIOL
3 non-polymer (1R,2S,3R,4S,5R,6R)-5-(8-azidooctylamino)-6-(hydroxymethyl)cyclohexane-1,2,3,4-tetrol
4 non-polymer 'BROMIDE ION'
5 non-polymer 'CHLORIDE ION'
6 water water
#
_entity_poly.entity_id   1
_entity_poly.type   'polypeptide(L)'
_entity_poly.pdbx_seq_one_letter_code
;MGQGNDTSEVMLLDTGWEFSQSGTEKWMPATVPGTVHQDLISHELLPNPFYGMNEKKIQWVENEDWEYRTSFIVSEEQLN
RDGIQLIFEGLDTYADVYLNGSLLLKADNMFVGYTLPVKSVLRKGENHLYIYFHSPIRQTLPQYASNGFNYPADNDHHEK
HLSVFSRKAPYSYGWDWGIRMVTSGVWRPVTLRFYDIATISDYYVRQLSLTDENARLSNELIVNQIVPQKIPAEVRVNVS
LNGTTVTEVKQQVTLQPGINHITLPAEVTNPVRWMPNGWGTPTLYDFSAQIACGDRIVAEQSHRIGLRTIRVVNEKDKDG
ESFYFEVNGIPMFAKGANYIPQDALLPNVTTERYQTLFRDMKEANMNMVRIWGGGTYENNLFYDLADENGILVWQDFMFA
CTPYPSDPTFLKRVEAEAVYNIRRLRNHASLAMWCGNNEILEALKYWGFEKKFTPEVYQGLMHGYDKLFRELLPSTVKEF
DSDRFYVHSSPYLANWGRPESWGTGDSHNWGVWYGKKPFESLDTDLPRFMSEFGFQSFPEMKTIAAFAAPEDYQIESEVM
NAHQKSSIGNSLIRTYMERDYIIPESFEDFVYVGLVLQGQGMRHGLEAHRRNRPYCMGTLYWQLNDSWPVVSWSSIDYYG
NWKALHYQAKRAFAPVLINPIQQNDSLSVYLISDRLDTMEQMTLEMKVVDFDGKTLGKKIQVHSLEVPANTSKCVYRAKL
DGWLTPEDCRRSFLKLILKDKSGHQVAESVHFFRKTKDLQLPPTSVSYQMKQTDGKCELTLFSSMLAKDIFIETPLQGAR
YSDNFFDLLPGERKKVIITSPRIKKGEELPVNIKHIRETYKLEHHHHHH
;
_entity_poly.pdbx_strand_id   A,B
#
loop_
_chem_comp.id
_chem_comp.type
_chem_comp.name
_chem_comp.formula
BR non-polymer 'BROMIDE ION' 'Br -1'
CL non-polymer 'CHLORIDE ION' 'Cl -1'
EDO non-polymer 1,2-ETHANEDIOL 'C2 H6 O2'
VEE non-polymer (1R,2S,3R,4S,5R,6R)-5-(8-azidooctylamino)-6-(hydroxymethyl)cyclohexane-1,2,3,4-tetrol 'C15 H30 N4 O4'
#
# COMPACT_ATOMS: atom_id res chain seq x y z
N ASN A 5 -13.84 -13.42 13.21
CA ASN A 5 -13.80 -14.92 13.39
C ASN A 5 -14.91 -15.27 14.40
N ASP A 6 -16.14 -15.53 13.93
CA ASP A 6 -17.30 -16.04 14.69
C ASP A 6 -18.24 -16.79 13.75
N THR A 7 -19.31 -17.35 14.28
CA THR A 7 -20.19 -18.27 13.52
C THR A 7 -21.23 -17.46 12.77
N SER A 8 -21.27 -16.14 12.89
CA SER A 8 -22.33 -15.36 12.20
C SER A 8 -22.04 -15.40 10.70
N GLU A 9 -23.06 -15.12 9.92
CA GLU A 9 -23.01 -14.98 8.47
C GLU A 9 -23.55 -13.61 8.21
N VAL A 10 -22.86 -12.82 7.42
CA VAL A 10 -23.31 -11.46 7.03
C VAL A 10 -23.63 -11.42 5.54
N MET A 11 -24.80 -10.90 5.18
CA MET A 11 -25.20 -10.65 3.77
CA MET A 11 -25.20 -10.65 3.77
C MET A 11 -25.18 -9.14 3.53
N LEU A 12 -24.41 -8.70 2.55
CA LEU A 12 -24.35 -7.26 2.23
C LEU A 12 -25.49 -7.04 1.27
N LEU A 13 -26.40 -6.11 1.54
CA LEU A 13 -27.44 -5.66 0.57
C LEU A 13 -26.89 -4.43 -0.18
N ASP A 14 -25.94 -4.68 -1.08
CA ASP A 14 -25.16 -3.62 -1.75
C ASP A 14 -25.21 -3.78 -3.28
N THR A 15 -26.13 -4.59 -3.80
CA THR A 15 -26.38 -4.73 -5.25
C THR A 15 -27.87 -5.07 -5.49
N GLY A 16 -28.44 -4.69 -6.64
CA GLY A 16 -29.80 -5.11 -7.06
C GLY A 16 -30.88 -4.25 -6.43
N TRP A 17 -30.58 -2.98 -6.21
CA TRP A 17 -31.50 -1.94 -5.70
C TRP A 17 -32.00 -1.17 -6.90
N GLU A 18 -33.20 -0.61 -6.77
CA GLU A 18 -33.90 0.23 -7.77
C GLU A 18 -34.42 1.47 -7.04
N PHE A 19 -34.57 2.58 -7.75
CA PHE A 19 -35.20 3.79 -7.20
C PHE A 19 -36.30 4.30 -8.13
N SER A 20 -37.08 5.23 -7.63
CA SER A 20 -38.26 5.78 -8.34
C SER A 20 -38.56 7.11 -7.72
N GLN A 21 -38.78 8.13 -8.55
CA GLN A 21 -39.35 9.37 -8.04
C GLN A 21 -40.78 8.98 -7.60
N SER A 22 -41.14 9.30 -6.38
CA SER A 22 -42.36 8.77 -5.71
CA SER A 22 -42.37 8.81 -5.70
C SER A 22 -43.57 9.02 -6.61
N GLY A 23 -44.40 8.00 -6.78
CA GLY A 23 -45.67 8.09 -7.53
C GLY A 23 -45.50 8.28 -9.03
N THR A 24 -44.39 7.84 -9.64
CA THR A 24 -44.24 7.79 -11.13
C THR A 24 -44.34 6.33 -11.58
N GLU A 25 -44.25 5.40 -10.64
CA GLU A 25 -44.29 3.96 -10.94
C GLU A 25 -43.17 3.66 -11.95
N LYS A 26 -42.18 4.56 -12.12
CA LYS A 26 -40.96 4.27 -12.92
C LYS A 26 -39.79 3.90 -12.00
N TRP A 27 -39.32 2.67 -12.12
CA TRP A 27 -38.12 2.11 -11.43
C TRP A 27 -36.92 1.87 -12.37
N MET A 28 -35.72 2.21 -11.89
CA MET A 28 -34.42 2.04 -12.58
C MET A 28 -33.35 1.62 -11.57
N PRO A 29 -32.28 0.97 -12.08
CA PRO A 29 -31.18 0.52 -11.24
C PRO A 29 -30.55 1.67 -10.43
N ALA A 30 -30.26 1.34 -9.16
CA ALA A 30 -29.59 2.27 -8.22
C ALA A 30 -28.29 1.65 -7.71
N THR A 31 -27.43 2.51 -7.21
CA THR A 31 -26.18 2.12 -6.56
C THR A 31 -26.32 2.45 -5.07
N VAL A 32 -26.14 1.43 -4.25
CA VAL A 32 -26.26 1.47 -2.78
C VAL A 32 -25.03 0.80 -2.16
N PRO A 33 -24.38 1.45 -1.19
CA PRO A 33 -24.65 2.83 -0.82
C PRO A 33 -24.54 3.86 -1.94
N GLY A 34 -25.27 4.97 -1.78
CA GLY A 34 -25.33 6.04 -2.77
C GLY A 34 -26.28 7.16 -2.41
N THR A 35 -26.56 7.99 -3.42
CA THR A 35 -27.40 9.20 -3.33
C THR A 35 -28.39 9.20 -4.50
N VAL A 36 -29.47 9.92 -4.30
CA VAL A 36 -30.56 10.10 -5.30
C VAL A 36 -29.91 10.81 -6.48
N HIS A 37 -29.22 11.92 -6.22
CA HIS A 37 -28.47 12.68 -7.26
C HIS A 37 -27.60 11.74 -8.10
N GLN A 38 -26.76 10.89 -7.50
CA GLN A 38 -25.85 10.04 -8.30
C GLN A 38 -26.67 9.01 -9.12
N ASP A 39 -27.78 8.53 -8.56
CA ASP A 39 -28.66 7.56 -9.28
C ASP A 39 -29.26 8.26 -10.51
N LEU A 40 -29.64 9.52 -10.40
CA LEU A 40 -30.14 10.34 -11.52
C LEU A 40 -29.01 10.56 -12.56
N ILE A 41 -27.85 11.05 -12.10
CA ILE A 41 -26.69 11.33 -13.01
C ILE A 41 -26.43 10.08 -13.83
N SER A 42 -26.49 8.93 -13.19
CA SER A 42 -26.02 7.66 -13.78
C SER A 42 -27.01 7.18 -14.85
N HIS A 43 -28.20 7.78 -14.92
CA HIS A 43 -29.22 7.43 -15.95
C HIS A 43 -29.50 8.71 -16.74
N GLU A 44 -28.52 9.61 -16.72
CA GLU A 44 -28.50 10.82 -17.55
C GLU A 44 -29.79 11.60 -17.27
N LEU A 45 -30.29 11.53 -16.05
CA LEU A 45 -31.52 12.24 -15.61
C LEU A 45 -31.17 13.53 -14.91
N LEU A 46 -29.88 13.85 -14.79
CA LEU A 46 -29.37 15.14 -14.25
C LEU A 46 -28.13 15.47 -15.05
N PRO A 47 -27.83 16.74 -15.25
CA PRO A 47 -26.52 17.09 -15.83
C PRO A 47 -25.44 17.06 -14.74
N ASN A 48 -24.18 17.04 -15.13
CA ASN A 48 -23.06 17.08 -14.16
C ASN A 48 -23.28 18.29 -13.25
N PRO A 49 -23.60 18.09 -11.94
CA PRO A 49 -23.99 19.23 -11.10
C PRO A 49 -22.85 20.19 -10.85
N PHE A 50 -21.62 19.75 -11.08
CA PHE A 50 -20.39 20.56 -10.83
C PHE A 50 -20.04 21.42 -12.04
N TYR A 51 -20.63 21.10 -13.20
CA TYR A 51 -20.30 21.74 -14.52
C TYR A 51 -21.08 23.04 -14.66
N GLY A 52 -20.35 24.12 -14.81
CA GLY A 52 -20.86 25.41 -15.28
C GLY A 52 -21.90 25.96 -14.35
N MET A 53 -23.14 26.03 -14.85
CA MET A 53 -24.30 26.70 -14.23
C MET A 53 -25.34 25.65 -13.81
N ASN A 54 -25.03 24.36 -13.95
CA ASN A 54 -25.90 23.22 -13.56
C ASN A 54 -26.41 23.29 -12.11
N GLU A 55 -25.97 24.24 -11.29
CA GLU A 55 -26.37 24.21 -9.87
C GLU A 55 -27.87 24.44 -9.82
N LYS A 56 -28.33 25.51 -10.49
CA LYS A 56 -29.77 25.90 -10.55
C LYS A 56 -30.55 24.72 -11.11
N LYS A 57 -30.01 24.05 -12.10
CA LYS A 57 -30.72 22.99 -12.83
C LYS A 57 -30.89 21.72 -11.99
N ILE A 58 -30.28 21.59 -10.81
CA ILE A 58 -30.38 20.28 -10.10
C ILE A 58 -31.22 20.40 -8.81
N GLN A 59 -31.72 21.58 -8.51
CA GLN A 59 -32.39 21.86 -7.21
C GLN A 59 -33.74 21.14 -7.11
N TRP A 60 -34.41 20.95 -8.25
CA TRP A 60 -35.75 20.32 -8.26
C TRP A 60 -35.74 19.05 -7.40
N VAL A 61 -34.64 18.28 -7.36
CA VAL A 61 -34.62 16.92 -6.70
C VAL A 61 -35.03 17.05 -5.24
N GLU A 62 -34.63 18.14 -4.58
CA GLU A 62 -34.82 18.35 -3.12
C GLU A 62 -36.33 18.45 -2.81
N ASN A 63 -37.16 18.67 -3.82
CA ASN A 63 -38.61 18.87 -3.60
C ASN A 63 -39.38 17.57 -3.83
N GLU A 64 -38.74 16.55 -4.34
CA GLU A 64 -39.43 15.26 -4.58
C GLU A 64 -39.16 14.28 -3.43
N ASP A 65 -40.03 13.28 -3.31
CA ASP A 65 -39.78 12.10 -2.47
C ASP A 65 -39.21 11.01 -3.36
N TRP A 66 -38.43 10.12 -2.74
CA TRP A 66 -37.66 9.10 -3.52
C TRP A 66 -37.84 7.81 -2.79
N GLU A 67 -38.09 6.72 -3.51
N GLU A 67 -38.04 6.71 -3.53
CA GLU A 67 -38.25 5.38 -2.89
CA GLU A 67 -38.29 5.37 -2.96
C GLU A 67 -37.22 4.44 -3.50
C GLU A 67 -37.22 4.42 -3.53
N TYR A 68 -36.73 3.49 -2.69
CA TYR A 68 -35.71 2.49 -3.04
C TYR A 68 -36.29 1.13 -2.72
N ARG A 69 -35.83 0.13 -3.44
CA ARG A 69 -36.38 -1.21 -3.19
C ARG A 69 -35.28 -2.21 -3.54
N THR A 70 -35.36 -3.38 -2.92
CA THR A 70 -34.47 -4.50 -3.22
C THR A 70 -35.20 -5.74 -2.75
N SER A 71 -34.83 -6.89 -3.30
CA SER A 71 -35.35 -8.22 -2.92
C SER A 71 -34.18 -9.09 -2.52
N PHE A 72 -34.37 -10.00 -1.59
CA PHE A 72 -33.30 -10.97 -1.26
C PHE A 72 -33.97 -12.30 -0.92
N ILE A 73 -33.18 -13.36 -0.99
CA ILE A 73 -33.61 -14.74 -0.61
C ILE A 73 -33.04 -15.05 0.77
N VAL A 74 -33.83 -15.73 1.57
CA VAL A 74 -33.43 -16.28 2.88
C VAL A 74 -33.77 -17.75 2.80
N SER A 75 -32.81 -18.59 3.13
CA SER A 75 -32.94 -20.07 3.14
C SER A 75 -33.60 -20.48 4.45
N GLU A 76 -34.15 -21.69 4.47
CA GLU A 76 -34.68 -22.38 5.68
C GLU A 76 -33.56 -22.44 6.73
N GLU A 77 -32.30 -22.65 6.32
CA GLU A 77 -31.19 -22.81 7.31
C GLU A 77 -30.97 -21.46 8.01
N GLN A 78 -30.93 -20.38 7.24
CA GLN A 78 -30.77 -18.98 7.73
C GLN A 78 -31.92 -18.56 8.66
N LEU A 79 -33.15 -18.75 8.22
CA LEU A 79 -34.38 -18.50 9.02
C LEU A 79 -34.35 -19.31 10.31
N ASN A 80 -33.62 -20.42 10.37
CA ASN A 80 -33.42 -21.21 11.61
C ASN A 80 -32.26 -20.68 12.46
N ARG A 81 -31.63 -19.56 12.09
CA ARG A 81 -30.60 -18.99 13.02
C ARG A 81 -31.34 -18.39 14.24
N ASP A 82 -30.71 -18.35 15.40
CA ASP A 82 -31.41 -17.86 16.61
C ASP A 82 -31.82 -16.39 16.35
N GLY A 83 -31.01 -15.62 15.64
CA GLY A 83 -31.21 -14.17 15.55
C GLY A 83 -30.91 -13.70 14.15
N ILE A 84 -31.63 -12.69 13.68
CA ILE A 84 -31.28 -12.05 12.37
C ILE A 84 -31.49 -10.55 12.49
N GLN A 85 -30.42 -9.76 12.34
CA GLN A 85 -30.51 -8.27 12.44
C GLN A 85 -30.16 -7.66 11.10
N LEU A 86 -30.92 -6.62 10.82
CA LEU A 86 -30.75 -5.74 9.65
C LEU A 86 -30.15 -4.47 10.20
N ILE A 87 -29.02 -4.05 9.62
CA ILE A 87 -28.25 -2.87 10.11
C ILE A 87 -28.21 -1.85 9.00
N PHE A 88 -28.72 -0.64 9.28
CA PHE A 88 -28.51 0.55 8.43
C PHE A 88 -27.42 1.42 9.07
N GLU A 89 -26.25 1.55 8.45
CA GLU A 89 -25.19 2.42 9.00
C GLU A 89 -25.51 3.87 8.70
N GLY A 90 -26.46 4.11 7.81
CA GLY A 90 -26.82 5.51 7.55
C GLY A 90 -27.97 5.64 6.56
N LEU A 91 -28.96 6.47 6.92
CA LEU A 91 -30.13 6.82 6.11
C LEU A 91 -30.22 8.33 6.17
N ASP A 92 -30.18 8.97 5.02
CA ASP A 92 -30.33 10.44 4.83
C ASP A 92 -31.69 10.73 4.22
N THR A 93 -32.65 11.22 5.01
CA THR A 93 -32.66 11.33 6.46
C THR A 93 -34.01 10.85 6.97
N TYR A 94 -35.09 11.42 6.44
CA TYR A 94 -36.46 11.01 6.91
C TYR A 94 -36.90 9.77 6.14
N ALA A 95 -36.65 8.60 6.69
CA ALA A 95 -36.72 7.36 5.87
C ALA A 95 -37.61 6.31 6.52
N ASP A 96 -38.68 5.89 5.81
CA ASP A 96 -39.62 4.83 6.28
C ASP A 96 -39.15 3.49 5.73
N VAL A 97 -38.77 2.61 6.61
CA VAL A 97 -38.22 1.30 6.19
C VAL A 97 -39.32 0.26 6.30
N TYR A 98 -39.64 -0.43 5.20
CA TYR A 98 -40.66 -1.50 5.16
C TYR A 98 -39.99 -2.77 4.70
N LEU A 99 -40.19 -3.85 5.46
CA LEU A 99 -39.79 -5.21 5.08
C LEU A 99 -41.03 -6.09 5.20
N ASN A 100 -41.38 -6.83 4.16
CA ASN A 100 -42.42 -7.87 4.15
C ASN A 100 -43.71 -7.32 4.85
N GLY A 101 -44.14 -6.07 4.54
CA GLY A 101 -45.37 -5.45 5.08
C GLY A 101 -45.25 -4.79 6.45
N SER A 102 -44.08 -4.88 7.10
CA SER A 102 -43.81 -4.28 8.44
C SER A 102 -43.05 -2.97 8.29
N LEU A 103 -43.55 -1.90 8.95
CA LEU A 103 -42.80 -0.63 9.17
C LEU A 103 -41.81 -0.91 10.27
N LEU A 104 -40.53 -1.15 9.91
CA LEU A 104 -39.47 -1.47 10.91
C LEU A 104 -39.03 -0.18 11.59
N LEU A 105 -39.11 0.95 10.93
CA LEU A 105 -38.33 2.12 11.37
C LEU A 105 -38.78 3.34 10.60
N LYS A 106 -38.91 4.41 11.35
CA LYS A 106 -39.10 5.75 10.80
C LYS A 106 -37.84 6.52 11.17
N ALA A 107 -36.84 6.48 10.29
CA ALA A 107 -35.51 7.05 10.58
C ALA A 107 -35.65 8.55 10.57
N ASP A 108 -34.82 9.25 11.33
CA ASP A 108 -34.90 10.75 11.33
C ASP A 108 -33.56 11.40 11.67
N ASN A 109 -32.44 10.73 11.42
CA ASN A 109 -31.13 11.27 11.81
C ASN A 109 -30.07 10.63 10.95
N MET A 110 -29.53 11.43 10.04
CA MET A 110 -28.46 10.94 9.09
C MET A 110 -27.25 10.33 9.82
N PHE A 111 -27.00 10.82 11.03
CA PHE A 111 -25.76 10.56 11.79
C PHE A 111 -25.89 9.34 12.69
N VAL A 112 -26.98 8.58 12.60
CA VAL A 112 -27.22 7.46 13.51
C VAL A 112 -27.28 6.17 12.70
N GLY A 113 -26.65 5.14 13.21
CA GLY A 113 -26.79 3.78 12.67
C GLY A 113 -27.97 3.09 13.35
N TYR A 114 -28.77 2.32 12.64
CA TYR A 114 -29.95 1.66 13.27
C TYR A 114 -29.71 0.15 13.20
N THR A 115 -29.91 -0.56 14.31
CA THR A 115 -29.82 -2.04 14.32
C THR A 115 -31.20 -2.63 14.62
N LEU A 116 -31.76 -3.40 13.70
CA LEU A 116 -33.19 -3.79 13.73
C LEU A 116 -33.31 -5.31 13.81
N PRO A 117 -34.04 -5.86 14.81
CA PRO A 117 -34.33 -7.30 14.87
C PRO A 117 -35.39 -7.75 13.86
N VAL A 118 -35.07 -8.64 12.90
CA VAL A 118 -36.00 -8.92 11.75
C VAL A 118 -36.31 -10.43 11.60
N LYS A 119 -35.75 -11.32 12.36
CA LYS A 119 -36.04 -12.76 12.12
C LYS A 119 -37.56 -13.00 12.02
N SER A 120 -38.39 -12.37 12.88
CA SER A 120 -39.84 -12.71 12.96
C SER A 120 -40.54 -12.18 11.73
N VAL A 121 -39.97 -11.21 11.02
CA VAL A 121 -40.58 -10.62 9.79
C VAL A 121 -40.09 -11.29 8.51
N LEU A 122 -38.94 -11.94 8.52
CA LEU A 122 -38.34 -12.54 7.28
C LEU A 122 -39.12 -13.80 6.82
N ARG A 123 -39.06 -14.14 5.53
CA ARG A 123 -39.78 -15.31 4.98
C ARG A 123 -38.81 -16.18 4.18
N LYS A 124 -38.93 -17.51 4.31
CA LYS A 124 -38.24 -18.46 3.42
C LYS A 124 -38.53 -17.99 1.99
N GLY A 125 -37.52 -17.95 1.14
CA GLY A 125 -37.67 -17.47 -0.24
C GLY A 125 -37.46 -15.97 -0.35
N GLU A 126 -38.31 -15.29 -1.10
CA GLU A 126 -38.14 -13.87 -1.49
C GLU A 126 -38.53 -12.96 -0.32
N ASN A 127 -37.85 -11.83 -0.16
CA ASN A 127 -38.09 -10.87 0.93
C ASN A 127 -37.96 -9.54 0.27
N HIS A 128 -38.80 -8.57 0.60
CA HIS A 128 -38.92 -7.28 -0.10
C HIS A 128 -38.69 -6.13 0.89
N LEU A 129 -37.59 -5.42 0.71
CA LEU A 129 -37.28 -4.21 1.50
C LEU A 129 -37.60 -2.99 0.65
N TYR A 130 -38.42 -2.08 1.16
CA TYR A 130 -38.76 -0.79 0.52
C TYR A 130 -38.38 0.31 1.51
N ILE A 131 -37.77 1.37 1.02
CA ILE A 131 -37.44 2.56 1.83
C ILE A 131 -38.02 3.76 1.13
N TYR A 132 -38.78 4.54 1.89
CA TYR A 132 -39.39 5.80 1.41
C TYR A 132 -38.69 6.97 2.04
N PHE A 133 -38.08 7.85 1.22
CA PHE A 133 -37.32 9.06 1.64
C PHE A 133 -38.20 10.30 1.41
N HIS A 134 -38.75 10.84 2.50
CA HIS A 134 -39.45 12.15 2.48
C HIS A 134 -38.40 13.24 2.19
N SER A 135 -38.65 14.09 1.20
CA SER A 135 -37.96 15.36 0.99
C SER A 135 -37.75 16.03 2.34
N PRO A 136 -36.50 16.28 2.76
CA PRO A 136 -36.25 16.95 4.03
C PRO A 136 -36.68 18.39 3.93
N ILE A 137 -36.93 18.89 2.71
CA ILE A 137 -37.49 20.26 2.58
C ILE A 137 -38.99 20.22 2.90
N ARG A 138 -39.74 19.44 2.12
N ARG A 138 -39.75 19.45 2.11
CA ARG A 138 -41.21 19.33 2.30
CA ARG A 138 -41.23 19.30 2.29
C ARG A 138 -41.51 18.75 3.68
C ARG A 138 -41.50 18.78 3.70
N GLN A 139 -40.67 17.86 4.24
CA GLN A 139 -40.92 17.32 5.62
C GLN A 139 -40.91 18.46 6.65
N THR A 140 -40.15 19.54 6.42
CA THR A 140 -39.86 20.54 7.46
C THR A 140 -40.55 21.87 7.13
N LEU A 141 -41.13 22.08 5.96
CA LEU A 141 -41.98 23.30 5.77
C LEU A 141 -43.02 23.52 6.88
N PRO A 142 -43.84 22.53 7.28
CA PRO A 142 -44.83 22.79 8.34
C PRO A 142 -44.13 23.13 9.68
N GLN A 143 -42.97 22.51 9.92
CA GLN A 143 -42.19 22.72 11.18
C GLN A 143 -41.71 24.19 11.23
N TYR A 144 -41.20 24.64 10.10
CA TYR A 144 -40.75 26.04 9.90
C TYR A 144 -41.95 26.99 10.10
N ALA A 145 -43.06 26.69 9.43
CA ALA A 145 -44.27 27.56 9.51
C ALA A 145 -44.73 27.68 10.97
N SER A 146 -44.66 26.62 11.78
CA SER A 146 -45.04 26.66 13.22
C SER A 146 -44.06 27.47 14.06
N ASN A 147 -42.83 27.70 13.58
CA ASN A 147 -41.76 28.27 14.42
C ASN A 147 -41.95 29.77 14.60
N GLY A 148 -42.51 30.42 13.57
CA GLY A 148 -42.74 31.87 13.48
C GLY A 148 -41.48 32.75 13.52
N PHE A 149 -40.33 32.22 13.14
CA PHE A 149 -39.10 33.01 12.84
C PHE A 149 -38.15 32.10 12.04
N ASN A 150 -37.26 32.71 11.26
CA ASN A 150 -36.23 32.06 10.40
C ASN A 150 -34.93 32.10 11.23
N TYR A 151 -34.43 30.93 11.55
CA TYR A 151 -33.07 30.76 12.11
C TYR A 151 -32.09 31.41 11.15
N PRO A 152 -31.12 32.15 11.69
CA PRO A 152 -30.20 32.92 10.84
C PRO A 152 -29.03 32.08 10.28
N ALA A 153 -29.35 30.97 9.64
CA ALA A 153 -28.36 30.06 9.02
C ALA A 153 -28.04 30.55 7.59
N ASP A 154 -27.23 31.62 7.45
CA ASP A 154 -26.84 32.18 6.13
C ASP A 154 -26.20 31.12 5.23
N ASN A 155 -25.62 30.01 5.73
CA ASN A 155 -24.98 29.08 4.74
C ASN A 155 -25.99 28.13 4.13
N ASP A 156 -27.23 28.19 4.61
CA ASP A 156 -28.34 27.38 4.04
C ASP A 156 -28.88 28.20 2.86
N HIS A 157 -28.50 27.86 1.63
CA HIS A 157 -28.80 28.69 0.42
C HIS A 157 -30.26 28.51 -0.05
N HIS A 158 -31.17 29.16 0.68
CA HIS A 158 -32.64 29.08 0.53
C HIS A 158 -33.24 30.19 1.37
N GLU A 159 -34.40 30.75 1.01
CA GLU A 159 -34.96 31.89 1.81
C GLU A 159 -35.37 31.34 3.19
N LYS A 160 -35.88 30.10 3.22
CA LYS A 160 -36.33 29.43 4.47
C LYS A 160 -35.17 28.56 4.93
N HIS A 161 -34.70 28.79 6.15
CA HIS A 161 -33.53 28.05 6.70
C HIS A 161 -33.97 26.73 7.36
N LEU A 162 -34.22 25.73 6.54
CA LEU A 162 -34.82 24.46 7.00
C LEU A 162 -33.78 23.50 7.59
N SER A 163 -32.48 23.79 7.41
CA SER A 163 -31.39 22.87 7.80
C SER A 163 -31.48 22.68 9.30
N VAL A 164 -31.78 23.72 10.04
CA VAL A 164 -31.56 23.61 11.51
C VAL A 164 -32.58 22.64 12.14
N PHE A 165 -33.63 22.28 11.43
CA PHE A 165 -34.68 21.39 11.93
C PHE A 165 -34.23 19.96 11.72
N SER A 166 -33.28 19.69 10.80
CA SER A 166 -32.93 18.29 10.45
C SER A 166 -31.50 17.89 10.92
N ARG A 167 -31.40 16.70 11.51
CA ARG A 167 -30.09 16.09 11.84
C ARG A 167 -29.59 15.53 10.54
N LYS A 168 -29.06 16.45 9.73
CA LYS A 168 -28.55 16.18 8.39
C LYS A 168 -27.29 17.04 8.17
N ALA A 169 -26.31 16.55 7.40
CA ALA A 169 -25.04 17.24 7.08
C ALA A 169 -25.40 18.68 6.74
N PRO A 170 -25.04 19.63 7.58
CA PRO A 170 -25.36 21.03 7.33
C PRO A 170 -24.95 21.49 5.94
N TYR A 171 -23.77 21.07 5.51
CA TYR A 171 -23.14 21.60 4.28
C TYR A 171 -23.95 21.15 3.06
N SER A 172 -24.77 20.10 3.18
CA SER A 172 -25.68 19.61 2.10
C SER A 172 -26.60 20.73 1.56
N TYR A 173 -26.92 21.71 2.39
CA TYR A 173 -27.85 22.83 2.10
C TYR A 173 -27.07 23.98 1.48
N GLY A 174 -25.75 23.79 1.26
CA GLY A 174 -24.89 24.92 0.85
C GLY A 174 -23.91 25.37 1.92
N TRP A 175 -22.91 26.14 1.51
CA TRP A 175 -21.90 26.80 2.38
C TRP A 175 -21.07 27.75 1.53
N ASP A 176 -20.27 28.60 2.18
CA ASP A 176 -19.46 29.67 1.52
C ASP A 176 -18.26 29.07 0.70
N TRP A 177 -18.15 27.73 0.53
CA TRP A 177 -17.28 27.03 -0.46
C TRP A 177 -18.04 25.87 -1.09
N GLY A 178 -19.36 25.83 -0.90
CA GLY A 178 -20.14 24.61 -1.17
C GLY A 178 -21.29 24.80 -2.18
N ILE A 179 -21.55 23.74 -2.93
CA ILE A 179 -22.75 23.62 -3.79
C ILE A 179 -23.92 23.08 -2.97
N ARG A 180 -25.13 23.56 -3.25
CA ARG A 180 -26.36 23.04 -2.58
C ARG A 180 -26.77 21.74 -3.28
N MET A 181 -26.63 20.59 -2.61
CA MET A 181 -27.21 19.33 -3.11
C MET A 181 -27.84 18.59 -1.89
N VAL A 182 -29.06 18.97 -1.56
CA VAL A 182 -29.83 18.41 -0.42
C VAL A 182 -30.34 17.04 -0.84
N THR A 183 -29.50 16.04 -0.70
CA THR A 183 -29.68 14.69 -1.28
C THR A 183 -30.32 13.78 -0.25
N SER A 184 -30.54 12.54 -0.62
CA SER A 184 -31.19 11.51 0.21
C SER A 184 -30.62 10.17 -0.18
N GLY A 185 -30.74 9.19 0.70
CA GLY A 185 -30.53 7.79 0.29
C GLY A 185 -29.87 6.96 1.37
N VAL A 186 -29.53 5.74 1.00
CA VAL A 186 -28.83 4.80 1.88
C VAL A 186 -27.37 5.15 1.69
N TRP A 187 -26.85 6.05 2.56
CA TRP A 187 -25.55 6.72 2.39
C TRP A 187 -24.43 5.91 3.01
N ARG A 188 -24.72 4.87 3.79
CA ARG A 188 -23.74 3.92 4.32
C ARG A 188 -24.34 2.52 4.24
N PRO A 189 -23.50 1.48 4.39
CA PRO A 189 -23.95 0.12 4.09
C PRO A 189 -25.13 -0.50 4.86
N VAL A 190 -25.76 -1.47 4.21
CA VAL A 190 -26.87 -2.27 4.70
C VAL A 190 -26.37 -3.69 4.76
N THR A 191 -26.44 -4.28 5.94
N THR A 191 -26.49 -4.28 5.94
CA THR A 191 -25.99 -5.67 6.20
CA THR A 191 -26.02 -5.64 6.25
C THR A 191 -27.12 -6.37 6.95
C THR A 191 -27.12 -6.39 6.99
N LEU A 192 -27.28 -7.65 6.66
CA LEU A 192 -28.16 -8.55 7.38
C LEU A 192 -27.23 -9.54 8.04
N ARG A 193 -27.26 -9.66 9.36
CA ARG A 193 -26.44 -10.69 10.05
C ARG A 193 -27.32 -11.79 10.67
N PHE A 194 -26.99 -13.03 10.35
CA PHE A 194 -27.64 -14.26 10.79
C PHE A 194 -26.72 -14.87 11.83
N TYR A 195 -27.17 -14.96 13.08
CA TYR A 195 -26.26 -15.37 14.18
C TYR A 195 -26.92 -16.27 15.20
N ASP A 196 -26.08 -16.86 16.04
CA ASP A 196 -26.52 -17.70 17.18
C ASP A 196 -26.20 -16.99 18.51
N ILE A 197 -27.12 -17.17 19.47
CA ILE A 197 -27.05 -16.81 20.92
C ILE A 197 -27.09 -15.28 21.09
N ALA A 198 -26.06 -14.55 20.63
CA ALA A 198 -25.93 -13.10 20.89
C ALA A 198 -25.06 -12.42 19.84
N THR A 199 -25.14 -11.10 19.84
CA THR A 199 -24.15 -10.16 19.24
C THR A 199 -23.49 -9.32 20.31
N ILE A 200 -22.26 -8.87 20.05
CA ILE A 200 -21.60 -7.80 20.81
C ILE A 200 -22.13 -6.45 20.32
N SER A 201 -23.03 -5.76 21.02
CA SER A 201 -23.56 -4.47 20.53
CA SER A 201 -23.57 -4.46 20.58
C SER A 201 -22.48 -3.39 20.70
N ASP A 202 -21.53 -3.56 21.64
CA ASP A 202 -20.43 -2.56 21.86
C ASP A 202 -19.26 -3.23 22.58
N TYR A 203 -18.06 -2.83 22.22
CA TYR A 203 -16.78 -3.23 22.79
C TYR A 203 -16.04 -1.92 22.99
N TYR A 204 -15.83 -1.52 24.23
CA TYR A 204 -15.03 -0.37 24.66
C TYR A 204 -13.80 -0.82 25.44
N VAL A 205 -12.64 -0.50 24.93
CA VAL A 205 -11.34 -0.67 25.59
C VAL A 205 -11.05 0.61 26.33
N ARG A 206 -11.32 0.59 27.64
CA ARG A 206 -11.21 1.78 28.50
C ARG A 206 -9.85 1.74 29.15
N GLN A 207 -8.98 2.70 28.80
CA GLN A 207 -7.65 2.82 29.45
C GLN A 207 -7.81 3.33 30.89
N LEU A 208 -7.49 2.56 31.91
CA LEU A 208 -7.55 3.02 33.32
C LEU A 208 -6.29 3.80 33.69
N SER A 209 -5.13 3.41 33.19
CA SER A 209 -3.84 4.04 33.55
C SER A 209 -2.76 3.65 32.54
N LEU A 210 -1.77 4.54 32.40
CA LEU A 210 -0.64 4.25 31.51
C LEU A 210 0.60 4.85 32.09
N THR A 211 1.65 4.03 32.27
CA THR A 211 3.02 4.45 32.64
C THR A 211 3.94 3.74 31.66
N ASP A 212 5.24 3.98 31.75
CA ASP A 212 6.25 3.22 30.98
C ASP A 212 6.20 1.76 31.39
N GLU A 213 5.78 1.49 32.62
CA GLU A 213 5.93 0.11 33.15
C GLU A 213 4.65 -0.66 32.85
N ASN A 214 3.48 -0.03 32.84
CA ASN A 214 2.26 -0.87 32.69
C ASN A 214 1.12 -0.06 32.08
N ALA A 215 0.31 -0.69 31.25
CA ALA A 215 -0.99 -0.13 30.82
C ALA A 215 -2.10 -0.95 31.48
N ARG A 216 -3.04 -0.32 32.16
CA ARG A 216 -4.23 -1.02 32.73
C ARG A 216 -5.46 -0.70 31.90
N LEU A 217 -6.13 -1.72 31.42
CA LEU A 217 -7.33 -1.58 30.54
C LEU A 217 -8.52 -2.29 31.19
N SER A 218 -9.70 -1.75 30.96
CA SER A 218 -10.97 -2.42 31.29
C SER A 218 -11.69 -2.70 29.97
N ASN A 219 -11.86 -3.96 29.61
CA ASN A 219 -12.59 -4.36 28.42
C ASN A 219 -14.07 -4.39 28.79
N GLU A 220 -14.85 -3.50 28.22
CA GLU A 220 -16.30 -3.37 28.55
C GLU A 220 -17.13 -3.81 27.35
N LEU A 221 -17.91 -4.84 27.52
CA LEU A 221 -18.78 -5.45 26.50
C LEU A 221 -20.24 -5.34 26.90
N ILE A 222 -21.07 -4.99 25.95
CA ILE A 222 -22.54 -5.05 25.95
C ILE A 222 -22.89 -6.13 24.95
N VAL A 223 -23.53 -7.20 25.43
CA VAL A 223 -23.82 -8.42 24.64
C VAL A 223 -25.33 -8.55 24.65
N ASN A 224 -25.97 -8.68 23.49
CA ASN A 224 -27.43 -8.72 23.41
C ASN A 224 -27.81 -10.16 23.11
N GLN A 225 -28.36 -10.87 24.10
CA GLN A 225 -28.70 -12.28 23.88
C GLN A 225 -30.15 -12.38 23.40
N ILE A 226 -30.37 -13.06 22.28
CA ILE A 226 -31.67 -13.00 21.57
C ILE A 226 -32.47 -14.27 21.82
N VAL A 227 -31.96 -15.22 22.58
CA VAL A 227 -32.70 -16.49 22.83
C VAL A 227 -33.25 -16.43 24.25
N PRO A 228 -34.32 -17.19 24.59
CA PRO A 228 -34.99 -17.02 25.88
C PRO A 228 -34.41 -17.75 27.09
N GLN A 229 -33.41 -18.60 26.88
CA GLN A 229 -32.74 -19.46 27.86
C GLN A 229 -31.54 -18.75 28.41
N LYS A 230 -31.04 -19.21 29.56
CA LYS A 230 -29.75 -18.83 30.18
C LYS A 230 -28.63 -19.66 29.52
N ILE A 231 -27.56 -19.01 29.08
CA ILE A 231 -26.48 -19.58 28.23
C ILE A 231 -25.14 -19.35 28.92
N PRO A 232 -24.54 -20.44 29.45
CA PRO A 232 -23.17 -20.46 29.91
C PRO A 232 -22.30 -19.99 28.75
N ALA A 233 -21.33 -19.13 29.03
CA ALA A 233 -20.41 -18.69 27.99
C ALA A 233 -19.09 -18.38 28.64
N GLU A 234 -18.00 -18.34 27.86
CA GLU A 234 -16.75 -17.75 28.35
C GLU A 234 -16.46 -16.53 27.48
N VAL A 235 -16.17 -15.40 28.11
CA VAL A 235 -15.67 -14.20 27.42
C VAL A 235 -14.15 -14.24 27.43
N ARG A 236 -13.59 -13.95 26.27
CA ARG A 236 -12.12 -13.92 26.07
C ARG A 236 -11.76 -12.60 25.39
N VAL A 237 -10.68 -12.02 25.87
CA VAL A 237 -10.07 -10.86 25.20
C VAL A 237 -8.63 -11.26 24.93
N ASN A 238 -8.25 -11.24 23.66
CA ASN A 238 -6.84 -11.48 23.25
C ASN A 238 -6.23 -10.15 22.87
N VAL A 239 -5.08 -9.79 23.47
CA VAL A 239 -4.31 -8.57 23.11
C VAL A 239 -3.11 -9.06 22.31
N SER A 240 -2.96 -8.61 21.07
CA SER A 240 -1.89 -9.04 20.16
CA SER A 240 -1.93 -9.05 20.12
C SER A 240 -1.22 -7.83 19.53
N LEU A 241 -0.01 -8.06 19.08
CA LEU A 241 0.79 -7.05 18.41
C LEU A 241 1.41 -7.76 17.22
N ASN A 242 1.07 -7.30 16.01
CA ASN A 242 1.66 -7.82 14.76
C ASN A 242 1.50 -9.36 14.70
N GLY A 243 0.35 -9.91 15.11
CA GLY A 243 -0.04 -11.34 15.05
C GLY A 243 0.44 -12.15 16.25
N THR A 244 1.08 -11.52 17.23
CA THR A 244 1.67 -12.24 18.37
C THR A 244 0.96 -11.81 19.66
N THR A 245 0.42 -12.78 20.38
CA THR A 245 -0.34 -12.56 21.62
C THR A 245 0.58 -11.92 22.66
N VAL A 246 0.09 -10.92 23.33
CA VAL A 246 0.79 -10.16 24.40
C VAL A 246 0.12 -10.53 25.71
N THR A 247 -1.23 -10.59 25.77
CA THR A 247 -1.96 -11.10 26.95
C THR A 247 -3.36 -11.57 26.57
N GLU A 248 -3.84 -12.55 27.31
CA GLU A 248 -5.14 -13.22 27.12
C GLU A 248 -5.88 -13.24 28.47
N VAL A 249 -7.13 -12.79 28.52
CA VAL A 249 -7.95 -12.84 29.76
C VAL A 249 -9.29 -13.49 29.42
N LYS A 250 -9.89 -14.16 30.41
CA LYS A 250 -11.18 -14.81 30.16
C LYS A 250 -12.00 -14.77 31.43
N GLN A 251 -13.28 -15.04 31.28
CA GLN A 251 -14.27 -14.81 32.34
C GLN A 251 -15.47 -15.70 32.05
N GLN A 252 -15.84 -16.58 32.99
CA GLN A 252 -17.08 -17.39 32.88
C GLN A 252 -18.28 -16.49 33.17
N VAL A 253 -19.37 -16.69 32.43
CA VAL A 253 -20.63 -15.94 32.68
C VAL A 253 -21.74 -16.85 32.30
N THR A 254 -22.94 -16.50 32.73
CA THR A 254 -24.19 -17.06 32.22
C THR A 254 -24.96 -15.90 31.64
N LEU A 255 -25.07 -15.85 30.30
CA LEU A 255 -25.74 -14.72 29.65
C LEU A 255 -27.24 -14.92 29.89
N GLN A 256 -27.90 -13.81 30.17
CA GLN A 256 -29.36 -13.73 30.36
C GLN A 256 -29.94 -13.23 29.05
N PRO A 257 -31.21 -13.56 28.74
CA PRO A 257 -31.94 -12.87 27.68
C PRO A 257 -31.79 -11.36 27.79
N GLY A 258 -31.64 -10.69 26.65
CA GLY A 258 -31.45 -9.25 26.61
C GLY A 258 -30.02 -8.83 26.85
N ILE A 259 -29.88 -7.60 27.36
CA ILE A 259 -28.55 -6.95 27.50
C ILE A 259 -27.80 -7.59 28.65
N ASN A 260 -26.51 -7.85 28.44
CA ASN A 260 -25.53 -8.25 29.46
C ASN A 260 -24.39 -7.23 29.49
N HIS A 261 -23.90 -6.87 30.67
CA HIS A 261 -22.73 -5.99 30.77
C HIS A 261 -21.60 -6.86 31.23
N ILE A 262 -20.49 -6.87 30.53
CA ILE A 262 -19.34 -7.71 30.93
C ILE A 262 -18.13 -6.82 30.98
N THR A 263 -17.31 -6.95 32.03
CA THR A 263 -16.07 -6.19 32.25
C THR A 263 -14.94 -7.15 32.58
N LEU A 264 -13.87 -7.13 31.77
CA LEU A 264 -12.61 -7.91 31.96
C LEU A 264 -11.43 -6.95 32.00
N PRO A 265 -10.71 -6.91 33.13
CA PRO A 265 -9.42 -6.25 33.22
C PRO A 265 -8.34 -6.93 32.37
N ALA A 266 -7.44 -6.17 31.80
CA ALA A 266 -6.24 -6.72 31.13
C ALA A 266 -5.13 -5.74 31.36
N GLU A 267 -3.88 -6.20 31.37
CA GLU A 267 -2.73 -5.27 31.57
C GLU A 267 -1.73 -5.53 30.46
N VAL A 268 -1.05 -4.50 30.01
CA VAL A 268 0.14 -4.66 29.14
C VAL A 268 1.33 -4.09 29.87
N THR A 269 2.27 -4.96 30.25
CA THR A 269 3.53 -4.50 30.88
C THR A 269 4.45 -3.96 29.80
N ASN A 270 5.21 -2.93 30.13
CA ASN A 270 6.20 -2.31 29.22
C ASN A 270 5.52 -1.97 27.91
N PRO A 271 4.40 -1.23 27.95
CA PRO A 271 3.56 -0.98 26.77
C PRO A 271 4.32 -0.22 25.67
N VAL A 272 4.03 -0.52 24.39
CA VAL A 272 4.65 0.28 23.27
C VAL A 272 3.65 1.37 22.91
N ARG A 273 3.97 2.61 23.24
CA ARG A 273 3.01 3.74 23.13
C ARG A 273 2.73 4.17 21.69
N TRP A 274 1.52 4.68 21.46
CA TRP A 274 1.12 5.34 20.21
C TRP A 274 1.66 6.77 20.24
N MET A 275 2.51 7.11 19.28
CA MET A 275 3.10 8.45 19.12
CA MET A 275 2.97 8.51 19.22
C MET A 275 2.42 9.16 17.94
N PRO A 276 2.24 10.49 18.01
CA PRO A 276 1.78 11.26 16.88
C PRO A 276 2.86 11.51 15.84
N ASN A 277 2.39 11.80 14.61
CA ASN A 277 3.22 12.01 13.39
C ASN A 277 4.34 12.98 13.74
N GLY A 278 5.58 12.56 13.52
CA GLY A 278 6.72 13.39 13.93
C GLY A 278 7.46 12.87 15.15
N TRP A 279 6.83 12.14 16.06
CA TRP A 279 7.43 11.79 17.38
C TRP A 279 7.63 10.28 17.43
N GLY A 280 7.37 9.57 16.36
CA GLY A 280 7.67 8.13 16.36
C GLY A 280 6.60 7.29 15.69
N THR A 281 6.42 6.07 16.13
CA THR A 281 5.53 5.07 15.50
C THR A 281 4.13 5.19 16.07
N PRO A 282 3.11 5.20 15.22
CA PRO A 282 1.72 5.18 15.71
C PRO A 282 1.27 3.74 15.96
N THR A 283 1.89 3.10 16.96
CA THR A 283 1.73 1.65 17.28
C THR A 283 0.29 1.32 17.64
N LEU A 284 -0.24 0.23 17.06
CA LEU A 284 -1.62 -0.19 17.33
C LEU A 284 -1.64 -1.64 17.72
N TYR A 285 -2.11 -1.93 18.94
CA TYR A 285 -2.41 -3.30 19.44
C TYR A 285 -3.70 -3.77 18.76
N ASP A 286 -3.87 -5.08 18.62
CA ASP A 286 -5.18 -5.63 18.21
C ASP A 286 -5.91 -6.23 19.44
N PHE A 287 -6.99 -5.61 19.88
CA PHE A 287 -7.85 -6.13 20.98
C PHE A 287 -9.03 -6.89 20.34
N SER A 288 -9.16 -8.18 20.62
CA SER A 288 -10.21 -9.07 20.11
C SER A 288 -11.01 -9.62 21.27
N ALA A 289 -12.31 -9.36 21.31
CA ALA A 289 -13.28 -9.91 22.29
C ALA A 289 -14.12 -10.97 21.63
N GLN A 290 -14.09 -12.17 22.20
CA GLN A 290 -14.90 -13.33 21.73
C GLN A 290 -15.88 -13.76 22.85
N ILE A 291 -17.10 -14.13 22.47
CA ILE A 291 -18.11 -14.83 23.30
C ILE A 291 -18.12 -16.29 22.83
N ALA A 292 -17.65 -17.21 23.65
CA ALA A 292 -17.56 -18.66 23.35
C ALA A 292 -18.62 -19.41 24.15
N CYS A 293 -19.48 -20.13 23.42
CA CYS A 293 -20.54 -21.06 23.92
C CYS A 293 -20.21 -22.48 23.49
N GLY A 294 -19.64 -23.23 24.42
CA GLY A 294 -19.07 -24.56 24.19
C GLY A 294 -17.96 -24.46 23.17
N ASP A 295 -18.08 -25.18 22.07
CA ASP A 295 -17.01 -25.26 21.05
C ASP A 295 -16.98 -23.96 20.19
N ARG A 296 -18.13 -23.26 20.08
N ARG A 296 -18.13 -23.28 20.04
CA ARG A 296 -18.43 -22.25 19.03
CA ARG A 296 -18.35 -22.28 18.97
C ARG A 296 -18.19 -20.82 19.52
C ARG A 296 -18.18 -20.84 19.49
N ILE A 297 -17.54 -20.00 18.68
CA ILE A 297 -17.38 -18.54 18.91
C ILE A 297 -18.59 -17.91 18.26
N VAL A 298 -19.57 -17.54 19.09
CA VAL A 298 -20.88 -17.05 18.60
C VAL A 298 -20.76 -15.58 18.21
N ALA A 299 -19.85 -14.82 18.81
CA ALA A 299 -19.70 -13.37 18.54
C ALA A 299 -18.27 -13.00 18.76
N GLU A 300 -17.78 -12.12 17.90
CA GLU A 300 -16.42 -11.55 18.05
C GLU A 300 -16.46 -10.11 17.60
N GLN A 301 -15.71 -9.26 18.26
CA GLN A 301 -15.46 -7.88 17.83
C GLN A 301 -14.01 -7.49 18.21
N SER A 302 -13.31 -6.79 17.30
CA SER A 302 -11.93 -6.28 17.53
CA SER A 302 -11.92 -6.28 17.48
C SER A 302 -11.89 -4.76 17.34
N HIS A 303 -10.95 -4.15 18.02
CA HIS A 303 -10.51 -2.76 17.75
C HIS A 303 -8.98 -2.76 17.75
N ARG A 304 -8.44 -1.89 16.93
CA ARG A 304 -7.05 -1.49 17.00
C ARG A 304 -7.01 -0.42 18.09
N ILE A 305 -6.08 -0.57 19.00
CA ILE A 305 -5.98 0.32 20.19
C ILE A 305 -4.60 0.91 20.24
N GLY A 306 -4.53 2.22 20.43
CA GLY A 306 -3.23 2.86 20.69
C GLY A 306 -3.11 3.20 22.17
N LEU A 307 -1.98 2.90 22.78
CA LEU A 307 -1.80 3.12 24.22
C LEU A 307 -1.07 4.44 24.34
N ARG A 308 -1.78 5.48 24.77
CA ARG A 308 -1.19 6.83 24.87
C ARG A 308 -1.95 7.63 25.91
N THR A 309 -1.39 8.74 26.38
CA THR A 309 -2.26 9.70 27.08
C THR A 309 -2.41 10.91 26.17
N ILE A 310 -3.62 11.42 26.09
CA ILE A 310 -3.84 12.77 25.52
C ILE A 310 -4.54 13.58 26.61
N ARG A 311 -3.96 14.70 27.00
CA ARG A 311 -4.63 15.66 27.91
C ARG A 311 -4.72 17.02 27.20
N VAL A 312 -5.89 17.65 27.31
CA VAL A 312 -6.05 19.04 26.83
C VAL A 312 -5.83 19.92 28.03
N VAL A 313 -4.89 20.85 27.94
CA VAL A 313 -4.58 21.74 29.08
C VAL A 313 -5.18 23.10 28.75
N ASN A 314 -6.15 23.47 29.57
CA ASN A 314 -7.08 24.61 29.37
C ASN A 314 -7.22 25.25 30.74
N GLU A 315 -6.20 26.06 31.10
CA GLU A 315 -5.96 26.61 32.46
C GLU A 315 -5.63 28.11 32.42
N LYS A 316 -6.20 28.86 33.37
CA LYS A 316 -5.84 30.26 33.73
C LYS A 316 -4.33 30.31 33.89
N ASP A 317 -3.68 31.33 33.36
CA ASP A 317 -2.22 31.56 33.43
C ASP A 317 -2.01 33.04 33.21
N LYS A 318 -0.76 33.51 33.32
CA LYS A 318 -0.35 34.95 33.25
C LYS A 318 -0.90 35.60 31.98
N ASP A 319 -1.07 34.84 30.90
CA ASP A 319 -1.37 35.35 29.52
C ASP A 319 -2.88 35.33 29.23
N GLY A 320 -3.66 34.63 30.09
CA GLY A 320 -5.13 34.50 30.03
C GLY A 320 -5.52 33.04 30.29
N GLU A 321 -5.79 32.24 29.25
CA GLU A 321 -6.17 30.80 29.42
C GLU A 321 -5.49 30.00 28.32
N SER A 322 -4.68 29.03 28.70
CA SER A 322 -3.86 28.21 27.78
C SER A 322 -4.83 27.28 27.04
N PHE A 323 -4.41 26.78 25.90
CA PHE A 323 -5.21 25.74 25.20
C PHE A 323 -4.19 24.91 24.46
N TYR A 324 -3.77 23.78 25.00
CA TYR A 324 -2.83 22.94 24.22
C TYR A 324 -2.99 21.47 24.57
N PHE A 325 -2.39 20.66 23.74
CA PHE A 325 -2.44 19.21 23.82
C PHE A 325 -1.11 18.70 24.40
N GLU A 326 -1.21 17.91 25.46
CA GLU A 326 -0.08 17.14 26.01
CA GLU A 326 -0.08 17.14 26.01
C GLU A 326 -0.26 15.67 25.60
N VAL A 327 0.65 15.16 24.78
CA VAL A 327 0.61 13.75 24.31
C VAL A 327 1.70 12.95 25.00
N ASN A 328 1.34 11.85 25.63
CA ASN A 328 2.32 11.05 26.39
C ASN A 328 3.19 11.95 27.29
N GLY A 329 2.60 12.94 27.92
CA GLY A 329 3.29 13.77 28.93
C GLY A 329 4.02 14.98 28.36
N ILE A 330 3.96 15.19 27.06
CA ILE A 330 4.80 16.19 26.36
C ILE A 330 3.89 17.18 25.65
N PRO A 331 4.05 18.49 25.93
CA PRO A 331 3.32 19.49 25.16
C PRO A 331 3.64 19.26 23.69
N MET A 332 2.60 19.13 22.86
CA MET A 332 2.74 18.90 21.43
C MET A 332 2.15 20.08 20.71
N PHE A 333 2.98 20.81 19.98
CA PHE A 333 2.47 21.94 19.19
C PHE A 333 1.67 21.32 18.03
N ALA A 334 0.41 21.71 17.92
CA ALA A 334 -0.53 21.19 16.88
C ALA A 334 -0.19 21.87 15.59
N LYS A 335 -0.10 21.08 14.55
CA LYS A 335 0.13 21.47 13.13
C LYS A 335 -0.85 20.69 12.23
N GLY A 336 -1.84 21.35 11.67
CA GLY A 336 -2.77 20.66 10.77
C GLY A 336 -3.76 21.65 10.19
N ALA A 337 -4.95 21.15 9.91
CA ALA A 337 -5.95 21.86 9.11
C ALA A 337 -7.36 21.40 9.50
N ASN A 338 -8.32 22.23 9.14
CA ASN A 338 -9.78 21.96 9.24
C ASN A 338 -10.23 21.14 8.03
N TYR A 339 -10.90 20.03 8.30
CA TYR A 339 -11.32 19.10 7.25
C TYR A 339 -12.81 19.28 7.02
N ILE A 340 -13.22 19.30 5.74
CA ILE A 340 -14.66 19.34 5.35
C ILE A 340 -14.96 18.08 4.55
N PRO A 341 -16.25 17.76 4.27
CA PRO A 341 -16.60 16.61 3.44
C PRO A 341 -15.81 16.61 2.12
N GLN A 342 -15.39 15.44 1.66
CA GLN A 342 -14.59 15.36 0.42
C GLN A 342 -15.48 15.48 -0.81
N ASP A 343 -16.81 15.52 -0.69
CA ASP A 343 -17.71 15.51 -1.88
C ASP A 343 -19.10 15.98 -1.46
N ALA A 344 -19.81 16.51 -2.42
CA ALA A 344 -21.24 16.84 -2.29
C ALA A 344 -22.01 15.52 -2.10
N LEU A 345 -21.50 14.41 -2.62
CA LEU A 345 -22.21 13.13 -2.58
C LEU A 345 -21.30 12.17 -1.82
N LEU A 346 -21.56 11.98 -0.51
CA LEU A 346 -20.57 11.32 0.40
C LEU A 346 -20.25 9.89 -0.01
N PRO A 347 -21.20 9.07 -0.51
CA PRO A 347 -20.86 7.71 -0.87
C PRO A 347 -19.95 7.56 -2.10
N ASN A 348 -19.69 8.64 -2.83
CA ASN A 348 -18.76 8.63 -4.01
C ASN A 348 -17.30 8.73 -3.52
N VAL A 349 -17.10 9.09 -2.25
CA VAL A 349 -15.73 9.13 -1.65
C VAL A 349 -15.33 7.69 -1.32
N THR A 350 -14.35 7.22 -2.06
CA THR A 350 -13.82 5.83 -2.03
C THR A 350 -12.67 5.67 -1.00
N THR A 351 -12.30 4.43 -0.69
CA THR A 351 -11.08 4.11 0.09
C THR A 351 -9.84 4.83 -0.44
N GLU A 352 -9.62 4.87 -1.77
CA GLU A 352 -8.40 5.42 -2.38
C GLU A 352 -8.34 6.89 -2.03
N ARG A 353 -9.47 7.57 -2.19
CA ARG A 353 -9.58 9.02 -1.95
C ARG A 353 -9.32 9.30 -0.46
N TYR A 354 -9.89 8.49 0.46
CA TYR A 354 -9.58 8.69 1.90
C TYR A 354 -8.07 8.50 2.13
N GLN A 355 -7.48 7.42 1.64
CA GLN A 355 -6.04 7.14 1.77
C GLN A 355 -5.16 8.27 1.21
N THR A 356 -5.44 8.77 0.02
CA THR A 356 -4.70 9.89 -0.59
C THR A 356 -4.73 11.12 0.31
N LEU A 357 -5.90 11.46 0.83
CA LEU A 357 -5.96 12.68 1.68
C LEU A 357 -5.11 12.51 2.94
N PHE A 358 -5.07 11.31 3.52
CA PHE A 358 -4.24 11.15 4.75
C PHE A 358 -2.75 11.14 4.33
N ARG A 359 -2.41 10.54 3.20
CA ARG A 359 -1.05 10.70 2.59
C ARG A 359 -0.71 12.20 2.49
N ASP A 360 -1.64 13.04 2.05
CA ASP A 360 -1.43 14.51 1.92
C ASP A 360 -1.17 15.13 3.27
N MET A 361 -1.87 14.70 4.32
CA MET A 361 -1.69 15.32 5.63
C MET A 361 -0.33 14.88 6.20
N LYS A 362 -0.06 13.59 6.11
CA LYS A 362 1.15 13.02 6.74
C LYS A 362 2.38 13.62 6.04
N GLU A 363 2.31 13.82 4.74
CA GLU A 363 3.48 14.29 3.97
C GLU A 363 3.67 15.77 4.24
N ALA A 364 2.63 16.48 4.66
CA ALA A 364 2.81 17.91 4.98
C ALA A 364 3.16 18.03 6.45
N ASN A 365 3.55 16.94 7.13
CA ASN A 365 4.08 17.04 8.51
C ASN A 365 2.99 17.39 9.50
N MET A 366 1.72 17.12 9.22
CA MET A 366 0.67 17.50 10.19
C MET A 366 0.54 16.45 11.29
N ASN A 367 0.03 16.87 12.42
CA ASN A 367 -0.19 15.96 13.55
C ASN A 367 -1.61 16.13 14.04
N MET A 368 -2.41 16.96 13.38
CA MET A 368 -3.80 17.15 13.87
C MET A 368 -4.75 17.49 12.71
N VAL A 369 -6.00 17.04 12.81
CA VAL A 369 -7.05 17.46 11.86
C VAL A 369 -8.31 17.70 12.67
N ARG A 370 -8.99 18.80 12.34
CA ARG A 370 -10.29 19.15 12.99
C ARG A 370 -11.42 18.76 12.03
N ILE A 371 -12.28 17.81 12.43
CA ILE A 371 -13.51 17.47 11.65
C ILE A 371 -14.57 18.51 11.99
N TRP A 372 -14.65 19.55 11.14
CA TRP A 372 -15.51 20.74 11.40
C TRP A 372 -17.00 20.36 11.38
N GLY A 373 -17.79 21.05 12.18
CA GLY A 373 -19.14 20.61 12.55
C GLY A 373 -20.23 20.89 11.51
N GLY A 374 -19.92 21.27 10.26
CA GLY A 374 -20.94 21.40 9.20
C GLY A 374 -20.87 20.30 8.17
N GLY A 375 -20.10 19.27 8.50
CA GLY A 375 -19.91 18.05 7.68
C GLY A 375 -20.64 16.84 8.25
N THR A 376 -19.95 15.73 8.36
CA THR A 376 -20.45 14.53 9.04
C THR A 376 -19.52 14.05 10.14
N TYR A 377 -20.00 13.14 11.00
CA TYR A 377 -19.10 12.30 11.85
C TYR A 377 -18.54 11.31 10.83
N GLU A 378 -17.24 11.33 10.58
CA GLU A 378 -16.65 10.63 9.42
C GLU A 378 -16.82 9.12 9.61
N ASN A 379 -16.62 8.42 8.52
CA ASN A 379 -16.75 6.97 8.53
C ASN A 379 -15.62 6.38 9.35
N ASN A 380 -15.74 5.11 9.65
CA ASN A 380 -14.75 4.37 10.43
C ASN A 380 -13.37 4.42 9.72
N LEU A 381 -13.32 4.37 8.39
CA LEU A 381 -12.02 4.36 7.62
C LEU A 381 -11.21 5.63 7.92
N PHE A 382 -11.86 6.76 7.97
CA PHE A 382 -11.20 8.04 8.29
C PHE A 382 -10.43 7.90 9.61
N TYR A 383 -11.11 7.57 10.70
CA TYR A 383 -10.51 7.43 12.05
C TYR A 383 -9.43 6.34 12.01
N ASP A 384 -9.64 5.24 11.30
CA ASP A 384 -8.61 4.16 11.20
C ASP A 384 -7.32 4.71 10.57
N LEU A 385 -7.44 5.62 9.59
CA LEU A 385 -6.32 6.16 8.85
C LEU A 385 -5.70 7.21 9.75
N ALA A 386 -6.50 7.98 10.46
CA ALA A 386 -5.88 8.94 11.41
C ALA A 386 -5.03 8.16 12.46
N ASP A 387 -5.59 7.07 13.00
CA ASP A 387 -4.88 6.15 13.93
C ASP A 387 -3.52 5.74 13.32
N GLU A 388 -3.49 5.15 12.11
CA GLU A 388 -2.27 4.53 11.54
C GLU A 388 -1.33 5.60 10.96
N ASN A 389 -1.73 6.88 10.86
CA ASN A 389 -0.85 7.97 10.38
C ASN A 389 -0.42 8.88 11.55
N GLY A 390 -0.86 8.62 12.75
CA GLY A 390 -0.48 9.47 13.89
C GLY A 390 -1.04 10.86 13.81
N ILE A 391 -2.31 11.06 13.39
CA ILE A 391 -2.93 12.41 13.32
C ILE A 391 -3.95 12.47 14.45
N LEU A 392 -3.78 13.39 15.39
CA LEU A 392 -4.85 13.66 16.39
C LEU A 392 -6.10 14.20 15.69
N VAL A 393 -7.26 13.79 16.18
CA VAL A 393 -8.57 14.19 15.62
C VAL A 393 -9.33 15.02 16.66
N TRP A 394 -9.60 16.27 16.26
CA TRP A 394 -10.49 17.21 16.99
C TRP A 394 -11.88 17.04 16.38
N GLN A 395 -12.83 16.49 17.13
CA GLN A 395 -14.15 16.17 16.57
C GLN A 395 -15.18 17.20 17.05
N ASP A 396 -15.67 18.05 16.14
CA ASP A 396 -16.90 18.88 16.36
C ASP A 396 -18.09 17.92 16.34
N PHE A 397 -19.07 18.16 17.18
CA PHE A 397 -20.44 17.70 16.94
C PHE A 397 -20.96 18.51 15.75
N MET A 398 -21.98 17.98 15.07
CA MET A 398 -22.38 18.46 13.72
C MET A 398 -23.35 19.63 13.88
N PHE A 399 -22.83 20.70 14.48
CA PHE A 399 -23.58 21.97 14.63
C PHE A 399 -22.65 23.10 14.22
N ALA A 400 -23.07 24.03 13.35
CA ALA A 400 -22.17 25.11 12.85
C ALA A 400 -22.92 26.35 12.45
N CYS A 401 -22.53 27.46 13.05
CA CYS A 401 -22.71 28.85 12.52
C CYS A 401 -24.13 29.42 12.67
N THR A 402 -25.05 28.69 13.27
CA THR A 402 -26.43 29.17 13.57
C THR A 402 -26.81 28.66 14.95
N PRO A 403 -27.63 29.40 15.73
CA PRO A 403 -28.35 28.73 16.82
C PRO A 403 -29.21 27.62 16.21
N TYR A 404 -29.41 26.56 17.00
CA TYR A 404 -30.28 25.41 16.68
C TYR A 404 -31.46 25.39 17.65
N PRO A 405 -32.50 24.62 17.31
CA PRO A 405 -33.58 24.37 18.26
C PRO A 405 -33.08 23.66 19.52
N SER A 406 -33.86 23.74 20.57
CA SER A 406 -33.55 23.09 21.86
C SER A 406 -34.80 22.46 22.49
N ASP A 407 -35.78 22.08 21.69
CA ASP A 407 -37.06 21.48 22.22
C ASP A 407 -36.82 20.05 22.68
N PRO A 408 -37.62 19.52 23.61
CA PRO A 408 -37.37 18.14 24.05
C PRO A 408 -37.16 17.16 22.89
N THR A 409 -38.06 17.13 21.90
CA THR A 409 -37.94 16.15 20.78
C THR A 409 -36.59 16.30 20.08
N PHE A 410 -36.20 17.55 19.81
CA PHE A 410 -34.93 17.83 19.11
C PHE A 410 -33.80 17.32 19.99
N LEU A 411 -33.85 17.53 21.31
CA LEU A 411 -32.69 17.16 22.16
C LEU A 411 -32.63 15.64 22.17
N LYS A 412 -33.77 14.95 22.05
CA LYS A 412 -33.78 13.48 22.21
C LYS A 412 -33.06 12.95 21.00
N ARG A 413 -33.36 13.46 19.81
CA ARG A 413 -32.69 13.10 18.55
C ARG A 413 -31.17 13.33 18.58
N VAL A 414 -30.74 14.49 19.07
CA VAL A 414 -29.31 14.78 19.24
C VAL A 414 -28.70 13.83 20.25
N GLU A 415 -29.33 13.55 21.41
CA GLU A 415 -28.77 12.61 22.41
C GLU A 415 -28.47 11.31 21.67
N ALA A 416 -29.39 10.83 20.85
CA ALA A 416 -29.22 9.56 20.13
C ALA A 416 -27.96 9.66 19.23
N GLU A 417 -27.78 10.70 18.40
CA GLU A 417 -26.56 10.81 17.56
C GLU A 417 -25.31 10.92 18.45
N ALA A 418 -25.37 11.64 19.59
CA ALA A 418 -24.18 11.81 20.44
C ALA A 418 -23.80 10.45 21.02
N VAL A 419 -24.76 9.69 21.52
CA VAL A 419 -24.42 8.37 22.12
C VAL A 419 -23.89 7.45 21.03
N TYR A 420 -24.52 7.39 19.87
CA TYR A 420 -24.09 6.52 18.77
C TYR A 420 -22.62 6.81 18.38
N ASN A 421 -22.33 8.05 18.00
CA ASN A 421 -21.02 8.41 17.44
C ASN A 421 -19.95 8.38 18.55
N ILE A 422 -20.27 8.81 19.77
CA ILE A 422 -19.27 8.73 20.87
C ILE A 422 -18.91 7.23 21.01
N ARG A 423 -19.87 6.33 21.04
CA ARG A 423 -19.52 4.89 21.20
C ARG A 423 -18.80 4.38 19.95
N ARG A 424 -19.14 4.95 18.81
CA ARG A 424 -18.58 4.47 17.53
C ARG A 424 -17.10 4.89 17.51
N LEU A 425 -16.77 6.05 18.05
CA LEU A 425 -15.41 6.65 17.84
C LEU A 425 -14.45 6.50 19.03
N ARG A 426 -14.93 6.09 20.21
CA ARG A 426 -14.18 6.30 21.49
C ARG A 426 -13.01 5.30 21.66
N ASN A 427 -12.88 4.34 20.77
CA ASN A 427 -11.78 3.35 20.74
C ASN A 427 -10.61 3.81 19.86
N HIS A 428 -10.71 4.94 19.18
CA HIS A 428 -9.63 5.38 18.28
C HIS A 428 -8.54 6.15 19.05
N ALA A 429 -7.30 5.70 18.89
CA ALA A 429 -6.08 6.34 19.40
C ALA A 429 -6.10 7.81 18.97
N SER A 430 -6.59 8.07 17.76
CA SER A 430 -6.45 9.38 17.09
C SER A 430 -7.38 10.36 17.80
N LEU A 431 -8.51 9.88 18.35
CA LEU A 431 -9.54 10.82 18.87
C LEU A 431 -8.97 11.54 20.10
N ALA A 432 -8.91 12.87 20.01
CA ALA A 432 -8.25 13.74 20.99
C ALA A 432 -9.22 14.59 21.79
N MET A 433 -10.38 14.99 21.23
CA MET A 433 -11.35 15.88 21.90
C MET A 433 -12.63 16.09 21.07
N TRP A 434 -13.68 16.47 21.79
CA TRP A 434 -15.04 16.79 21.34
C TRP A 434 -15.23 18.30 21.42
N CYS A 435 -15.92 18.88 20.46
CA CYS A 435 -16.24 20.33 20.52
C CYS A 435 -17.73 20.51 20.18
N GLY A 436 -18.46 21.27 20.98
CA GLY A 436 -19.95 21.32 20.88
C GLY A 436 -20.44 21.79 19.51
N ASN A 437 -19.77 22.81 18.95
CA ASN A 437 -20.13 23.41 17.64
C ASN A 437 -19.02 24.34 17.13
N ASN A 438 -19.15 24.72 15.86
CA ASN A 438 -18.36 25.75 15.17
C ASN A 438 -19.09 27.10 15.27
N GLU A 439 -18.59 28.00 16.09
CA GLU A 439 -18.84 29.47 16.08
C GLU A 439 -20.28 29.82 16.41
N ILE A 440 -21.05 28.95 17.07
CA ILE A 440 -22.46 29.29 17.44
C ILE A 440 -22.47 30.43 18.51
N LEU A 441 -21.73 30.36 19.58
CA LEU A 441 -21.84 31.44 20.59
C LEU A 441 -21.30 32.74 19.98
N GLU A 442 -20.17 32.69 19.26
CA GLU A 442 -19.66 33.87 18.53
C GLU A 442 -20.83 34.48 17.74
N ALA A 443 -21.46 33.71 16.87
CA ALA A 443 -22.62 34.13 16.04
C ALA A 443 -23.77 34.71 16.88
N LEU A 444 -24.09 34.10 18.00
CA LEU A 444 -25.19 34.62 18.84
C LEU A 444 -24.84 36.01 19.37
N LYS A 445 -23.61 36.20 19.84
CA LYS A 445 -23.16 37.43 20.53
C LYS A 445 -22.71 38.54 19.57
N TYR A 446 -22.13 38.20 18.41
CA TYR A 446 -21.23 39.12 17.65
C TYR A 446 -21.70 39.29 16.20
N TRP A 447 -22.23 38.26 15.53
CA TRP A 447 -22.62 38.44 14.11
C TRP A 447 -23.86 39.30 14.07
N GLY A 448 -24.06 39.99 15.20
CA GLY A 448 -25.37 40.42 15.73
C GLY A 448 -26.20 39.18 15.94
N PHE A 449 -27.27 39.06 15.12
CA PHE A 449 -28.44 38.17 15.26
C PHE A 449 -29.41 38.81 16.27
N GLU A 450 -28.91 39.47 17.33
CA GLU A 450 -29.74 40.14 18.39
C GLU A 450 -30.73 41.10 17.73
N LYS A 451 -30.27 41.88 16.74
CA LYS A 451 -31.05 42.93 16.03
C LYS A 451 -32.13 42.27 15.16
N LYS A 452 -32.06 40.94 14.88
CA LYS A 452 -32.91 40.28 13.84
C LYS A 452 -34.19 39.70 14.47
N PHE A 453 -34.26 39.63 15.80
CA PHE A 453 -35.22 38.80 16.56
C PHE A 453 -35.75 39.60 17.74
N THR A 454 -36.99 39.35 18.17
CA THR A 454 -37.51 40.01 19.39
C THR A 454 -36.57 39.61 20.52
N PRO A 455 -36.52 40.40 21.60
CA PRO A 455 -35.80 39.98 22.79
C PRO A 455 -36.31 38.63 23.29
N GLU A 456 -37.58 38.32 23.04
CA GLU A 456 -38.18 37.10 23.62
C GLU A 456 -37.46 35.92 22.97
N VAL A 457 -37.48 35.89 21.65
CA VAL A 457 -36.86 34.85 20.79
C VAL A 457 -35.36 34.81 21.08
N TYR A 458 -34.68 35.98 21.14
CA TYR A 458 -33.23 36.02 21.45
C TYR A 458 -32.98 35.23 22.75
N GLN A 459 -33.79 35.48 23.78
CA GLN A 459 -33.54 34.93 25.14
C GLN A 459 -33.80 33.41 25.01
N GLY A 460 -34.73 33.03 24.13
CA GLY A 460 -35.07 31.61 23.86
C GLY A 460 -33.87 30.92 23.21
N LEU A 461 -33.25 31.58 22.24
CA LEU A 461 -32.01 31.10 21.58
C LEU A 461 -30.87 30.95 22.60
N MET A 462 -30.69 31.92 23.50
CA MET A 462 -29.57 31.93 24.47
C MET A 462 -29.77 30.78 25.46
N HIS A 463 -30.95 30.60 26.06
N HIS A 463 -30.96 30.61 26.04
CA HIS A 463 -31.20 29.44 26.97
CA HIS A 463 -31.25 29.49 26.95
C HIS A 463 -31.11 28.14 26.15
C HIS A 463 -31.13 28.16 26.16
N GLY A 464 -31.49 28.16 24.86
CA GLY A 464 -31.46 26.98 23.97
C GLY A 464 -30.04 26.53 23.70
N TYR A 465 -29.14 27.50 23.64
CA TYR A 465 -27.70 27.27 23.49
C TYR A 465 -27.22 26.44 24.69
N ASP A 466 -27.52 26.91 25.89
CA ASP A 466 -27.03 26.26 27.14
C ASP A 466 -27.56 24.82 27.21
N LYS A 467 -28.86 24.61 26.94
CA LYS A 467 -29.49 23.26 27.03
C LYS A 467 -28.69 22.25 26.17
N LEU A 468 -28.25 22.65 24.98
CA LEU A 468 -27.60 21.73 24.04
C LEU A 468 -26.09 21.66 24.34
N PHE A 469 -25.40 22.78 24.36
CA PHE A 469 -23.92 22.83 24.34
C PHE A 469 -23.28 22.95 25.71
N ARG A 470 -24.02 23.33 26.75
CA ARG A 470 -23.44 23.41 28.10
C ARG A 470 -24.12 22.42 29.03
N GLU A 471 -25.08 21.63 28.55
CA GLU A 471 -25.71 20.58 29.41
C GLU A 471 -25.72 19.24 28.66
N LEU A 472 -26.51 19.09 27.61
CA LEU A 472 -26.75 17.75 27.02
C LEU A 472 -25.42 17.17 26.50
N LEU A 473 -24.71 17.89 25.66
CA LEU A 473 -23.49 17.33 25.01
C LEU A 473 -22.36 17.10 26.02
N PRO A 474 -21.98 18.08 26.89
CA PRO A 474 -21.00 17.81 27.94
C PRO A 474 -21.36 16.63 28.85
N SER A 475 -22.60 16.53 29.31
CA SER A 475 -23.04 15.42 30.21
CA SER A 475 -22.95 15.42 30.24
C SER A 475 -22.89 14.07 29.47
N THR A 476 -23.14 14.05 28.18
CA THR A 476 -23.10 12.82 27.34
C THR A 476 -21.62 12.39 27.17
N VAL A 477 -20.73 13.34 26.94
CA VAL A 477 -19.30 13.04 26.83
C VAL A 477 -18.87 12.46 28.18
N LYS A 478 -19.31 13.09 29.27
CA LYS A 478 -18.85 12.70 30.64
C LYS A 478 -19.25 11.24 30.91
N GLU A 479 -20.42 10.84 30.44
CA GLU A 479 -21.01 9.51 30.63
C GLU A 479 -20.28 8.48 29.74
N PHE A 480 -19.99 8.77 28.47
CA PHE A 480 -19.60 7.72 27.48
C PHE A 480 -18.12 7.85 27.09
N ASP A 481 -17.49 8.96 27.40
CA ASP A 481 -16.07 9.20 27.01
C ASP A 481 -15.42 10.09 28.06
N SER A 482 -15.32 9.61 29.29
CA SER A 482 -15.10 10.41 30.53
C SER A 482 -13.71 10.99 30.59
N ASP A 483 -12.75 10.44 29.89
CA ASP A 483 -11.37 10.98 29.96
C ASP A 483 -11.06 11.79 28.71
N ARG A 484 -12.05 12.10 27.88
CA ARG A 484 -11.78 13.00 26.71
C ARG A 484 -12.28 14.40 27.04
N PHE A 485 -11.55 15.42 26.58
CA PHE A 485 -11.92 16.85 26.76
C PHE A 485 -13.14 17.19 25.88
N TYR A 486 -14.04 18.02 26.40
CA TYR A 486 -15.16 18.65 25.71
C TYR A 486 -15.05 20.15 25.93
N VAL A 487 -15.31 20.91 24.86
CA VAL A 487 -15.47 22.38 24.97
C VAL A 487 -16.73 22.68 24.18
N HIS A 488 -17.51 23.65 24.63
CA HIS A 488 -18.88 23.92 24.13
C HIS A 488 -18.84 24.50 22.71
N SER A 489 -17.77 25.22 22.35
CA SER A 489 -17.69 25.92 21.04
C SER A 489 -16.22 26.24 20.70
N SER A 490 -15.90 26.28 19.42
CA SER A 490 -14.66 26.88 18.88
C SER A 490 -15.05 28.11 18.06
N PRO A 491 -14.59 29.29 18.37
CA PRO A 491 -13.67 29.54 19.47
C PRO A 491 -14.49 29.60 20.74
N TYR A 492 -13.96 29.28 21.92
CA TYR A 492 -14.84 29.31 23.10
C TYR A 492 -15.03 30.71 23.67
N LEU A 493 -14.11 31.65 23.55
CA LEU A 493 -14.37 33.06 24.03
C LEU A 493 -13.66 34.07 23.11
N ALA A 494 -12.41 33.79 22.72
CA ALA A 494 -11.60 34.71 21.90
C ALA A 494 -12.47 35.18 20.73
N ASN A 495 -12.54 36.49 20.57
CA ASN A 495 -13.18 37.12 19.40
C ASN A 495 -12.12 37.90 18.60
N TRP A 496 -12.06 37.66 17.30
CA TRP A 496 -11.05 38.31 16.41
C TRP A 496 -11.08 39.83 16.58
N GLY A 497 -12.28 40.42 16.76
CA GLY A 497 -12.44 41.87 16.97
C GLY A 497 -11.98 42.37 18.34
N ARG A 498 -11.67 41.51 19.31
CA ARG A 498 -11.48 41.91 20.73
C ARG A 498 -10.09 41.48 21.20
N PRO A 499 -9.03 42.30 20.94
CA PRO A 499 -7.65 41.86 21.17
C PRO A 499 -7.43 41.44 22.62
N GLU A 500 -8.13 42.04 23.57
CA GLU A 500 -8.13 41.67 25.03
C GLU A 500 -8.51 40.18 25.25
N SER A 501 -9.29 39.56 24.35
CA SER A 501 -9.79 38.16 24.47
C SER A 501 -8.78 37.16 23.86
N TRP A 502 -7.76 37.62 23.11
CA TRP A 502 -6.86 36.72 22.33
C TRP A 502 -6.04 35.78 23.22
N GLY A 503 -5.79 36.17 24.48
CA GLY A 503 -5.03 35.39 25.47
C GLY A 503 -5.88 34.29 26.07
N THR A 504 -7.09 34.11 25.58
CA THR A 504 -8.10 33.27 26.28
C THR A 504 -8.60 32.23 25.29
N GLY A 505 -7.98 31.04 25.32
CA GLY A 505 -8.47 29.91 24.56
C GLY A 505 -8.04 29.98 23.11
N ASP A 506 -8.75 29.24 22.26
CA ASP A 506 -8.52 29.15 20.81
C ASP A 506 -9.10 30.39 20.13
N SER A 507 -8.57 30.72 18.96
CA SER A 507 -9.03 31.88 18.17
C SER A 507 -9.42 31.38 16.78
N HIS A 508 -10.46 31.99 16.22
CA HIS A 508 -10.67 31.98 14.75
C HIS A 508 -10.29 33.35 14.22
N ASN A 509 -9.14 33.50 13.58
CA ASN A 509 -8.81 34.86 13.13
C ASN A 509 -9.62 35.12 11.86
N TRP A 510 -10.43 36.15 11.84
CA TRP A 510 -11.09 36.64 10.61
C TRP A 510 -10.48 38.00 10.21
N GLY A 511 -9.45 38.50 10.91
CA GLY A 511 -8.74 39.72 10.49
C GLY A 511 -8.19 39.57 9.08
N VAL A 512 -7.45 38.49 8.85
CA VAL A 512 -6.95 38.14 7.51
C VAL A 512 -8.15 37.55 6.78
N TRP A 513 -8.35 37.96 5.54
CA TRP A 513 -9.52 37.71 4.68
C TRP A 513 -10.65 38.70 5.04
N TYR A 514 -11.57 38.39 5.95
CA TYR A 514 -12.81 39.18 6.19
C TYR A 514 -12.37 40.59 6.61
N GLY A 515 -11.47 40.74 7.56
CA GLY A 515 -11.09 42.08 8.06
C GLY A 515 -10.09 42.78 7.14
N LYS A 516 -9.66 42.16 6.03
CA LYS A 516 -8.70 42.73 5.02
C LYS A 516 -7.30 43.00 5.59
N LYS A 517 -6.95 42.53 6.78
CA LYS A 517 -5.64 42.80 7.36
C LYS A 517 -4.56 42.07 6.54
N PRO A 518 -3.36 42.66 6.44
CA PRO A 518 -2.27 42.05 5.72
C PRO A 518 -1.78 40.77 6.45
N PHE A 519 -1.18 39.86 5.70
CA PHE A 519 -0.61 38.65 6.29
C PHE A 519 0.29 39.05 7.45
N GLU A 520 0.89 40.22 7.38
CA GLU A 520 1.90 40.65 8.37
C GLU A 520 1.25 40.82 9.75
N SER A 521 -0.06 41.05 9.81
CA SER A 521 -0.81 41.16 11.08
C SER A 521 -0.65 39.85 11.85
N LEU A 522 -0.48 38.69 11.20
CA LEU A 522 -0.43 37.41 11.96
C LEU A 522 0.88 37.32 12.76
N ASP A 523 1.84 38.24 12.57
CA ASP A 523 3.11 38.25 13.33
C ASP A 523 2.86 38.91 14.69
N THR A 524 1.88 39.80 14.80
CA THR A 524 1.62 40.56 16.04
C THR A 524 0.30 40.10 16.66
N ASP A 525 -0.68 39.63 15.86
CA ASP A 525 -2.03 39.27 16.37
C ASP A 525 -2.06 37.79 16.80
N LEU A 526 -1.56 37.49 18.00
CA LEU A 526 -1.20 36.11 18.37
C LEU A 526 -2.28 35.48 19.23
N PRO A 527 -2.73 34.26 18.86
CA PRO A 527 -3.64 33.49 19.68
C PRO A 527 -2.88 32.47 20.55
N ARG A 528 -3.57 31.93 21.53
CA ARG A 528 -3.04 30.83 22.38
C ARG A 528 -3.01 29.55 21.55
N PHE A 529 -3.95 29.47 20.60
CA PHE A 529 -4.16 28.33 19.68
C PHE A 529 -5.01 28.84 18.51
N MET A 530 -4.52 28.75 17.28
CA MET A 530 -5.28 29.11 16.06
C MET A 530 -6.03 27.88 15.57
N SER A 531 -7.33 27.85 15.83
CA SER A 531 -8.23 26.77 15.38
C SER A 531 -8.76 27.08 13.99
N GLU A 532 -8.75 28.36 13.59
CA GLU A 532 -9.21 28.69 12.23
C GLU A 532 -8.56 29.99 11.77
N PHE A 533 -7.89 29.96 10.61
CA PHE A 533 -7.53 31.20 9.85
C PHE A 533 -7.35 30.80 8.40
N GLY A 534 -7.47 31.67 7.40
CA GLY A 534 -7.40 31.14 6.04
C GLY A 534 -7.38 32.21 4.97
N PHE A 535 -7.19 31.80 3.71
CA PHE A 535 -7.15 32.68 2.53
C PHE A 535 -7.59 31.89 1.31
N GLN A 536 -8.40 32.52 0.45
CA GLN A 536 -8.89 31.80 -0.76
C GLN A 536 -7.84 31.75 -1.86
N SER A 537 -8.03 30.80 -2.74
CA SER A 537 -7.37 30.81 -4.06
C SER A 537 -8.27 30.13 -5.08
N PHE A 538 -8.29 30.67 -6.31
CA PHE A 538 -8.76 29.89 -7.46
C PHE A 538 -7.85 28.68 -7.58
N PRO A 539 -8.42 27.51 -7.90
CA PRO A 539 -7.63 26.34 -8.16
C PRO A 539 -6.97 26.45 -9.56
N GLU A 540 -6.03 25.58 -9.85
CA GLU A 540 -5.25 25.70 -11.11
C GLU A 540 -6.09 25.37 -12.33
N MET A 541 -5.57 25.72 -13.52
CA MET A 541 -6.41 25.81 -14.75
C MET A 541 -7.06 24.46 -15.08
N LYS A 542 -6.38 23.33 -14.85
CA LYS A 542 -6.93 22.00 -15.24
C LYS A 542 -8.22 21.77 -14.40
N THR A 543 -8.32 22.43 -13.26
CA THR A 543 -9.48 22.26 -12.35
C THR A 543 -10.59 23.23 -12.78
N ILE A 544 -10.23 24.46 -13.20
CA ILE A 544 -11.19 25.39 -13.85
C ILE A 544 -11.76 24.75 -15.14
N ALA A 545 -10.91 24.11 -15.92
CA ALA A 545 -11.40 23.47 -17.19
C ALA A 545 -12.45 22.43 -16.86
N ALA A 546 -12.47 21.89 -15.63
CA ALA A 546 -13.37 20.75 -15.33
C ALA A 546 -14.81 21.29 -15.16
N PHE A 547 -14.98 22.58 -14.88
CA PHE A 547 -16.30 23.20 -14.60
C PHE A 547 -16.62 24.37 -15.56
N ALA A 548 -15.65 24.79 -16.38
CA ALA A 548 -15.73 26.04 -17.19
C ALA A 548 -15.11 25.79 -18.58
N ALA A 549 -15.81 26.32 -19.58
CA ALA A 549 -15.37 26.37 -20.98
C ALA A 549 -14.45 27.60 -21.10
N PRO A 550 -13.49 27.52 -22.06
CA PRO A 550 -12.48 28.54 -22.24
C PRO A 550 -13.10 29.94 -22.31
N GLU A 551 -14.27 29.99 -22.94
CA GLU A 551 -15.12 31.22 -23.10
C GLU A 551 -15.30 31.91 -21.75
N ASP A 552 -15.34 31.19 -20.61
N ASP A 552 -15.51 31.07 -20.72
CA ASP A 552 -15.87 31.78 -19.33
CA ASP A 552 -15.91 31.46 -19.35
C ASP A 552 -14.79 32.39 -18.41
C ASP A 552 -14.65 31.66 -18.48
N TYR A 553 -13.49 32.35 -18.77
N TYR A 553 -13.43 31.37 -18.99
CA TYR A 553 -12.32 32.49 -17.83
CA TYR A 553 -12.17 31.59 -18.21
C TYR A 553 -12.03 33.93 -17.38
C TYR A 553 -11.99 33.08 -17.94
N GLN A 554 -12.74 34.47 -16.37
N GLN A 554 -12.90 33.72 -17.18
CA GLN A 554 -12.70 35.92 -15.99
CA GLN A 554 -12.72 35.09 -16.62
C GLN A 554 -12.82 36.16 -14.47
C GLN A 554 -13.15 35.05 -15.14
N ILE A 555 -12.12 37.17 -13.91
N ILE A 555 -12.57 35.94 -14.32
CA ILE A 555 -11.87 37.30 -12.43
CA ILE A 555 -12.83 36.05 -12.85
C ILE A 555 -13.20 37.56 -11.70
C ILE A 555 -14.34 36.08 -12.67
N GLU A 556 -14.13 38.37 -12.22
N GLU A 556 -15.02 36.80 -13.54
CA GLU A 556 -15.49 38.49 -11.61
CA GLU A 556 -16.46 37.07 -13.32
C GLU A 556 -16.55 38.13 -12.66
C GLU A 556 -17.31 36.59 -14.49
N SER A 557 -16.31 37.10 -13.47
N SER A 557 -16.97 35.50 -15.18
CA SER A 557 -17.25 36.60 -14.51
CA SER A 557 -17.95 34.84 -16.08
C SER A 557 -18.53 36.06 -13.84
C SER A 557 -19.10 34.29 -15.22
N GLU A 558 -19.46 35.53 -14.64
N GLU A 558 -20.24 33.96 -15.83
CA GLU A 558 -20.69 34.87 -14.20
CA GLU A 558 -21.45 33.47 -15.11
C GLU A 558 -20.34 33.58 -13.43
C GLU A 558 -21.09 32.10 -14.51
N VAL A 559 -19.59 32.65 -14.03
N VAL A 559 -20.23 31.38 -15.22
CA VAL A 559 -19.31 31.32 -13.42
CA VAL A 559 -19.80 30.01 -14.78
C VAL A 559 -18.24 31.44 -12.33
C VAL A 559 -18.88 30.13 -13.55
N MET A 560 -17.43 32.51 -12.37
N MET A 560 -17.95 31.08 -13.56
CA MET A 560 -16.31 32.75 -11.40
CA MET A 560 -16.98 31.26 -12.45
C MET A 560 -16.83 33.58 -10.23
C MET A 560 -17.74 31.76 -11.20
N ASN A 561 -18.13 33.77 -10.17
N ASN A 561 -18.80 32.54 -11.39
CA ASN A 561 -18.81 34.41 -9.02
CA ASN A 561 -19.61 33.04 -10.25
C ASN A 561 -19.79 33.38 -8.48
C ASN A 561 -20.31 31.87 -9.58
N ALA A 562 -20.20 32.45 -9.38
N ALA A 562 -20.66 30.84 -10.37
CA ALA A 562 -21.04 31.26 -9.15
CA ALA A 562 -21.36 29.60 -9.96
C ALA A 562 -20.23 30.21 -8.41
C ALA A 562 -20.42 28.74 -9.12
N HIS A 563 -18.90 30.29 -8.51
N HIS A 563 -19.11 28.93 -9.30
CA HIS A 563 -17.91 29.30 -8.02
CA HIS A 563 -18.05 28.17 -8.57
C HIS A 563 -17.15 29.92 -6.85
C HIS A 563 -17.22 29.10 -7.70
N GLN A 564 -17.79 30.94 -6.27
N GLN A 564 -17.82 30.23 -7.28
CA GLN A 564 -17.36 31.70 -5.08
CA GLN A 564 -17.28 31.16 -6.22
C GLN A 564 -18.61 31.98 -4.24
C GLN A 564 -18.41 31.40 -5.22
N LYS A 565 -18.63 31.66 -2.95
N LYS A 565 -18.33 30.84 -4.01
CA LYS A 565 -19.90 31.65 -2.19
CA LYS A 565 -19.50 30.89 -3.10
C LYS A 565 -19.67 32.52 -0.95
C LYS A 565 -19.30 31.98 -2.03
N SER A 566 -18.48 33.10 -0.88
N SER A 566 -18.18 32.66 -2.06
CA SER A 566 -18.09 33.93 0.27
CA SER A 566 -17.93 33.89 -1.25
C SER A 566 -18.68 35.34 0.12
C SER A 566 -18.23 35.12 -2.14
N SER A 567 -18.81 36.05 1.24
N SER A 567 -19.14 36.02 -1.75
CA SER A 567 -19.52 37.34 1.44
CA SER A 567 -19.61 37.19 -2.56
C SER A 567 -18.65 38.52 0.97
C SER A 567 -18.53 38.28 -2.62
N ILE A 568 -17.53 38.26 0.30
N ILE A 568 -17.52 38.24 -1.74
CA ILE A 568 -16.57 39.25 -0.28
CA ILE A 568 -16.46 39.29 -1.68
C ILE A 568 -15.43 38.46 -0.92
C ILE A 568 -15.13 38.66 -2.10
N GLY A 569 -15.54 38.13 -2.20
N GLY A 569 -15.15 37.39 -2.46
CA GLY A 569 -14.72 37.03 -2.75
CA GLY A 569 -13.87 36.65 -2.55
C GLY A 569 -13.65 37.52 -3.69
C GLY A 569 -13.02 37.09 -3.73
N ASN A 570 -13.88 37.33 -5.00
N ASN A 570 -13.64 37.20 -4.91
CA ASN A 570 -12.87 37.55 -6.06
CA ASN A 570 -12.89 37.59 -6.14
C ASN A 570 -12.19 38.88 -5.84
C ASN A 570 -12.18 38.89 -5.87
N SER A 571 -12.91 39.85 -5.30
CA SER A 571 -12.42 41.21 -5.02
C SER A 571 -11.30 41.15 -3.96
N LEU A 572 -11.49 40.51 -2.81
CA LEU A 572 -10.42 40.33 -1.80
C LEU A 572 -9.16 39.74 -2.47
N ILE A 573 -9.28 38.79 -3.39
CA ILE A 573 -8.06 38.15 -3.94
C ILE A 573 -7.28 39.27 -4.68
N ARG A 574 -7.88 40.01 -5.62
CA ARG A 574 -7.19 41.13 -6.34
C ARG A 574 -6.57 42.13 -5.31
N THR A 575 -7.33 42.60 -4.31
CA THR A 575 -6.89 43.63 -3.31
C THR A 575 -5.62 43.14 -2.62
N TYR A 576 -5.61 41.89 -2.14
CA TYR A 576 -4.44 41.29 -1.49
C TYR A 576 -3.30 41.10 -2.49
N MET A 577 -3.59 40.67 -3.72
CA MET A 577 -2.51 40.35 -4.70
C MET A 577 -1.75 41.64 -5.00
N GLU A 578 -2.46 42.77 -5.11
CA GLU A 578 -1.84 44.06 -5.57
C GLU A 578 -0.84 44.54 -4.52
N ARG A 579 -1.03 44.16 -3.26
CA ARG A 579 -0.15 44.59 -2.16
C ARG A 579 1.24 43.96 -2.32
N ASP A 580 1.38 42.82 -3.01
CA ASP A 580 2.63 42.03 -2.89
C ASP A 580 3.13 41.58 -4.25
N TYR A 581 2.33 41.67 -5.28
CA TYR A 581 2.58 41.14 -6.63
C TYR A 581 2.04 42.14 -7.64
N ILE A 582 2.62 42.14 -8.82
CA ILE A 582 2.03 42.84 -9.96
C ILE A 582 0.90 41.97 -10.46
N ILE A 583 -0.27 42.57 -10.63
CA ILE A 583 -1.48 41.83 -11.09
C ILE A 583 -1.32 41.56 -12.58
N PRO A 584 -1.26 40.28 -13.04
CA PRO A 584 -1.14 39.98 -14.46
C PRO A 584 -2.46 40.31 -15.19
N GLU A 585 -2.33 40.64 -16.47
CA GLU A 585 -3.42 40.84 -17.45
C GLU A 585 -4.20 39.58 -17.77
N SER A 586 -3.53 38.44 -18.00
CA SER A 586 -4.18 37.14 -18.35
C SER A 586 -4.80 36.44 -17.12
N PHE A 587 -5.96 35.81 -17.30
CA PHE A 587 -6.71 35.06 -16.27
C PHE A 587 -5.79 33.92 -15.82
N GLU A 588 -5.26 33.17 -16.79
CA GLU A 588 -4.33 32.06 -16.47
C GLU A 588 -3.23 32.58 -15.54
N ASP A 589 -2.62 33.70 -15.86
CA ASP A 589 -1.44 34.13 -15.08
C ASP A 589 -1.94 34.62 -13.71
N PHE A 590 -3.11 35.22 -13.63
CA PHE A 590 -3.66 35.69 -12.34
C PHE A 590 -3.90 34.47 -11.44
N VAL A 591 -4.41 33.41 -12.07
CA VAL A 591 -4.73 32.14 -11.36
C VAL A 591 -3.42 31.69 -10.73
N TYR A 592 -2.32 31.69 -11.50
CA TYR A 592 -1.00 31.19 -11.04
C TYR A 592 -0.49 32.06 -9.90
N VAL A 593 -0.46 33.37 -10.06
CA VAL A 593 0.01 34.25 -8.94
C VAL A 593 -0.93 34.05 -7.74
N GLY A 594 -2.23 33.84 -7.96
CA GLY A 594 -3.15 33.65 -6.82
C GLY A 594 -2.79 32.42 -5.99
N LEU A 595 -2.29 31.36 -6.66
CA LEU A 595 -1.84 30.18 -5.90
C LEU A 595 -0.60 30.59 -5.11
N VAL A 596 0.31 31.32 -5.74
CA VAL A 596 1.55 31.75 -5.08
C VAL A 596 1.19 32.62 -3.88
N LEU A 597 0.29 33.58 -4.05
CA LEU A 597 -0.14 34.53 -2.99
C LEU A 597 -0.66 33.78 -1.72
N GLN A 598 -1.63 32.89 -1.91
CA GLN A 598 -2.30 32.17 -0.81
C GLN A 598 -1.19 31.39 -0.06
N GLY A 599 -0.29 30.76 -0.83
CA GLY A 599 0.87 29.98 -0.36
C GLY A 599 1.73 30.81 0.56
N GLN A 600 2.12 32.00 0.11
CA GLN A 600 3.17 32.76 0.80
C GLN A 600 2.57 33.36 2.04
N GLY A 601 1.38 33.93 1.89
CA GLY A 601 0.68 34.63 2.97
C GLY A 601 0.34 33.68 4.11
N MET A 602 -0.23 32.51 3.80
CA MET A 602 -0.59 31.58 4.89
C MET A 602 0.67 31.01 5.52
N ARG A 603 1.69 30.67 4.72
CA ARG A 603 2.94 30.11 5.29
C ARG A 603 3.43 31.12 6.30
N HIS A 604 3.33 32.41 5.99
CA HIS A 604 3.82 33.46 6.93
C HIS A 604 3.09 33.33 8.26
N GLY A 605 1.78 33.12 8.24
CA GLY A 605 1.04 32.97 9.50
C GLY A 605 1.41 31.68 10.20
N LEU A 606 1.48 30.58 9.47
CA LEU A 606 1.81 29.25 10.08
C LEU A 606 3.16 29.36 10.79
N GLU A 607 4.09 30.10 10.20
CA GLU A 607 5.44 30.35 10.80
C GLU A 607 5.31 31.24 12.03
N ALA A 608 4.52 32.31 11.98
CA ALA A 608 4.32 33.17 13.15
C ALA A 608 3.83 32.32 14.33
N HIS A 609 2.98 31.30 14.05
CA HIS A 609 2.32 30.58 15.16
C HIS A 609 3.39 29.72 15.82
N ARG A 610 4.11 28.94 15.03
CA ARG A 610 5.20 28.07 15.59
C ARG A 610 6.27 28.93 16.28
N ARG A 611 6.52 30.12 15.73
CA ARG A 611 7.64 30.98 16.25
C ARG A 611 7.25 31.47 17.63
N ASN A 612 5.95 31.62 17.93
CA ASN A 612 5.49 32.27 19.18
C ASN A 612 5.06 31.23 20.23
N ARG A 613 5.47 29.99 20.06
CA ARG A 613 5.40 28.98 21.13
C ARG A 613 6.36 29.46 22.20
N PRO A 614 6.09 29.27 23.50
CA PRO A 614 4.88 28.60 24.00
C PRO A 614 3.55 29.38 24.13
N TYR A 615 3.53 30.70 23.90
CA TYR A 615 2.33 31.53 24.00
C TYR A 615 1.26 30.90 23.12
N CYS A 616 1.63 30.66 21.87
CA CYS A 616 0.76 29.98 20.87
C CYS A 616 1.15 28.50 20.84
N MET A 617 0.20 27.58 20.94
CA MET A 617 0.48 26.11 20.99
C MET A 617 -0.20 25.35 19.84
N GLY A 618 -0.63 26.03 18.79
CA GLY A 618 -1.11 25.27 17.62
C GLY A 618 -1.71 26.13 16.54
N THR A 619 -1.79 25.58 15.34
CA THR A 619 -2.37 26.25 14.18
C THR A 619 -2.99 25.17 13.29
N LEU A 620 -4.30 25.31 13.07
CA LEU A 620 -5.10 24.49 12.14
C LEU A 620 -5.65 25.47 11.10
N TYR A 621 -5.12 25.46 9.88
CA TYR A 621 -5.61 26.43 8.86
C TYR A 621 -6.96 26.00 8.31
N TRP A 622 -7.67 27.01 7.82
CA TRP A 622 -8.95 26.83 7.12
C TRP A 622 -8.57 26.99 5.65
N GLN A 623 -8.58 25.96 4.79
CA GLN A 623 -9.12 24.62 5.02
C GLN A 623 -8.26 23.62 4.25
N LEU A 624 -8.31 22.33 4.60
CA LEU A 624 -7.46 21.36 3.92
C LEU A 624 -8.00 21.15 2.48
N ASN A 625 -9.30 21.01 2.32
CA ASN A 625 -9.81 20.22 1.18
C ASN A 625 -11.11 20.81 0.63
N ASP A 626 -11.53 20.24 -0.48
CA ASP A 626 -12.76 20.75 -1.16
C ASP A 626 -13.74 19.63 -1.42
N SER A 627 -15.01 20.01 -1.51
CA SER A 627 -16.17 19.11 -1.75
C SER A 627 -16.53 19.06 -3.23
N TRP A 628 -16.03 20.02 -4.02
CA TRP A 628 -16.35 20.12 -5.48
C TRP A 628 -15.41 21.14 -6.13
N PRO A 629 -15.42 21.26 -7.47
CA PRO A 629 -14.65 22.29 -8.14
C PRO A 629 -15.14 23.67 -7.75
N VAL A 630 -14.27 24.41 -7.13
CA VAL A 630 -14.69 25.72 -6.55
C VAL A 630 -13.48 26.54 -6.17
N VAL A 631 -13.67 27.85 -6.09
CA VAL A 631 -12.77 28.81 -5.45
C VAL A 631 -12.95 28.71 -3.93
N SER A 632 -11.90 28.37 -3.17
CA SER A 632 -11.98 28.16 -1.69
C SER A 632 -10.65 28.46 -1.02
N TRP A 633 -10.71 28.35 0.30
CA TRP A 633 -9.56 28.50 1.20
C TRP A 633 -8.76 27.20 1.23
N SER A 634 -9.04 26.19 0.38
CA SER A 634 -8.34 24.88 0.43
C SER A 634 -6.84 25.00 0.06
N SER A 635 -6.08 23.97 0.45
CA SER A 635 -4.65 23.73 0.12
C SER A 635 -4.61 22.60 -0.89
N ILE A 636 -5.69 21.81 -0.98
CA ILE A 636 -5.82 20.68 -1.95
C ILE A 636 -7.15 20.82 -2.70
N ASP A 637 -7.14 20.83 -4.04
CA ASP A 637 -8.43 21.11 -4.72
C ASP A 637 -9.20 19.82 -4.81
N TYR A 638 -10.39 19.91 -5.38
CA TYR A 638 -11.36 18.81 -5.38
C TYR A 638 -10.74 17.60 -6.07
N TYR A 639 -9.83 17.75 -7.03
CA TYR A 639 -9.25 16.61 -7.82
C TYR A 639 -7.97 16.09 -7.18
N GLY A 640 -7.63 16.60 -6.01
CA GLY A 640 -6.44 16.14 -5.26
C GLY A 640 -5.16 16.89 -5.66
N ASN A 641 -5.26 17.95 -6.47
CA ASN A 641 -4.06 18.70 -6.86
C ASN A 641 -3.62 19.55 -5.65
N TRP A 642 -2.33 19.44 -5.26
CA TRP A 642 -1.74 20.36 -4.26
C TRP A 642 -1.63 21.73 -4.89
N LYS A 643 -2.25 22.71 -4.26
CA LYS A 643 -1.96 24.13 -4.46
C LYS A 643 -0.60 24.44 -3.85
N ALA A 644 -0.10 25.66 -4.08
CA ALA A 644 1.17 26.19 -3.49
C ALA A 644 1.03 26.11 -1.98
N LEU A 645 -0.17 26.38 -1.45
CA LEU A 645 -0.35 26.37 0.02
C LEU A 645 -0.02 24.97 0.57
N HIS A 646 -0.26 23.87 -0.16
CA HIS A 646 0.01 22.57 0.49
C HIS A 646 1.51 22.40 0.62
N TYR A 647 2.26 22.65 -0.45
CA TYR A 647 3.74 22.58 -0.42
C TYR A 647 4.20 23.47 0.70
N GLN A 648 3.63 24.69 0.80
CA GLN A 648 4.12 25.70 1.78
C GLN A 648 3.83 25.24 3.22
N ALA A 649 2.68 24.61 3.47
CA ALA A 649 2.31 24.14 4.82
C ALA A 649 3.33 23.06 5.20
N LYS A 650 3.61 22.18 4.27
CA LYS A 650 4.61 21.11 4.51
C LYS A 650 5.91 21.76 5.03
N ARG A 651 6.45 22.71 4.25
CA ARG A 651 7.68 23.49 4.57
C ARG A 651 7.51 24.16 5.92
N ALA A 652 6.38 24.74 6.24
CA ALA A 652 6.24 25.58 7.47
C ALA A 652 6.08 24.68 8.68
N PHE A 653 5.71 23.42 8.46
CA PHE A 653 5.44 22.45 9.56
C PHE A 653 6.64 21.52 9.72
N ALA A 654 7.66 21.64 8.86
CA ALA A 654 8.82 20.73 8.95
C ALA A 654 9.30 20.67 10.41
N PRO A 655 9.65 19.44 10.87
CA PRO A 655 10.09 19.24 12.27
C PRO A 655 11.13 20.25 12.75
N VAL A 656 12.17 20.53 11.95
CA VAL A 656 13.07 21.70 12.18
C VAL A 656 12.95 22.68 11.01
N LEU A 657 12.84 23.94 11.39
CA LEU A 657 12.53 25.06 10.50
C LEU A 657 13.50 26.17 10.87
N ILE A 658 14.13 26.73 9.83
CA ILE A 658 14.83 28.04 9.94
C ILE A 658 13.83 29.09 9.48
N ASN A 659 13.55 30.00 10.40
CA ASN A 659 12.53 31.05 10.22
C ASN A 659 13.20 32.41 10.35
N PRO A 660 13.60 32.98 9.21
CA PRO A 660 14.05 34.37 9.16
C PRO A 660 12.83 35.29 9.08
N ILE A 661 12.67 36.21 10.02
CA ILE A 661 11.53 37.18 10.06
C ILE A 661 12.10 38.60 10.07
N GLN A 662 11.74 39.39 9.06
CA GLN A 662 12.22 40.79 8.89
C GLN A 662 11.06 41.72 9.23
N GLN A 663 11.20 42.51 10.26
CA GLN A 663 10.27 43.59 10.62
C GLN A 663 11.16 44.79 10.93
N ASN A 664 10.70 46.02 10.60
CA ASN A 664 11.27 47.33 11.06
C ASN A 664 12.73 47.43 10.63
N ASP A 665 13.01 47.17 9.35
CA ASP A 665 14.35 47.24 8.75
C ASP A 665 15.35 46.43 9.59
N SER A 666 14.90 45.37 10.25
CA SER A 666 15.79 44.40 10.97
C SER A 666 15.40 42.96 10.63
N LEU A 667 16.39 42.06 10.61
CA LEU A 667 16.19 40.61 10.43
C LEU A 667 16.42 39.94 11.77
N SER A 668 15.55 38.99 12.14
CA SER A 668 15.80 38.00 13.23
C SER A 668 15.73 36.62 12.62
N VAL A 669 16.50 35.67 13.13
CA VAL A 669 16.44 34.27 12.62
C VAL A 669 16.16 33.40 13.81
N TYR A 670 15.04 32.64 13.76
CA TYR A 670 14.69 31.67 14.82
C TYR A 670 14.98 30.26 14.33
N LEU A 671 15.29 29.40 15.27
CA LEU A 671 15.36 27.96 15.01
C LEU A 671 14.19 27.37 15.81
N ILE A 672 13.36 26.65 15.07
CA ILE A 672 12.11 26.02 15.59
C ILE A 672 12.22 24.50 15.39
N SER A 673 12.07 23.76 16.46
CA SER A 673 12.16 22.29 16.42
C SER A 673 11.01 21.70 17.20
N ASP A 674 10.33 20.71 16.60
CA ASP A 674 9.31 19.87 17.26
C ASP A 674 9.88 18.47 17.46
N ARG A 675 11.21 18.33 17.40
CA ARG A 675 11.87 17.02 17.69
C ARG A 675 11.83 16.77 19.19
N LEU A 676 11.80 15.49 19.55
CA LEU A 676 11.86 15.07 20.99
C LEU A 676 13.29 15.19 21.56
N ASP A 677 14.31 15.24 20.70
CA ASP A 677 15.73 15.34 21.12
C ASP A 677 16.23 16.77 20.92
N THR A 678 17.12 17.20 21.81
CA THR A 678 17.86 18.49 21.78
C THR A 678 19.13 18.36 20.92
N MET A 679 19.36 19.27 19.99
CA MET A 679 20.55 19.23 19.11
C MET A 679 21.59 20.20 19.68
N GLU A 680 22.86 19.80 19.56
CA GLU A 680 24.05 20.48 20.16
C GLU A 680 25.08 20.77 19.06
N GLN A 681 25.89 21.81 19.23
CA GLN A 681 27.05 22.08 18.34
C GLN A 681 26.54 22.31 16.91
N MET A 682 25.49 23.13 16.77
CA MET A 682 24.91 23.42 15.43
C MET A 682 25.55 24.69 14.86
N THR A 683 25.63 24.76 13.53
CA THR A 683 26.04 25.99 12.84
C THR A 683 24.94 26.48 11.89
N LEU A 684 24.54 27.72 12.13
CA LEU A 684 23.76 28.54 11.16
C LEU A 684 24.75 29.17 10.19
N GLU A 685 24.59 28.91 8.90
CA GLU A 685 25.32 29.64 7.83
C GLU A 685 24.35 30.40 6.92
N MET A 686 24.62 31.69 6.72
CA MET A 686 23.87 32.55 5.78
C MET A 686 24.82 33.17 4.74
N LYS A 687 24.32 33.44 3.54
CA LYS A 687 24.98 34.35 2.58
C LYS A 687 23.97 34.97 1.62
N VAL A 688 24.30 36.19 1.23
CA VAL A 688 23.49 37.07 0.38
C VAL A 688 23.90 36.76 -1.04
N VAL A 689 22.95 36.36 -1.88
CA VAL A 689 23.23 35.91 -3.26
C VAL A 689 22.36 36.80 -4.13
N ASP A 690 22.89 37.26 -5.25
CA ASP A 690 22.13 38.10 -6.20
C ASP A 690 21.43 37.12 -7.16
N PHE A 691 20.54 37.65 -7.96
CA PHE A 691 19.64 36.89 -8.84
C PHE A 691 20.44 36.32 -10.00
N ASP A 692 21.74 36.66 -10.09
CA ASP A 692 22.68 36.14 -11.14
C ASP A 692 23.57 35.06 -10.55
N GLY A 693 23.56 34.85 -9.24
CA GLY A 693 24.34 33.74 -8.68
C GLY A 693 25.60 34.20 -8.01
N LYS A 694 25.84 35.52 -7.96
CA LYS A 694 27.08 36.10 -7.37
C LYS A 694 26.78 36.39 -5.90
N THR A 695 27.58 35.85 -4.98
CA THR A 695 27.59 36.18 -3.54
C THR A 695 27.89 37.66 -3.35
N LEU A 696 27.21 38.32 -2.42
CA LEU A 696 27.49 39.72 -2.00
C LEU A 696 28.04 39.66 -0.58
N GLY A 697 29.25 40.16 -0.38
CA GLY A 697 29.88 40.24 0.95
C GLY A 697 30.40 38.88 1.35
N LYS A 698 30.53 38.63 2.65
CA LYS A 698 31.08 37.36 3.21
C LYS A 698 29.90 36.53 3.72
N LYS A 699 30.01 35.19 3.60
CA LYS A 699 29.30 34.18 4.43
C LYS A 699 29.35 34.64 5.89
N ILE A 700 28.20 34.58 6.59
CA ILE A 700 27.99 34.86 8.04
C ILE A 700 27.86 33.50 8.70
N GLN A 701 28.61 33.23 9.77
CA GLN A 701 28.64 31.91 10.47
C GLN A 701 28.24 32.18 11.93
N VAL A 702 27.27 31.41 12.45
CA VAL A 702 26.94 31.43 13.90
C VAL A 702 27.09 30.02 14.40
N HIS A 703 28.14 29.78 15.18
CA HIS A 703 28.55 28.43 15.65
C HIS A 703 28.04 28.26 17.07
N SER A 704 28.18 27.06 17.60
CA SER A 704 27.93 26.69 19.03
C SER A 704 26.43 26.83 19.38
N LEU A 705 25.52 26.48 18.45
CA LEU A 705 24.04 26.65 18.64
C LEU A 705 23.44 25.36 19.25
N GLU A 706 22.74 25.50 20.36
CA GLU A 706 21.85 24.43 20.89
C GLU A 706 20.42 24.58 20.31
N VAL A 707 19.79 23.52 19.82
CA VAL A 707 18.36 23.59 19.37
C VAL A 707 17.56 22.70 20.31
N PRO A 708 17.07 23.21 21.43
CA PRO A 708 16.37 22.34 22.37
C PRO A 708 15.06 21.80 21.79
N ALA A 709 14.68 20.60 22.24
CA ALA A 709 13.43 19.93 21.85
C ALA A 709 12.25 20.87 22.11
N ASN A 710 11.35 20.95 21.13
CA ASN A 710 10.02 21.60 21.32
C ASN A 710 10.17 23.06 21.74
N THR A 711 11.06 23.80 21.08
CA THR A 711 11.23 25.26 21.29
C THR A 711 11.35 26.00 19.96
N SER A 712 11.14 27.32 20.05
CA SER A 712 11.47 28.37 19.06
CA SER A 712 11.58 28.29 19.03
C SER A 712 12.45 29.31 19.76
N LYS A 713 13.64 29.56 19.20
CA LYS A 713 14.60 30.47 19.89
C LYS A 713 15.27 31.29 18.81
N CYS A 714 15.57 32.55 19.12
CA CYS A 714 16.23 33.49 18.21
C CYS A 714 17.73 33.33 18.36
N VAL A 715 18.51 33.25 17.29
CA VAL A 715 19.96 32.92 17.33
C VAL A 715 20.76 34.00 16.58
N TYR A 716 20.13 35.07 16.08
CA TYR A 716 20.80 36.05 15.21
C TYR A 716 19.85 37.20 14.88
N ARG A 717 20.25 38.42 15.21
CA ARG A 717 19.58 39.68 14.77
C ARG A 717 20.64 40.51 14.04
N ALA A 718 20.29 41.20 12.96
CA ALA A 718 21.14 42.21 12.30
C ALA A 718 20.21 43.26 11.70
N LYS A 719 20.32 44.56 12.07
CA LYS A 719 19.64 45.71 11.42
C LYS A 719 20.03 45.63 9.93
N LEU A 720 19.13 45.97 9.01
CA LEU A 720 19.46 45.92 7.54
C LEU A 720 20.37 47.12 7.19
N ASP A 721 20.19 48.24 7.89
CA ASP A 721 20.90 49.50 7.54
C ASP A 721 22.39 49.32 7.80
N GLY A 722 23.21 49.61 6.79
CA GLY A 722 24.67 49.39 6.80
C GLY A 722 25.06 48.00 6.34
N TRP A 723 24.09 47.08 6.15
CA TRP A 723 24.39 45.68 5.68
C TRP A 723 24.07 45.57 4.17
N LEU A 724 22.92 46.11 3.76
CA LEU A 724 22.49 46.09 2.35
C LEU A 724 21.80 47.41 2.05
N THR A 725 21.96 47.86 0.80
CA THR A 725 21.31 49.07 0.25
C THR A 725 19.89 48.69 -0.12
N PRO A 726 18.93 49.63 -0.22
CA PRO A 726 17.63 49.34 -0.81
C PRO A 726 17.73 48.66 -2.18
N GLU A 727 18.74 49.03 -2.97
CA GLU A 727 18.92 48.49 -4.35
C GLU A 727 19.25 47.00 -4.17
N ASP A 728 20.09 46.66 -3.17
CA ASP A 728 20.56 45.27 -2.90
C ASP A 728 19.36 44.38 -2.50
N CYS A 729 18.54 44.90 -1.58
CA CYS A 729 17.26 44.30 -1.09
C CYS A 729 16.26 44.00 -2.23
N ARG A 730 16.32 44.72 -3.34
CA ARG A 730 15.48 44.40 -4.51
C ARG A 730 16.17 43.38 -5.44
N ARG A 731 17.45 43.02 -5.22
CA ARG A 731 18.33 42.43 -6.29
C ARG A 731 18.91 41.07 -5.85
N SER A 732 18.66 40.67 -4.62
CA SER A 732 19.32 39.49 -4.00
C SER A 732 18.35 38.82 -3.01
N PHE A 733 18.81 37.77 -2.34
CA PHE A 733 18.10 37.05 -1.26
C PHE A 733 19.09 36.46 -0.28
N LEU A 734 18.56 36.07 0.88
CA LEU A 734 19.38 35.40 1.93
C LEU A 734 19.21 33.90 1.79
N LYS A 735 20.30 33.16 1.69
CA LYS A 735 20.30 31.68 1.75
C LYS A 735 20.74 31.29 3.18
N LEU A 736 19.93 30.49 3.88
CA LEU A 736 20.18 30.03 5.27
C LEU A 736 20.26 28.51 5.25
N ILE A 737 21.28 27.94 5.93
CA ILE A 737 21.51 26.49 6.10
C ILE A 737 21.87 26.28 7.57
N LEU A 738 21.39 25.19 8.17
CA LEU A 738 21.68 24.76 9.55
C LEU A 738 22.37 23.40 9.40
N LYS A 739 23.53 23.23 10.05
CA LYS A 739 24.27 21.93 10.01
C LYS A 739 24.69 21.50 11.41
N ASP A 740 24.73 20.18 11.62
CA ASP A 740 25.26 19.55 12.87
C ASP A 740 26.78 19.81 12.98
N LYS A 741 27.43 19.33 14.06
CA LYS A 741 28.90 19.51 14.28
C LYS A 741 29.69 18.99 13.05
N SER A 742 29.32 17.82 12.52
CA SER A 742 30.02 17.19 11.37
C SER A 742 29.70 17.86 10.01
N GLY A 743 29.09 19.06 9.98
CA GLY A 743 28.78 19.82 8.74
C GLY A 743 27.65 19.22 7.89
N HIS A 744 26.88 18.25 8.39
CA HIS A 744 25.75 17.66 7.64
CA HIS A 744 25.71 17.62 7.69
C HIS A 744 24.49 18.55 7.83
N GLN A 745 23.78 18.78 6.73
CA GLN A 745 22.69 19.78 6.62
C GLN A 745 21.41 19.19 7.21
N VAL A 746 20.79 19.89 8.15
CA VAL A 746 19.51 19.44 8.74
C VAL A 746 18.36 20.38 8.33
N ALA A 747 18.60 21.58 7.81
CA ALA A 747 17.52 22.50 7.37
C ALA A 747 18.07 23.57 6.42
N GLU A 748 17.26 24.04 5.47
CA GLU A 748 17.57 25.28 4.71
C GLU A 748 16.33 26.18 4.54
N SER A 749 16.60 27.44 4.35
CA SER A 749 15.54 28.43 4.06
CA SER A 749 15.55 28.45 4.09
C SER A 749 16.10 29.51 3.14
N VAL A 750 15.22 30.13 2.34
CA VAL A 750 15.52 31.29 1.46
C VAL A 750 14.72 32.46 1.98
N HIS A 751 15.29 33.66 1.98
CA HIS A 751 14.60 34.87 2.49
C HIS A 751 14.67 36.01 1.46
N PHE A 752 13.53 36.64 1.13
CA PHE A 752 13.53 37.85 0.26
C PHE A 752 13.33 39.04 1.18
N PHE A 753 13.99 40.16 0.85
CA PHE A 753 14.03 41.35 1.72
C PHE A 753 12.96 42.34 1.28
N ARG A 754 12.34 42.12 0.14
CA ARG A 754 11.25 43.03 -0.34
C ARG A 754 10.07 42.20 -0.84
N LYS A 755 8.95 42.85 -0.98
CA LYS A 755 7.75 42.31 -1.63
C LYS A 755 8.05 41.91 -3.07
N THR A 756 7.53 40.78 -3.48
CA THR A 756 7.85 40.22 -4.83
C THR A 756 7.65 41.29 -5.91
N LYS A 757 6.57 42.08 -5.85
CA LYS A 757 6.28 43.11 -6.86
C LYS A 757 7.43 44.12 -6.94
N ASP A 758 8.24 44.25 -5.89
CA ASP A 758 9.32 45.29 -5.79
C ASP A 758 10.68 44.68 -6.18
N LEU A 759 10.73 43.40 -6.52
CA LEU A 759 11.98 42.69 -6.90
C LEU A 759 12.35 43.02 -8.36
N GLN A 760 13.63 43.22 -8.63
CA GLN A 760 14.19 43.35 -10.00
C GLN A 760 14.51 41.94 -10.51
N LEU A 761 13.48 41.22 -10.89
CA LEU A 761 13.60 39.83 -11.38
C LEU A 761 14.10 39.89 -12.83
N PRO A 762 15.25 39.29 -13.09
CA PRO A 762 15.78 39.27 -14.45
C PRO A 762 14.94 38.38 -15.35
N PRO A 763 14.79 38.74 -16.65
CA PRO A 763 14.23 37.82 -17.64
C PRO A 763 15.05 36.51 -17.70
N THR A 764 14.41 35.35 -17.84
CA THR A 764 15.13 34.04 -17.67
C THR A 764 14.34 32.90 -18.30
N SER A 765 15.04 31.95 -18.88
CA SER A 765 14.45 30.67 -19.33
C SER A 765 14.74 29.69 -18.20
N VAL A 766 13.72 28.99 -17.72
CA VAL A 766 13.87 27.68 -17.05
C VAL A 766 13.90 26.62 -18.16
N SER A 767 15.05 26.00 -18.37
CA SER A 767 15.20 24.83 -19.28
C SER A 767 14.99 23.53 -18.46
N TYR A 768 14.64 22.40 -19.10
CA TYR A 768 14.61 21.11 -18.37
C TYR A 768 14.97 19.94 -19.27
N GLN A 769 15.62 18.92 -18.70
CA GLN A 769 15.68 17.53 -19.24
C GLN A 769 14.49 16.79 -18.59
N MET A 770 13.94 15.79 -19.30
CA MET A 770 12.76 14.97 -18.90
C MET A 770 13.05 13.49 -19.16
N LYS A 771 13.06 12.64 -18.12
CA LYS A 771 13.19 11.16 -18.25
C LYS A 771 11.87 10.50 -17.81
N GLN A 772 11.04 10.07 -18.77
CA GLN A 772 9.63 9.62 -18.62
C GLN A 772 9.50 8.11 -18.86
N THR A 773 8.97 7.38 -17.87
CA THR A 773 8.73 5.91 -17.89
C THR A 773 7.26 5.66 -17.51
N ASP A 774 6.83 4.42 -17.28
CA ASP A 774 5.43 4.15 -16.83
C ASP A 774 5.28 4.74 -15.41
N GLY A 775 4.29 5.62 -15.25
CA GLY A 775 3.89 6.17 -13.95
C GLY A 775 4.68 7.38 -13.56
N LYS A 776 5.64 7.82 -14.36
CA LYS A 776 6.71 8.67 -13.79
C LYS A 776 7.41 9.57 -14.83
N CYS A 777 7.70 10.77 -14.39
CA CYS A 777 8.44 11.71 -15.22
C CYS A 777 9.43 12.45 -14.30
N GLU A 778 10.74 12.28 -14.51
CA GLU A 778 11.81 12.96 -13.72
C GLU A 778 12.32 14.16 -14.52
N LEU A 779 12.00 15.37 -14.08
CA LEU A 779 12.47 16.66 -14.66
C LEU A 779 13.75 17.07 -13.95
N THR A 780 14.79 17.47 -14.70
CA THR A 780 15.93 18.24 -14.15
C THR A 780 15.80 19.67 -14.67
N LEU A 781 15.57 20.62 -13.77
CA LEU A 781 15.36 22.05 -14.13
C LEU A 781 16.67 22.82 -13.90
N PHE A 782 16.89 23.84 -14.73
CA PHE A 782 18.03 24.78 -14.58
C PHE A 782 17.66 26.15 -15.15
N SER A 783 18.09 27.21 -14.47
CA SER A 783 18.04 28.63 -14.88
C SER A 783 19.29 29.31 -14.30
N SER A 784 20.13 29.93 -15.12
CA SER A 784 21.38 30.55 -14.57
C SER A 784 20.98 31.72 -13.65
N MET A 785 19.76 32.26 -13.84
CA MET A 785 19.20 33.36 -13.00
C MET A 785 17.97 32.92 -12.19
N LEU A 786 17.77 33.54 -11.03
CA LEU A 786 16.60 33.27 -10.17
C LEU A 786 15.30 33.27 -11.02
N ALA A 787 14.53 32.20 -10.91
CA ALA A 787 13.13 32.09 -11.38
C ALA A 787 12.25 31.93 -10.13
N LYS A 788 11.35 32.89 -9.89
CA LYS A 788 10.60 33.11 -8.62
C LYS A 788 9.32 32.28 -8.59
N ASP A 789 9.12 31.42 -7.56
CA ASP A 789 7.82 30.76 -7.35
C ASP A 789 7.44 30.00 -8.61
N ILE A 790 8.29 29.09 -9.06
CA ILE A 790 7.97 28.39 -10.32
C ILE A 790 6.85 27.42 -10.05
N PHE A 791 6.03 27.21 -11.09
CA PHE A 791 4.89 26.28 -11.10
C PHE A 791 5.08 25.39 -12.30
N ILE A 792 5.39 24.12 -12.05
CA ILE A 792 5.43 23.05 -13.07
C ILE A 792 4.01 22.52 -13.21
N GLU A 793 3.37 22.94 -14.29
CA GLU A 793 1.95 22.71 -14.61
C GLU A 793 1.87 21.60 -15.68
N THR A 794 1.08 20.58 -15.41
CA THR A 794 0.75 19.50 -16.38
C THR A 794 -0.76 19.44 -16.46
N PRO A 795 -1.34 18.98 -17.57
CA PRO A 795 -2.80 18.90 -17.68
C PRO A 795 -3.38 17.65 -17.00
N LEU A 796 -2.52 16.73 -16.55
CA LEU A 796 -2.90 15.40 -15.98
C LEU A 796 -3.49 15.57 -14.57
N GLN A 797 -4.80 15.34 -14.40
CA GLN A 797 -5.49 15.54 -13.10
C GLN A 797 -4.82 14.63 -12.08
N GLY A 798 -4.54 15.16 -10.89
CA GLY A 798 -4.03 14.39 -9.73
C GLY A 798 -2.56 14.06 -9.76
N ALA A 799 -1.83 14.56 -10.75
CA ALA A 799 -0.39 14.30 -10.79
C ALA A 799 0.23 14.77 -9.46
N ARG A 800 1.07 13.94 -8.86
CA ARG A 800 1.82 14.25 -7.62
C ARG A 800 3.25 14.67 -8.00
N TYR A 801 3.79 15.63 -7.24
CA TYR A 801 5.16 16.20 -7.44
C TYR A 801 5.99 16.01 -6.17
N SER A 802 7.27 15.63 -6.26
CA SER A 802 8.20 15.68 -5.11
C SER A 802 8.20 17.11 -4.58
N ASP A 803 8.10 18.08 -5.48
CA ASP A 803 8.12 19.50 -5.05
C ASP A 803 7.55 20.39 -6.14
N ASN A 804 7.13 21.61 -5.80
CA ASN A 804 6.50 22.55 -6.73
C ASN A 804 6.33 23.87 -5.96
N PHE A 805 6.04 24.94 -6.66
CA PHE A 805 5.85 26.28 -6.05
C PHE A 805 7.01 26.60 -5.13
N PHE A 806 8.20 26.52 -5.74
CA PHE A 806 9.49 26.77 -5.07
C PHE A 806 10.30 27.76 -5.95
N ASP A 807 11.29 28.36 -5.34
CA ASP A 807 12.18 29.30 -6.08
C ASP A 807 13.28 28.46 -6.72
N LEU A 808 13.54 28.63 -8.01
CA LEU A 808 14.69 27.99 -8.64
C LEU A 808 15.83 29.04 -8.59
N LEU A 809 16.81 28.75 -7.76
CA LEU A 809 17.92 29.67 -7.42
C LEU A 809 18.94 29.66 -8.56
N PRO A 810 19.60 30.82 -8.76
CA PRO A 810 20.46 31.04 -9.94
C PRO A 810 21.54 29.95 -10.00
N GLY A 811 21.55 29.20 -11.12
CA GLY A 811 22.62 28.22 -11.41
C GLY A 811 22.36 26.86 -10.80
N GLU A 812 21.53 26.80 -9.74
CA GLU A 812 21.36 25.58 -8.91
C GLU A 812 20.36 24.62 -9.59
N ARG A 813 20.82 23.43 -9.95
CA ARG A 813 20.02 22.37 -10.61
C ARG A 813 18.98 21.90 -9.57
N LYS A 814 17.85 21.39 -10.04
CA LYS A 814 16.77 20.91 -9.14
C LYS A 814 16.06 19.74 -9.82
N LYS A 815 15.98 18.62 -9.13
CA LYS A 815 15.29 17.38 -9.59
C LYS A 815 13.85 17.46 -9.09
N VAL A 816 12.86 17.17 -9.94
CA VAL A 816 11.44 17.14 -9.52
C VAL A 816 10.86 15.87 -10.14
N ILE A 817 10.25 14.99 -9.33
CA ILE A 817 9.60 13.75 -9.87
C ILE A 817 8.11 13.98 -9.83
N ILE A 818 7.48 13.75 -10.98
CA ILE A 818 6.01 13.79 -11.18
C ILE A 818 5.51 12.36 -11.38
N THR A 819 4.45 11.94 -10.70
CA THR A 819 3.93 10.56 -10.81
C THR A 819 2.44 10.57 -10.97
N SER A 820 1.94 9.57 -11.68
CA SER A 820 0.51 9.36 -12.00
C SER A 820 0.35 8.04 -12.70
N PRO A 821 -0.67 7.26 -12.30
CA PRO A 821 -0.87 5.96 -12.93
C PRO A 821 -1.08 6.18 -14.44
N ARG A 822 -1.43 7.41 -14.89
CA ARG A 822 -1.85 7.67 -16.29
C ARG A 822 -0.63 8.14 -17.11
N ILE A 823 0.56 8.23 -16.51
CA ILE A 823 1.81 8.57 -17.27
C ILE A 823 2.23 7.34 -18.07
N LYS A 824 2.08 7.40 -19.40
CA LYS A 824 2.43 6.26 -20.30
C LYS A 824 3.75 6.64 -21.01
N LYS A 825 4.72 5.72 -21.05
N LYS A 825 4.72 5.73 -21.05
CA LYS A 825 5.97 5.85 -21.87
CA LYS A 825 5.97 5.90 -21.85
C LYS A 825 5.63 6.07 -23.35
C LYS A 825 5.64 6.08 -23.34
N GLY A 826 6.04 7.21 -23.94
CA GLY A 826 5.82 7.45 -25.37
C GLY A 826 4.82 8.55 -25.63
N GLU A 827 3.92 8.85 -24.69
CA GLU A 827 3.10 10.08 -24.78
C GLU A 827 3.72 11.15 -23.86
N GLU A 828 4.84 11.76 -24.31
CA GLU A 828 5.61 12.83 -23.61
C GLU A 828 4.65 13.64 -22.76
N LEU A 829 4.96 13.87 -21.47
CA LEU A 829 4.02 14.57 -20.55
C LEU A 829 4.02 16.05 -20.89
N PRO A 830 2.91 16.65 -21.35
CA PRO A 830 2.86 18.09 -21.55
C PRO A 830 3.25 18.76 -20.24
N VAL A 831 4.16 19.72 -20.31
CA VAL A 831 4.73 20.44 -19.14
C VAL A 831 4.84 21.93 -19.47
N ASN A 832 4.28 22.81 -18.65
CA ASN A 832 4.33 24.27 -18.88
C ASN A 832 4.91 24.85 -17.60
N ILE A 833 6.06 25.51 -17.63
CA ILE A 833 6.69 26.03 -16.38
C ILE A 833 6.41 27.53 -16.32
N LYS A 834 5.87 28.03 -15.23
CA LYS A 834 5.53 29.46 -15.08
C LYS A 834 6.42 29.97 -13.95
N HIS A 835 6.81 31.24 -14.02
CA HIS A 835 7.50 31.96 -12.92
C HIS A 835 7.08 33.42 -13.00
N ILE A 836 7.26 34.14 -11.90
CA ILE A 836 6.61 35.44 -11.66
C ILE A 836 6.98 36.43 -12.80
N ARG A 837 8.23 36.55 -13.15
CA ARG A 837 8.65 37.61 -14.14
C ARG A 837 7.91 37.33 -15.45
N GLU A 838 7.59 36.07 -15.77
CA GLU A 838 6.87 35.71 -17.02
C GLU A 838 5.50 36.39 -17.07
N THR A 839 4.99 36.94 -15.96
CA THR A 839 3.55 37.32 -15.87
C THR A 839 3.32 38.79 -16.22
N TYR A 840 4.36 39.56 -16.52
CA TYR A 840 4.25 41.01 -16.87
C TYR A 840 5.46 41.45 -17.70
N LYS A 841 5.47 42.67 -18.25
CA LYS A 841 6.50 43.10 -19.24
C LYS A 841 7.49 44.07 -18.60
N ASN B 5 21.50 4.40 14.36
CA ASN B 5 21.80 3.09 15.06
C ASN B 5 23.31 2.96 15.44
N ASP B 6 24.28 3.60 14.76
CA ASP B 6 25.69 3.67 15.27
C ASP B 6 26.32 5.00 14.84
N THR B 7 27.60 5.25 15.13
CA THR B 7 28.22 6.59 14.85
C THR B 7 28.77 6.66 13.43
N SER B 8 28.69 5.56 12.68
CA SER B 8 29.21 5.55 11.30
C SER B 8 28.36 6.51 10.47
N GLU B 9 28.93 7.08 9.45
CA GLU B 9 28.10 7.82 8.48
C GLU B 9 28.21 7.09 7.14
N VAL B 10 27.12 7.02 6.38
CA VAL B 10 27.02 6.30 5.06
C VAL B 10 26.70 7.35 4.02
N MET B 11 27.44 7.40 2.94
CA MET B 11 27.14 8.31 1.84
C MET B 11 26.75 7.35 0.71
N LEU B 12 25.58 7.53 0.09
CA LEU B 12 25.10 6.63 -0.98
C LEU B 12 25.66 7.23 -2.29
N LEU B 13 26.43 6.50 -3.09
CA LEU B 13 26.86 7.04 -4.39
C LEU B 13 25.84 6.66 -5.44
N ASP B 14 24.71 7.35 -5.48
CA ASP B 14 23.56 7.04 -6.37
C ASP B 14 23.26 8.20 -7.35
N THR B 15 24.05 9.28 -7.34
CA THR B 15 23.81 10.47 -8.19
C THR B 15 25.12 10.81 -8.89
N GLY B 16 25.07 11.56 -9.99
CA GLY B 16 26.29 12.09 -10.61
C GLY B 16 26.99 11.11 -11.53
N TRP B 17 26.44 9.93 -11.78
CA TRP B 17 27.11 8.95 -12.66
C TRP B 17 26.95 9.34 -14.10
N GLU B 18 27.98 9.06 -14.92
CA GLU B 18 27.92 9.14 -16.39
C GLU B 18 28.54 7.88 -16.94
N PHE B 19 28.24 7.55 -18.17
CA PHE B 19 28.82 6.36 -18.83
C PHE B 19 29.23 6.70 -20.26
N SER B 20 30.13 5.89 -20.81
CA SER B 20 30.63 6.03 -22.20
C SER B 20 30.85 4.66 -22.81
N GLN B 21 30.57 4.55 -24.09
CA GLN B 21 31.07 3.41 -24.85
C GLN B 21 32.59 3.62 -24.96
N SER B 22 33.40 2.62 -24.61
CA SER B 22 34.88 2.78 -24.49
C SER B 22 35.43 3.19 -25.88
N GLY B 23 36.35 4.14 -25.91
CA GLY B 23 37.04 4.53 -27.16
C GLY B 23 36.25 5.55 -27.97
N THR B 24 35.17 6.14 -27.43
CA THR B 24 34.34 7.20 -28.12
C THR B 24 34.47 8.57 -27.44
N GLU B 25 34.91 8.62 -26.18
CA GLU B 25 35.08 9.91 -25.45
C GLU B 25 33.76 10.67 -25.33
N LYS B 26 32.63 9.96 -25.53
CA LYS B 26 31.25 10.53 -25.45
C LYS B 26 30.65 10.07 -24.12
N TRP B 27 30.28 11.02 -23.27
CA TRP B 27 29.73 10.75 -21.93
C TRP B 27 28.32 11.32 -21.85
N MET B 28 27.42 10.58 -21.20
N MET B 28 27.41 10.56 -21.20
CA MET B 28 26.03 11.04 -20.91
CA MET B 28 26.02 11.01 -20.92
C MET B 28 25.57 10.46 -19.58
C MET B 28 25.59 10.45 -19.57
N PRO B 29 24.54 11.05 -18.96
CA PRO B 29 24.06 10.63 -17.65
C PRO B 29 23.68 9.14 -17.60
N ALA B 30 23.95 8.51 -16.46
CA ALA B 30 23.63 7.10 -16.18
C ALA B 30 22.81 7.07 -14.92
N THR B 31 22.09 5.97 -14.67
CA THR B 31 21.41 5.76 -13.39
C THR B 31 22.12 4.61 -12.69
N VAL B 32 22.44 4.76 -11.42
CA VAL B 32 23.13 3.71 -10.61
C VAL B 32 22.39 3.58 -9.27
N PRO B 33 22.01 2.36 -8.86
CA PRO B 33 22.26 1.14 -9.66
C PRO B 33 21.61 1.07 -11.06
N GLY B 34 22.18 0.28 -11.96
CA GLY B 34 21.58 0.21 -13.31
C GLY B 34 22.30 -0.73 -14.22
N THR B 35 22.01 -0.60 -15.52
CA THR B 35 22.57 -1.44 -16.58
C THR B 35 22.99 -0.55 -17.73
N VAL B 36 23.96 -1.06 -18.49
CA VAL B 36 24.40 -0.47 -19.79
C VAL B 36 23.15 -0.27 -20.66
N HIS B 37 22.39 -1.36 -20.82
CA HIS B 37 21.17 -1.42 -21.68
C HIS B 37 20.13 -0.37 -21.28
N GLN B 38 19.87 -0.17 -19.99
CA GLN B 38 18.86 0.81 -19.58
C GLN B 38 19.42 2.21 -19.80
N ASP B 39 20.69 2.44 -19.48
CA ASP B 39 21.37 3.73 -19.76
C ASP B 39 21.27 4.09 -21.26
N LEU B 40 21.45 3.12 -22.15
CA LEU B 40 21.25 3.32 -23.62
C LEU B 40 19.77 3.63 -23.95
N ILE B 41 18.84 2.83 -23.43
CA ILE B 41 17.38 3.01 -23.65
C ILE B 41 16.99 4.41 -23.18
N SER B 42 17.55 4.86 -22.08
CA SER B 42 17.13 6.13 -21.47
C SER B 42 17.51 7.27 -22.41
N HIS B 43 18.43 7.06 -23.36
CA HIS B 43 18.90 8.08 -24.33
C HIS B 43 18.51 7.63 -25.74
N GLU B 44 17.52 6.78 -25.89
CA GLU B 44 17.00 6.44 -27.24
C GLU B 44 18.19 5.94 -28.06
N LEU B 45 19.20 5.33 -27.43
CA LEU B 45 20.37 4.74 -28.14
C LEU B 45 20.11 3.26 -28.39
N LEU B 46 19.01 2.70 -27.88
CA LEU B 46 18.59 1.28 -28.14
C LEU B 46 17.07 1.35 -28.34
N PRO B 47 16.49 0.50 -29.18
CA PRO B 47 15.02 0.44 -29.27
C PRO B 47 14.48 -0.28 -28.01
N ASN B 48 13.16 -0.27 -27.77
CA ASN B 48 12.57 -1.09 -26.68
C ASN B 48 12.99 -2.55 -26.90
N PRO B 49 13.83 -3.16 -26.04
CA PRO B 49 14.33 -4.51 -26.30
C PRO B 49 13.26 -5.65 -26.38
N PHE B 50 12.11 -5.44 -25.74
CA PHE B 50 11.00 -6.42 -25.55
C PHE B 50 10.05 -6.40 -26.75
N TYR B 51 10.16 -5.38 -27.61
CA TYR B 51 9.18 -5.18 -28.72
C TYR B 51 9.59 -5.93 -29.98
N GLY B 52 8.60 -6.52 -30.66
CA GLY B 52 8.73 -7.02 -32.05
C GLY B 52 9.97 -7.87 -32.27
N MET B 53 10.85 -7.43 -33.16
CA MET B 53 11.97 -8.27 -33.66
C MET B 53 13.30 -7.78 -33.07
N ASN B 54 13.24 -6.90 -32.07
CA ASN B 54 14.40 -6.13 -31.54
C ASN B 54 15.48 -7.00 -30.88
N GLU B 55 15.23 -8.24 -30.46
CA GLU B 55 16.32 -8.99 -29.76
C GLU B 55 17.62 -8.83 -30.59
N LYS B 56 17.51 -9.04 -31.91
CA LYS B 56 18.64 -9.04 -32.89
C LYS B 56 19.35 -7.70 -32.84
N LYS B 57 18.57 -6.63 -32.74
CA LYS B 57 18.95 -5.21 -32.85
C LYS B 57 19.71 -4.71 -31.62
N ILE B 58 19.70 -5.44 -30.50
CA ILE B 58 20.37 -4.93 -29.25
C ILE B 58 21.62 -5.77 -28.89
N GLN B 59 21.91 -6.81 -29.66
CA GLN B 59 23.00 -7.76 -29.39
C GLN B 59 24.36 -7.04 -29.49
N TRP B 60 24.50 -6.00 -30.32
CA TRP B 60 25.82 -5.31 -30.49
C TRP B 60 26.40 -4.94 -29.09
N VAL B 61 25.60 -4.57 -28.10
CA VAL B 61 26.08 -3.97 -26.83
C VAL B 61 27.05 -4.92 -26.15
N GLU B 62 26.88 -6.23 -26.29
CA GLU B 62 27.65 -7.21 -25.50
C GLU B 62 29.09 -7.29 -26.02
N ASN B 63 29.34 -6.78 -27.22
CA ASN B 63 30.70 -6.77 -27.84
C ASN B 63 31.53 -5.55 -27.42
N GLU B 64 30.90 -4.50 -26.92
CA GLU B 64 31.56 -3.21 -26.56
C GLU B 64 31.98 -3.29 -25.10
N ASP B 65 33.00 -2.50 -24.74
CA ASP B 65 33.36 -2.24 -23.34
C ASP B 65 32.65 -0.95 -22.97
N TRP B 66 32.36 -0.79 -21.67
CA TRP B 66 31.57 0.30 -21.09
C TRP B 66 32.25 0.83 -19.83
N GLU B 67 32.21 2.16 -19.69
CA GLU B 67 33.00 2.87 -18.66
C GLU B 67 32.05 3.80 -17.92
N TYR B 68 32.09 3.75 -16.59
CA TYR B 68 31.21 4.57 -15.71
C TYR B 68 32.09 5.50 -14.93
N ARG B 69 31.56 6.64 -14.56
CA ARG B 69 32.30 7.57 -13.70
C ARG B 69 31.33 8.37 -12.87
N THR B 70 31.78 8.71 -11.67
CA THR B 70 31.12 9.74 -10.83
C THR B 70 32.19 10.51 -10.03
N SER B 71 31.80 11.59 -9.37
CA SER B 71 32.69 12.33 -8.45
CA SER B 71 32.68 12.38 -8.48
C SER B 71 31.96 12.71 -7.17
N PHE B 72 32.69 12.83 -6.09
CA PHE B 72 32.10 13.12 -4.77
C PHE B 72 33.06 13.97 -3.92
N ILE B 73 32.48 14.67 -2.94
CA ILE B 73 33.23 15.58 -2.04
C ILE B 73 33.47 14.88 -0.71
N VAL B 74 34.70 14.94 -0.24
CA VAL B 74 34.99 14.47 1.14
C VAL B 74 35.55 15.65 1.93
N SER B 75 35.06 15.76 3.16
CA SER B 75 35.23 16.88 4.10
C SER B 75 36.35 16.51 5.05
N GLU B 76 36.85 17.53 5.76
CA GLU B 76 37.93 17.48 6.77
C GLU B 76 37.47 16.47 7.82
N GLU B 77 36.22 16.61 8.28
CA GLU B 77 35.66 15.78 9.38
C GLU B 77 35.55 14.31 8.93
N GLN B 78 35.11 14.09 7.67
CA GLN B 78 34.99 12.72 7.09
C GLN B 78 36.38 12.09 7.00
N LEU B 79 37.38 12.86 6.56
CA LEU B 79 38.76 12.33 6.41
C LEU B 79 39.37 12.06 7.78
N ASN B 80 38.89 12.64 8.89
CA ASN B 80 39.42 12.34 10.25
CA ASN B 80 39.44 12.34 10.24
C ASN B 80 38.77 11.10 10.87
N ARG B 81 37.80 10.46 10.21
CA ARG B 81 37.23 9.25 10.87
C ARG B 81 38.31 8.14 10.82
N ASP B 82 38.33 7.22 11.78
CA ASP B 82 39.36 6.14 11.83
C ASP B 82 39.39 5.40 10.50
N GLY B 83 38.23 5.12 9.89
CA GLY B 83 38.22 4.21 8.72
C GLY B 83 37.25 4.65 7.66
N ILE B 84 37.56 4.38 6.39
CA ILE B 84 36.61 4.71 5.29
C ILE B 84 36.55 3.55 4.31
N GLN B 85 35.35 3.02 4.09
CA GLN B 85 35.12 1.79 3.26
C GLN B 85 34.32 2.21 2.05
N LEU B 86 34.64 1.71 0.87
CA LEU B 86 33.83 1.81 -0.34
C LEU B 86 33.29 0.40 -0.58
N ILE B 87 31.97 0.25 -0.57
CA ILE B 87 31.32 -1.06 -0.68
C ILE B 87 30.58 -1.17 -2.04
N PHE B 88 30.84 -2.24 -2.80
CA PHE B 88 30.07 -2.55 -4.03
C PHE B 88 29.26 -3.79 -3.75
N GLU B 89 27.95 -3.61 -3.65
CA GLU B 89 27.07 -4.77 -3.38
C GLU B 89 26.93 -5.61 -4.65
N GLY B 90 27.27 -5.07 -5.83
CA GLY B 90 27.29 -5.81 -7.11
C GLY B 90 27.88 -5.09 -8.30
N LEU B 91 28.84 -5.79 -8.94
CA LEU B 91 29.51 -5.40 -10.21
C LEU B 91 29.30 -6.52 -11.21
N ASP B 92 28.67 -6.19 -12.35
CA ASP B 92 28.40 -7.14 -13.46
C ASP B 92 29.27 -6.77 -14.65
N THR B 93 30.38 -7.47 -14.91
CA THR B 93 31.04 -8.45 -14.05
C THR B 93 32.58 -8.19 -13.99
N TYR B 94 33.24 -8.07 -15.12
CA TYR B 94 34.73 -7.83 -15.21
C TYR B 94 34.98 -6.32 -15.14
N ALA B 95 35.08 -5.80 -13.91
CA ALA B 95 35.15 -4.34 -13.62
C ALA B 95 36.45 -3.98 -12.93
N ASP B 96 37.16 -3.04 -13.53
CA ASP B 96 38.35 -2.40 -12.96
C ASP B 96 37.89 -1.13 -12.32
N VAL B 97 38.06 -1.04 -11.01
CA VAL B 97 37.58 0.11 -10.21
C VAL B 97 38.78 0.99 -9.85
N TYR B 98 38.76 2.24 -10.27
CA TYR B 98 39.84 3.21 -10.12
C TYR B 98 39.32 4.34 -9.26
N LEU B 99 39.95 4.60 -8.14
CA LEU B 99 39.61 5.81 -7.36
C LEU B 99 40.88 6.70 -7.30
N ASN B 100 40.87 7.97 -7.79
CA ASN B 100 41.99 8.94 -7.62
C ASN B 100 43.33 8.28 -8.01
N GLY B 101 43.36 7.60 -9.14
CA GLY B 101 44.59 7.01 -9.74
C GLY B 101 44.94 5.67 -9.11
N SER B 102 44.21 5.20 -8.11
CA SER B 102 44.44 3.84 -7.55
C SER B 102 43.48 2.79 -8.13
N LEU B 103 44.03 1.67 -8.51
CA LEU B 103 43.25 0.52 -8.95
C LEU B 103 42.82 -0.16 -7.67
N LEU B 104 41.56 -0.06 -7.29
CA LEU B 104 41.14 -0.63 -5.99
C LEU B 104 40.91 -2.14 -6.09
N LEU B 105 40.52 -2.66 -7.24
CA LEU B 105 39.78 -3.97 -7.38
C LEU B 105 39.67 -4.33 -8.87
N LYS B 106 39.97 -5.57 -9.21
CA LYS B 106 39.65 -6.10 -10.55
C LYS B 106 38.54 -7.11 -10.29
N ALA B 107 37.29 -6.68 -10.32
CA ALA B 107 36.15 -7.52 -9.84
C ALA B 107 35.86 -8.60 -10.89
N ASP B 108 35.36 -9.76 -10.51
CA ASP B 108 35.26 -10.89 -11.45
C ASP B 108 34.11 -11.82 -11.06
N ASN B 109 33.09 -11.31 -10.34
CA ASN B 109 32.00 -12.18 -9.86
C ASN B 109 30.74 -11.34 -9.55
N MET B 110 29.74 -11.46 -10.39
CA MET B 110 28.53 -10.59 -10.29
C MET B 110 27.86 -10.79 -8.92
N PHE B 111 28.10 -11.93 -8.31
CA PHE B 111 27.40 -12.48 -7.13
C PHE B 111 28.10 -12.10 -5.83
N VAL B 112 29.22 -11.40 -5.91
CA VAL B 112 30.07 -11.06 -4.71
C VAL B 112 29.88 -9.57 -4.37
N GLY B 113 29.75 -9.28 -3.10
CA GLY B 113 29.86 -7.88 -2.61
C GLY B 113 31.32 -7.60 -2.26
N TYR B 114 31.84 -6.43 -2.59
CA TYR B 114 33.26 -6.11 -2.31
C TYR B 114 33.29 -4.96 -1.32
N THR B 115 34.03 -5.12 -0.23
CA THR B 115 34.27 -4.06 0.77
C THR B 115 35.74 -3.60 0.69
N LEU B 116 36.04 -2.31 0.37
CA LEU B 116 37.41 -1.83 0.03
C LEU B 116 37.84 -0.70 0.98
N PRO B 117 38.99 -0.86 1.66
CA PRO B 117 39.48 0.22 2.55
C PRO B 117 40.03 1.32 1.68
N VAL B 118 39.60 2.58 1.86
CA VAL B 118 39.92 3.68 0.90
C VAL B 118 40.35 4.99 1.60
N LYS B 119 40.40 5.05 2.91
CA LYS B 119 40.75 6.31 3.63
C LYS B 119 42.08 6.87 3.09
N SER B 120 43.11 6.06 2.94
CA SER B 120 44.43 6.55 2.49
C SER B 120 44.41 6.90 1.00
N VAL B 121 43.37 6.65 0.21
CA VAL B 121 43.38 7.10 -1.21
C VAL B 121 42.46 8.30 -1.38
N LEU B 122 41.63 8.62 -0.38
CA LEU B 122 40.63 9.71 -0.54
C LEU B 122 41.37 11.05 -0.39
N ARG B 123 40.81 12.09 -0.99
CA ARG B 123 41.35 13.47 -0.94
C ARG B 123 40.28 14.43 -0.42
N LYS B 124 40.67 15.40 0.40
CA LYS B 124 39.80 16.51 0.86
C LYS B 124 39.34 17.24 -0.39
N GLY B 125 38.03 17.45 -0.54
CA GLY B 125 37.52 18.05 -1.79
C GLY B 125 37.05 16.97 -2.77
N GLU B 126 37.34 17.15 -4.05
CA GLU B 126 36.90 16.25 -5.13
C GLU B 126 37.64 14.93 -5.09
N ASN B 127 36.87 13.88 -5.38
CA ASN B 127 37.29 12.47 -5.56
C ASN B 127 36.65 11.95 -6.85
N HIS B 128 37.38 11.16 -7.61
N HIS B 128 37.41 11.22 -7.64
CA HIS B 128 36.94 10.69 -8.94
CA HIS B 128 36.94 10.69 -8.95
C HIS B 128 36.99 9.17 -8.95
C HIS B 128 36.98 9.17 -8.88
N LEU B 129 35.83 8.55 -9.14
CA LEU B 129 35.70 7.08 -9.25
C LEU B 129 35.42 6.80 -10.72
N TYR B 130 36.19 5.90 -11.34
CA TYR B 130 35.93 5.37 -12.70
C TYR B 130 35.83 3.86 -12.63
N ILE B 131 34.98 3.27 -13.46
CA ILE B 131 34.85 1.80 -13.43
C ILE B 131 34.82 1.41 -14.87
N TYR B 132 35.70 0.50 -15.25
CA TYR B 132 35.81 0.01 -16.63
C TYR B 132 35.24 -1.40 -16.66
N PHE B 133 34.14 -1.60 -17.41
CA PHE B 133 33.53 -2.94 -17.62
C PHE B 133 34.00 -3.52 -18.95
N HIS B 134 34.80 -4.57 -18.86
CA HIS B 134 35.20 -5.37 -20.02
C HIS B 134 33.97 -6.17 -20.43
N SER B 135 33.59 -6.15 -21.71
CA SER B 135 32.70 -7.14 -22.39
C SER B 135 32.96 -8.54 -21.85
N PRO B 136 31.97 -9.15 -21.19
CA PRO B 136 32.16 -10.53 -20.75
C PRO B 136 32.33 -11.46 -21.96
N ILE B 137 31.88 -11.05 -23.16
CA ILE B 137 32.13 -11.83 -24.41
C ILE B 137 33.64 -11.75 -24.78
N ARG B 138 34.17 -10.58 -24.99
CA ARG B 138 35.55 -10.50 -25.56
CA ARG B 138 35.55 -10.40 -25.53
CA ARG B 138 35.55 -10.46 -25.55
C ARG B 138 36.54 -10.86 -24.46
N GLN B 139 36.19 -10.64 -23.19
CA GLN B 139 37.08 -11.00 -22.08
C GLN B 139 37.29 -12.50 -22.10
N THR B 140 36.29 -13.30 -22.52
CA THR B 140 36.36 -14.78 -22.38
C THR B 140 36.61 -15.48 -23.72
N LEU B 141 36.68 -14.77 -24.82
CA LEU B 141 37.04 -15.45 -26.10
C LEU B 141 38.39 -16.16 -26.03
N PRO B 142 39.48 -15.53 -25.54
CA PRO B 142 40.75 -16.25 -25.40
C PRO B 142 40.60 -17.48 -24.50
N GLN B 143 39.81 -17.38 -23.42
CA GLN B 143 39.66 -18.54 -22.51
C GLN B 143 38.97 -19.71 -23.26
N TYR B 144 37.96 -19.40 -24.04
CA TYR B 144 37.19 -20.38 -24.87
C TYR B 144 38.18 -21.09 -25.82
N ALA B 145 38.92 -20.28 -26.56
CA ALA B 145 39.99 -20.68 -27.52
C ALA B 145 40.99 -21.62 -26.84
N SER B 146 41.42 -21.29 -25.63
CA SER B 146 42.36 -22.15 -24.88
C SER B 146 41.71 -23.49 -24.51
N ASN B 147 40.36 -23.55 -24.44
CA ASN B 147 39.70 -24.67 -23.74
C ASN B 147 39.73 -25.95 -24.60
N GLY B 148 39.66 -25.80 -25.90
CA GLY B 148 39.75 -26.91 -26.85
C GLY B 148 38.39 -27.48 -27.21
N PHE B 149 37.32 -27.24 -26.43
CA PHE B 149 35.95 -27.77 -26.63
C PHE B 149 34.92 -26.70 -26.24
N ASN B 150 33.69 -26.86 -26.72
CA ASN B 150 32.57 -25.93 -26.46
C ASN B 150 31.73 -26.60 -25.38
N TYR B 151 31.54 -25.98 -24.22
CA TYR B 151 30.61 -26.55 -23.18
C TYR B 151 29.22 -26.59 -23.80
N PRO B 152 28.43 -27.62 -23.52
CA PRO B 152 27.10 -27.75 -24.17
C PRO B 152 25.98 -27.00 -23.48
N ALA B 153 26.12 -25.70 -23.30
CA ALA B 153 25.10 -24.81 -22.69
C ALA B 153 24.16 -24.28 -23.78
N ASP B 154 23.17 -25.11 -24.20
CA ASP B 154 22.20 -24.80 -25.29
C ASP B 154 21.35 -23.59 -24.89
N ASN B 155 21.21 -23.24 -23.60
CA ASN B 155 20.44 -22.01 -23.23
C ASN B 155 21.29 -20.74 -23.45
N ASP B 156 22.61 -20.89 -23.61
CA ASP B 156 23.47 -19.74 -23.99
C ASP B 156 23.30 -19.59 -25.50
N HIS B 157 22.57 -18.57 -25.94
CA HIS B 157 22.09 -18.35 -27.33
C HIS B 157 23.21 -17.70 -28.17
N HIS B 158 24.28 -18.47 -28.43
CA HIS B 158 25.52 -18.11 -29.17
C HIS B 158 26.22 -19.41 -29.58
N GLU B 159 26.91 -19.42 -30.73
CA GLU B 159 27.67 -20.63 -31.20
C GLU B 159 28.69 -20.99 -30.12
N LYS B 160 29.38 -19.96 -29.63
CA LYS B 160 30.33 -20.12 -28.50
C LYS B 160 29.59 -19.89 -27.17
N HIS B 161 29.67 -20.85 -26.28
CA HIS B 161 28.99 -20.83 -24.96
C HIS B 161 29.97 -20.35 -23.88
N LEU B 162 30.07 -19.03 -23.80
CA LEU B 162 31.02 -18.28 -22.98
C LEU B 162 30.50 -18.17 -21.55
N SER B 163 29.19 -18.32 -21.34
CA SER B 163 28.55 -18.10 -20.02
C SER B 163 29.33 -18.87 -18.97
N VAL B 164 29.70 -20.13 -19.23
CA VAL B 164 30.22 -21.07 -18.21
C VAL B 164 31.55 -20.56 -17.63
N PHE B 165 32.27 -19.73 -18.36
CA PHE B 165 33.53 -19.14 -17.90
C PHE B 165 33.28 -18.02 -16.88
N SER B 166 32.09 -17.41 -16.84
CA SER B 166 31.87 -16.16 -16.08
C SER B 166 30.92 -16.42 -14.90
N ARG B 167 31.26 -15.97 -13.69
CA ARG B 167 30.30 -15.93 -12.58
C ARG B 167 29.40 -14.72 -12.83
N LYS B 168 28.35 -14.97 -13.61
CA LYS B 168 27.41 -13.95 -14.10
C LYS B 168 26.08 -14.67 -14.32
N ALA B 169 24.96 -14.02 -14.08
CA ALA B 169 23.59 -14.59 -14.20
C ALA B 169 23.47 -15.39 -15.48
N PRO B 170 23.37 -16.73 -15.39
CA PRO B 170 23.24 -17.56 -16.58
C PRO B 170 22.18 -17.12 -17.58
N TYR B 171 20.95 -16.82 -17.14
CA TYR B 171 19.79 -16.42 -17.97
C TYR B 171 20.13 -15.15 -18.78
N SER B 172 21.11 -14.34 -18.40
CA SER B 172 21.51 -13.11 -19.17
C SER B 172 21.96 -13.47 -20.61
N TYR B 173 22.47 -14.67 -20.82
CA TYR B 173 22.93 -15.16 -22.13
C TYR B 173 21.80 -15.79 -22.94
N GLY B 174 20.58 -15.76 -22.38
CA GLY B 174 19.41 -16.39 -22.97
C GLY B 174 18.94 -17.54 -22.13
N TRP B 175 17.68 -17.91 -22.35
CA TRP B 175 17.10 -19.17 -21.83
C TRP B 175 15.91 -19.55 -22.73
N ASP B 176 15.34 -20.74 -22.58
CA ASP B 176 14.09 -21.20 -23.29
C ASP B 176 12.81 -20.42 -22.90
N TRP B 177 12.87 -19.39 -22.04
CA TRP B 177 11.77 -18.40 -21.82
C TRP B 177 12.34 -17.01 -21.84
N GLY B 178 13.56 -16.87 -22.37
CA GLY B 178 14.33 -15.65 -22.07
C GLY B 178 15.04 -15.02 -23.24
N ILE B 179 15.02 -13.68 -23.26
CA ILE B 179 15.75 -12.80 -24.21
C ILE B 179 17.23 -12.76 -23.79
N ARG B 180 18.12 -12.70 -24.77
CA ARG B 180 19.57 -12.58 -24.51
C ARG B 180 19.88 -11.09 -24.33
N MET B 181 20.29 -10.71 -23.12
CA MET B 181 20.72 -9.32 -22.86
C MET B 181 21.91 -9.39 -21.93
N VAL B 182 23.07 -9.64 -22.55
CA VAL B 182 24.34 -9.81 -21.80
C VAL B 182 24.79 -8.42 -21.34
N THR B 183 24.20 -7.99 -20.24
CA THR B 183 24.41 -6.60 -19.77
C THR B 183 25.65 -6.55 -18.86
N SER B 184 25.95 -5.33 -18.43
CA SER B 184 27.00 -4.99 -17.49
C SER B 184 26.54 -3.81 -16.67
N GLY B 185 27.29 -3.54 -15.61
CA GLY B 185 27.16 -2.31 -14.83
C GLY B 185 27.16 -2.56 -13.35
N VAL B 186 26.84 -1.49 -12.66
CA VAL B 186 26.85 -1.37 -11.18
C VAL B 186 25.42 -1.80 -10.81
N TRP B 187 25.20 -3.10 -10.63
CA TRP B 187 23.82 -3.64 -10.59
C TRP B 187 23.22 -3.67 -9.19
N ARG B 188 23.98 -3.30 -8.15
CA ARG B 188 23.45 -3.12 -6.77
C ARG B 188 24.15 -1.89 -6.17
N PRO B 189 23.70 -1.34 -5.04
CA PRO B 189 24.21 -0.06 -4.56
C PRO B 189 25.71 0.01 -4.21
N VAL B 190 26.21 1.24 -4.33
CA VAL B 190 27.59 1.64 -4.01
C VAL B 190 27.45 2.56 -2.79
N THR B 191 28.21 2.29 -1.75
CA THR B 191 28.17 2.97 -0.45
C THR B 191 29.62 3.31 -0.04
N LEU B 192 29.78 4.48 0.56
CA LEU B 192 30.95 4.95 1.36
C LEU B 192 30.56 5.02 2.82
N ARG B 193 31.27 4.28 3.70
CA ARG B 193 31.02 4.30 5.15
C ARG B 193 32.24 4.89 5.90
N PHE B 194 32.04 5.98 6.64
CA PHE B 194 33.03 6.70 7.46
C PHE B 194 32.77 6.33 8.90
N TYR B 195 33.74 5.71 9.53
CA TYR B 195 33.48 5.14 10.86
C TYR B 195 34.67 5.28 11.82
N ASP B 196 34.41 4.94 13.08
CA ASP B 196 35.43 4.92 14.13
C ASP B 196 35.63 3.49 14.64
N ILE B 197 36.90 3.14 14.84
CA ILE B 197 37.40 1.98 15.62
C ILE B 197 37.23 0.73 14.76
N ALA B 198 35.98 0.34 14.45
CA ALA B 198 35.71 -0.99 13.90
C ALA B 198 34.42 -1.03 13.11
N THR B 199 34.26 -2.11 12.34
CA THR B 199 32.95 -2.50 11.71
C THR B 199 32.61 -3.92 12.12
N ILE B 200 31.31 -4.21 12.17
CA ILE B 200 30.89 -5.62 12.26
C ILE B 200 30.83 -6.11 10.82
N SER B 201 31.78 -6.93 10.40
CA SER B 201 31.77 -7.47 9.02
CA SER B 201 31.79 -7.50 9.03
C SER B 201 30.76 -8.61 8.94
N ASP B 202 30.46 -9.28 10.04
CA ASP B 202 29.37 -10.31 9.96
C ASP B 202 28.70 -10.44 11.32
N TYR B 203 27.39 -10.64 11.35
CA TYR B 203 26.62 -10.99 12.55
C TYR B 203 25.80 -12.21 12.19
N TYR B 204 26.05 -13.31 12.88
CA TYR B 204 25.37 -14.58 12.66
C TYR B 204 24.64 -14.99 13.94
N VAL B 205 23.33 -15.12 13.87
CA VAL B 205 22.57 -15.66 15.00
C VAL B 205 22.41 -17.16 14.82
N ARG B 206 23.23 -17.97 15.50
CA ARG B 206 23.23 -19.43 15.33
C ARG B 206 22.31 -20.06 16.38
N GLN B 207 21.29 -20.78 15.91
CA GLN B 207 20.31 -21.45 16.79
C GLN B 207 20.90 -22.78 17.23
N LEU B 208 21.25 -22.87 18.51
CA LEU B 208 21.81 -24.11 19.08
C LEU B 208 20.70 -25.09 19.34
N SER B 209 19.58 -24.66 19.91
CA SER B 209 18.48 -25.57 20.27
C SER B 209 17.21 -24.74 20.35
N LEU B 210 16.11 -25.42 20.09
CA LEU B 210 14.76 -24.85 20.18
C LEU B 210 13.81 -25.87 20.74
N THR B 211 13.15 -25.51 21.81
CA THR B 211 12.00 -26.24 22.37
C THR B 211 10.91 -25.21 22.73
N ASP B 212 9.74 -25.70 23.13
CA ASP B 212 8.62 -24.84 23.56
C ASP B 212 9.08 -23.99 24.74
N GLU B 213 9.99 -24.48 25.58
CA GLU B 213 10.40 -23.81 26.84
C GLU B 213 11.54 -22.86 26.53
N ASN B 214 12.41 -23.20 25.59
CA ASN B 214 13.65 -22.42 25.51
C ASN B 214 14.25 -22.45 24.11
N ALA B 215 14.64 -21.28 23.62
CA ALA B 215 15.57 -21.12 22.49
C ALA B 215 16.94 -20.69 22.99
N ARG B 216 17.95 -21.44 22.63
CA ARG B 216 19.37 -21.08 22.87
C ARG B 216 20.08 -20.64 21.57
N LEU B 217 20.55 -19.40 21.56
CA LEU B 217 21.29 -18.78 20.44
C LEU B 217 22.75 -18.52 20.84
N SER B 218 23.59 -18.55 19.83
CA SER B 218 24.98 -18.06 19.87
C SER B 218 25.06 -16.88 18.91
N ASN B 219 25.36 -15.70 19.43
CA ASN B 219 25.55 -14.50 18.61
C ASN B 219 27.00 -14.52 18.21
N GLU B 220 27.27 -14.81 16.93
CA GLU B 220 28.66 -14.90 16.44
C GLU B 220 28.98 -13.66 15.64
N LEU B 221 29.92 -12.87 16.13
CA LEU B 221 30.34 -11.64 15.44
C LEU B 221 31.78 -11.75 14.93
N ILE B 222 32.00 -11.20 13.76
CA ILE B 222 33.34 -10.86 13.22
C ILE B 222 33.41 -9.33 13.22
N VAL B 223 34.36 -8.79 13.97
CA VAL B 223 34.58 -7.33 14.10
C VAL B 223 35.97 -6.99 13.52
N ASN B 224 36.00 -5.99 12.63
CA ASN B 224 37.22 -5.62 11.87
C ASN B 224 37.71 -4.28 12.38
N GLN B 225 38.79 -4.31 13.19
CA GLN B 225 39.25 -3.11 13.89
C GLN B 225 40.29 -2.48 12.99
N ILE B 226 40.12 -1.19 12.70
CA ILE B 226 40.97 -0.45 11.74
C ILE B 226 42.08 0.32 12.47
N VAL B 227 41.99 0.50 13.78
CA VAL B 227 43.02 1.27 14.54
C VAL B 227 44.09 0.35 15.12
N PRO B 228 45.33 0.88 15.27
CA PRO B 228 46.46 0.08 15.72
C PRO B 228 46.51 -0.29 17.20
N GLN B 229 45.94 0.52 18.11
CA GLN B 229 46.00 0.24 19.57
C GLN B 229 44.98 -0.84 19.97
N LYS B 230 45.20 -1.51 21.11
CA LYS B 230 44.23 -2.41 21.77
C LYS B 230 43.08 -1.52 22.26
N ILE B 231 41.81 -1.97 22.11
CA ILE B 231 40.62 -1.10 22.37
C ILE B 231 39.73 -1.84 23.35
N PRO B 232 39.50 -1.24 24.55
CA PRO B 232 38.51 -1.77 25.48
C PRO B 232 37.11 -1.62 24.85
N ALA B 233 36.32 -2.71 24.83
CA ALA B 233 34.95 -2.59 24.33
C ALA B 233 34.01 -3.41 25.17
N GLU B 234 32.72 -3.00 25.07
CA GLU B 234 31.59 -3.79 25.56
C GLU B 234 30.74 -4.21 24.38
N VAL B 235 30.61 -5.53 24.15
CA VAL B 235 29.64 -6.05 23.15
C VAL B 235 28.28 -6.20 23.82
N ARG B 236 27.25 -5.64 23.18
CA ARG B 236 25.83 -5.75 23.62
C ARG B 236 24.95 -6.44 22.56
N VAL B 237 24.16 -7.42 22.97
CA VAL B 237 23.12 -8.00 22.09
C VAL B 237 21.77 -7.78 22.75
N ASN B 238 20.92 -7.01 22.07
CA ASN B 238 19.52 -6.82 22.50
C ASN B 238 18.64 -7.76 21.69
N VAL B 239 17.85 -8.60 22.35
CA VAL B 239 16.79 -9.38 21.68
C VAL B 239 15.45 -8.78 22.03
N SER B 240 14.68 -8.40 21.00
N SER B 240 14.67 -8.35 21.02
CA SER B 240 13.35 -7.78 21.17
CA SER B 240 13.33 -7.75 21.24
C SER B 240 12.29 -8.51 20.34
C SER B 240 12.29 -8.36 20.30
N LEU B 241 11.02 -8.35 20.75
CA LEU B 241 9.83 -8.82 20.01
C LEU B 241 8.81 -7.71 20.01
N ASN B 242 8.57 -7.15 18.84
CA ASN B 242 7.50 -6.14 18.61
C ASN B 242 7.73 -4.93 19.52
N GLY B 243 8.99 -4.54 19.69
CA GLY B 243 9.37 -3.27 20.34
C GLY B 243 9.57 -3.40 21.86
N THR B 244 9.53 -4.61 22.42
CA THR B 244 9.90 -4.89 23.84
C THR B 244 11.07 -5.89 23.91
N THR B 245 12.16 -5.49 24.57
CA THR B 245 13.29 -6.34 24.93
C THR B 245 12.74 -7.60 25.58
N VAL B 246 13.17 -8.77 25.13
CA VAL B 246 12.95 -10.03 25.90
C VAL B 246 14.27 -10.44 26.55
N THR B 247 15.43 -10.17 25.95
CA THR B 247 16.72 -10.49 26.59
C THR B 247 17.83 -9.53 26.19
N GLU B 248 18.73 -9.24 27.12
CA GLU B 248 19.88 -8.31 26.87
C GLU B 248 21.16 -8.98 27.38
N VAL B 249 22.19 -9.15 26.57
CA VAL B 249 23.45 -9.80 27.03
C VAL B 249 24.60 -8.90 26.67
N LYS B 250 25.67 -8.94 27.48
CA LYS B 250 26.80 -7.97 27.45
C LYS B 250 28.07 -8.75 27.80
N GLN B 251 29.14 -8.45 27.10
CA GLN B 251 30.46 -9.10 27.29
C GLN B 251 31.52 -8.02 27.07
N GLN B 252 32.34 -7.76 28.09
CA GLN B 252 33.54 -6.87 28.01
C GLN B 252 34.58 -7.58 27.10
N VAL B 253 35.22 -6.84 26.21
CA VAL B 253 36.24 -7.44 25.30
C VAL B 253 37.36 -6.45 25.12
N THR B 254 38.47 -6.99 24.66
CA THR B 254 39.60 -6.20 24.20
C THR B 254 39.77 -6.56 22.74
N LEU B 255 39.58 -5.57 21.86
CA LEU B 255 39.68 -5.70 20.39
C LEU B 255 41.14 -5.48 20.00
N GLN B 256 41.62 -6.28 19.06
CA GLN B 256 42.97 -6.18 18.44
CA GLN B 256 42.96 -6.14 18.46
C GLN B 256 42.79 -5.64 17.02
N PRO B 257 43.76 -4.91 16.47
CA PRO B 257 43.66 -4.50 15.07
C PRO B 257 43.39 -5.75 14.22
N GLY B 258 42.58 -5.61 13.16
CA GLY B 258 42.22 -6.74 12.27
C GLY B 258 41.04 -7.52 12.82
N ILE B 259 40.94 -8.76 12.39
CA ILE B 259 39.76 -9.62 12.59
C ILE B 259 39.68 -9.99 14.06
N ASN B 260 38.49 -9.89 14.64
CA ASN B 260 38.14 -10.31 16.01
C ASN B 260 36.92 -11.23 15.87
N HIS B 261 36.97 -12.42 16.45
CA HIS B 261 35.82 -13.35 16.50
C HIS B 261 35.26 -13.29 17.92
N ILE B 262 34.01 -12.87 18.07
CA ILE B 262 33.34 -12.72 19.39
C ILE B 262 32.10 -13.59 19.39
N THR B 263 31.81 -14.25 20.50
CA THR B 263 30.61 -15.11 20.63
C THR B 263 29.95 -14.83 21.97
N LEU B 264 28.66 -14.46 21.95
CA LEU B 264 27.86 -14.24 23.20
C LEU B 264 26.61 -15.07 23.03
N PRO B 265 26.33 -15.90 24.05
CA PRO B 265 25.10 -16.67 24.10
C PRO B 265 23.89 -15.79 24.42
N ALA B 266 22.72 -16.20 23.97
CA ALA B 266 21.48 -15.62 24.51
C ALA B 266 20.39 -16.70 24.53
N GLU B 267 19.46 -16.63 25.48
CA GLU B 267 18.33 -17.54 25.59
C GLU B 267 17.03 -16.75 25.46
N VAL B 268 16.04 -17.32 24.78
CA VAL B 268 14.67 -16.72 24.77
C VAL B 268 13.79 -17.79 25.41
N THR B 269 13.18 -17.47 26.55
CA THR B 269 12.27 -18.39 27.28
C THR B 269 10.89 -18.36 26.63
N ASN B 270 10.20 -19.50 26.57
CA ASN B 270 8.85 -19.66 25.92
C ASN B 270 8.84 -18.94 24.57
N PRO B 271 9.81 -19.26 23.70
CA PRO B 271 9.96 -18.51 22.45
C PRO B 271 8.69 -18.56 21.57
N VAL B 272 8.42 -17.47 20.87
CA VAL B 272 7.28 -17.46 19.88
C VAL B 272 7.79 -17.89 18.49
N ARG B 273 7.32 -19.06 18.05
CA ARG B 273 7.90 -19.69 16.83
C ARG B 273 7.46 -18.91 15.59
N TRP B 274 8.34 -18.83 14.61
CA TRP B 274 8.01 -18.51 13.20
C TRP B 274 7.27 -19.69 12.58
N MET B 275 6.08 -19.49 12.01
CA MET B 275 5.22 -20.49 11.33
CA MET B 275 5.43 -20.63 11.31
C MET B 275 5.28 -20.24 9.83
N PRO B 276 5.26 -21.27 8.98
CA PRO B 276 5.11 -21.03 7.55
C PRO B 276 3.65 -20.61 7.23
N ASN B 277 3.49 -20.02 6.04
CA ASN B 277 2.20 -19.48 5.55
C ASN B 277 1.12 -20.58 5.62
N GLY B 278 0.04 -20.29 6.34
CA GLY B 278 -1.06 -21.23 6.55
C GLY B 278 -1.10 -21.75 7.98
N TRP B 279 0.04 -21.77 8.67
CA TRP B 279 0.22 -22.40 10.01
C TRP B 279 0.34 -21.35 11.11
N GLY B 280 0.17 -20.08 10.80
CA GLY B 280 0.19 -19.06 11.87
C GLY B 280 1.01 -17.86 11.45
N THR B 281 1.49 -17.12 12.43
CA THR B 281 2.27 -15.88 12.30
C THR B 281 3.72 -16.23 11.95
N PRO B 282 4.30 -15.53 10.96
CA PRO B 282 5.74 -15.65 10.71
C PRO B 282 6.54 -14.72 11.64
N THR B 283 6.53 -15.07 12.94
CA THR B 283 7.02 -14.23 14.05
C THR B 283 8.52 -13.98 13.89
N LEU B 284 8.94 -12.71 13.90
CA LEU B 284 10.33 -12.28 13.74
C LEU B 284 10.71 -11.46 14.98
N TYR B 285 11.66 -12.00 15.70
CA TYR B 285 12.43 -11.23 16.71
C TYR B 285 13.39 -10.29 15.98
N ASP B 286 13.73 -9.20 16.66
CA ASP B 286 14.81 -8.25 16.35
C ASP B 286 16.02 -8.57 17.25
N PHE B 287 17.11 -9.01 16.62
CA PHE B 287 18.42 -9.26 17.29
C PHE B 287 19.34 -8.14 16.81
N SER B 288 19.87 -7.40 17.77
CA SER B 288 20.74 -6.24 17.52
C SER B 288 22.08 -6.36 18.30
N ALA B 289 23.20 -6.26 17.60
CA ALA B 289 24.56 -6.51 18.10
C ALA B 289 25.19 -5.14 18.04
N GLN B 290 25.74 -4.68 19.19
CA GLN B 290 26.34 -3.32 19.25
C GLN B 290 27.79 -3.40 19.80
N ILE B 291 28.73 -2.67 19.20
CA ILE B 291 30.12 -2.52 19.78
C ILE B 291 30.19 -1.15 20.44
N ALA B 292 30.27 -1.16 21.79
CA ALA B 292 30.33 0.06 22.62
C ALA B 292 31.76 0.32 23.13
N CYS B 293 32.25 1.51 22.82
CA CYS B 293 33.57 2.10 23.18
C CYS B 293 33.20 3.39 23.88
N GLY B 294 33.09 3.30 25.22
CA GLY B 294 32.46 4.35 26.05
C GLY B 294 30.95 4.43 25.92
N ASP B 295 30.43 5.65 25.89
CA ASP B 295 29.12 6.13 25.39
C ASP B 295 28.87 5.77 23.91
N ARG B 296 29.94 5.49 23.12
CA ARG B 296 29.89 5.50 21.62
C ARG B 296 29.59 4.06 21.13
N ILE B 297 28.46 3.90 20.44
CA ILE B 297 28.14 2.71 19.61
C ILE B 297 28.82 2.89 18.28
N VAL B 298 30.02 2.33 18.15
CA VAL B 298 30.87 2.59 16.96
C VAL B 298 30.34 1.71 15.82
N ALA B 299 29.71 0.59 16.17
CA ALA B 299 29.24 -0.40 15.19
C ALA B 299 28.00 -1.10 15.71
N GLU B 300 27.03 -1.20 14.82
CA GLU B 300 25.77 -1.89 15.14
C GLU B 300 25.35 -2.70 13.93
N GLN B 301 24.83 -3.88 14.15
CA GLN B 301 24.18 -4.64 13.05
C GLN B 301 22.96 -5.34 13.61
N SER B 302 21.87 -5.42 12.83
CA SER B 302 20.61 -6.12 13.20
CA SER B 302 20.68 -6.21 13.26
C SER B 302 20.24 -7.19 12.17
N HIS B 303 19.56 -8.22 12.62
CA HIS B 303 18.78 -9.16 11.81
C HIS B 303 17.43 -9.39 12.46
N ARG B 304 16.43 -9.60 11.60
CA ARG B 304 15.16 -10.24 11.96
C ARG B 304 15.44 -11.72 11.99
N ILE B 305 14.95 -12.41 13.01
CA ILE B 305 15.25 -13.82 13.31
C ILE B 305 13.91 -14.47 13.61
N GLY B 306 13.68 -15.58 12.95
CA GLY B 306 12.53 -16.44 13.20
C GLY B 306 13.03 -17.68 13.89
N LEU B 307 12.42 -18.02 15.02
CA LEU B 307 12.79 -19.16 15.87
C LEU B 307 11.94 -20.31 15.38
N ARG B 308 12.57 -21.22 14.67
CA ARG B 308 11.87 -22.41 14.17
C ARG B 308 12.91 -23.49 13.89
N THR B 309 12.47 -24.73 13.69
CA THR B 309 13.33 -25.78 13.14
C THR B 309 12.80 -26.06 11.72
N ILE B 310 13.74 -26.22 10.83
CA ILE B 310 13.51 -26.82 9.48
C ILE B 310 14.49 -27.96 9.31
N ARG B 311 13.96 -29.16 9.08
N ARG B 311 13.95 -29.18 9.23
CA ARG B 311 14.72 -30.43 8.89
CA ARG B 311 14.69 -30.39 8.83
C ARG B 311 14.30 -31.07 7.56
C ARG B 311 14.22 -30.80 7.44
N VAL B 312 15.15 -31.08 6.54
CA VAL B 312 14.83 -31.83 5.31
C VAL B 312 15.06 -33.30 5.60
N VAL B 313 14.03 -34.14 5.53
CA VAL B 313 14.12 -35.62 5.73
C VAL B 313 14.30 -36.28 4.37
N ASN B 314 15.49 -36.85 4.17
CA ASN B 314 15.90 -37.45 2.89
C ASN B 314 16.48 -38.81 3.26
N GLU B 315 15.64 -39.80 3.38
CA GLU B 315 16.08 -41.09 3.96
C GLU B 315 15.46 -42.24 3.14
N LYS B 316 16.15 -43.40 3.14
CA LYS B 316 15.67 -44.68 2.57
C LYS B 316 14.41 -45.06 3.32
N ASP B 317 13.44 -45.59 2.61
CA ASP B 317 12.19 -46.08 3.24
C ASP B 317 11.65 -47.13 2.28
N LYS B 318 10.48 -47.67 2.61
CA LYS B 318 9.83 -48.78 1.84
C LYS B 318 9.62 -48.36 0.36
N ASP B 319 9.56 -47.05 0.08
CA ASP B 319 9.14 -46.48 -1.23
C ASP B 319 10.34 -45.97 -2.00
N GLY B 320 11.54 -46.03 -1.43
CA GLY B 320 12.80 -45.59 -2.09
C GLY B 320 13.54 -44.57 -1.22
N GLU B 321 13.48 -43.26 -1.53
CA GLU B 321 14.12 -42.20 -0.69
C GLU B 321 13.18 -41.01 -0.55
N SER B 322 12.67 -40.78 0.66
CA SER B 322 11.75 -39.67 1.01
C SER B 322 12.46 -38.35 0.68
N PHE B 323 11.69 -37.29 0.54
CA PHE B 323 12.27 -35.92 0.42
C PHE B 323 11.21 -34.94 0.87
N TYR B 324 11.22 -34.58 2.13
CA TYR B 324 10.21 -33.62 2.62
C TYR B 324 10.82 -32.74 3.68
N PHE B 325 10.05 -31.70 3.97
CA PHE B 325 10.34 -30.69 4.99
C PHE B 325 9.52 -30.97 6.26
N GLU B 326 10.22 -30.90 7.40
N GLU B 326 10.22 -30.94 7.39
CA GLU B 326 9.62 -30.96 8.75
CA GLU B 326 9.62 -30.95 8.75
C GLU B 326 9.86 -29.58 9.35
C GLU B 326 9.86 -29.56 9.31
N VAL B 327 8.78 -28.83 9.61
CA VAL B 327 8.85 -27.46 10.19
C VAL B 327 8.23 -27.46 11.59
N ASN B 328 8.96 -26.96 12.57
CA ASN B 328 8.60 -27.06 14.01
C ASN B 328 8.16 -28.47 14.35
N GLY B 329 8.91 -29.45 13.87
CA GLY B 329 8.68 -30.89 14.09
C GLY B 329 7.46 -31.44 13.35
N ILE B 330 6.80 -30.69 12.46
CA ILE B 330 5.60 -31.17 11.73
C ILE B 330 5.91 -31.30 10.25
N PRO B 331 5.65 -32.48 9.63
CA PRO B 331 5.80 -32.64 8.18
C PRO B 331 4.88 -31.65 7.44
N MET B 332 5.45 -30.86 6.54
CA MET B 332 4.76 -29.73 5.87
C MET B 332 4.79 -30.07 4.38
N PHE B 333 3.63 -30.31 3.79
CA PHE B 333 3.54 -30.64 2.34
C PHE B 333 3.83 -29.33 1.64
N ALA B 334 4.88 -29.28 0.80
CA ALA B 334 5.33 -28.01 0.17
C ALA B 334 4.45 -27.63 -0.99
N LYS B 335 4.07 -26.34 -1.07
CA LYS B 335 3.16 -25.86 -2.14
C LYS B 335 3.73 -24.55 -2.65
N GLY B 336 4.12 -24.52 -3.92
CA GLY B 336 4.76 -23.31 -4.49
C GLY B 336 5.23 -23.52 -5.90
N ALA B 337 6.30 -22.85 -6.23
CA ALA B 337 6.73 -22.58 -7.62
C ALA B 337 8.20 -22.26 -7.68
N ASN B 338 8.75 -22.41 -8.86
CA ASN B 338 10.11 -21.99 -9.21
C ASN B 338 10.12 -20.54 -9.68
N TYR B 339 11.01 -19.76 -9.07
CA TYR B 339 11.20 -18.32 -9.34
C TYR B 339 12.44 -18.09 -10.22
N ILE B 340 12.26 -17.21 -11.24
CA ILE B 340 13.28 -16.74 -12.21
C ILE B 340 13.40 -15.24 -11.98
N PRO B 341 14.44 -14.55 -12.52
CA PRO B 341 14.56 -13.10 -12.41
C PRO B 341 13.29 -12.45 -12.94
N GLN B 342 12.91 -11.31 -12.38
CA GLN B 342 11.64 -10.65 -12.74
C GLN B 342 11.88 -9.77 -13.96
N ASP B 343 13.11 -9.63 -14.36
CA ASP B 343 13.49 -8.78 -15.50
C ASP B 343 14.80 -9.23 -16.16
N ALA B 344 14.93 -8.87 -17.44
CA ALA B 344 16.19 -8.99 -18.22
C ALA B 344 17.22 -8.01 -17.65
N LEU B 345 16.74 -6.92 -17.07
CA LEU B 345 17.52 -5.84 -16.42
C LEU B 345 17.18 -5.75 -14.92
N LEU B 346 18.04 -6.36 -14.10
CA LEU B 346 17.71 -6.70 -12.70
C LEU B 346 17.43 -5.47 -11.89
N PRO B 347 18.22 -4.38 -12.04
CA PRO B 347 17.96 -3.16 -11.29
C PRO B 347 16.69 -2.40 -11.66
N ASN B 348 16.02 -2.80 -12.75
CA ASN B 348 14.70 -2.22 -13.08
C ASN B 348 13.64 -2.78 -12.14
N VAL B 349 13.95 -3.86 -11.41
CA VAL B 349 12.94 -4.43 -10.53
C VAL B 349 12.79 -3.59 -9.27
N THR B 350 11.65 -2.94 -9.09
CA THR B 350 11.40 -2.05 -7.93
C THR B 350 10.94 -2.82 -6.70
N THR B 351 11.01 -2.14 -5.58
CA THR B 351 10.51 -2.64 -4.28
C THR B 351 9.04 -3.05 -4.39
N GLU B 352 8.23 -2.20 -5.00
CA GLU B 352 6.78 -2.48 -5.29
C GLU B 352 6.64 -3.81 -6.02
N ARG B 353 7.49 -4.06 -7.02
CA ARG B 353 7.41 -5.28 -7.86
C ARG B 353 7.74 -6.52 -7.00
N TYR B 354 8.76 -6.42 -6.15
CA TYR B 354 9.06 -7.53 -5.22
C TYR B 354 7.83 -7.72 -4.32
N GLN B 355 7.33 -6.68 -3.65
CA GLN B 355 6.16 -6.80 -2.72
C GLN B 355 4.97 -7.43 -3.47
N THR B 356 4.67 -7.01 -4.69
CA THR B 356 3.50 -7.55 -5.43
C THR B 356 3.68 -9.04 -5.65
N LEU B 357 4.88 -9.43 -6.00
CA LEU B 357 5.09 -10.85 -6.31
C LEU B 357 4.92 -11.69 -5.05
N PHE B 358 5.40 -11.21 -3.90
CA PHE B 358 5.17 -11.90 -2.60
C PHE B 358 3.67 -11.89 -2.26
N ARG B 359 2.95 -10.81 -2.56
CA ARG B 359 1.47 -10.86 -2.36
C ARG B 359 0.88 -12.02 -3.21
N ASP B 360 1.36 -12.16 -4.43
CA ASP B 360 0.90 -13.20 -5.40
C ASP B 360 1.15 -14.61 -4.86
N MET B 361 2.32 -14.90 -4.28
CA MET B 361 2.60 -16.25 -3.74
C MET B 361 1.73 -16.52 -2.48
N LYS B 362 1.60 -15.50 -1.63
CA LYS B 362 0.88 -15.64 -0.35
C LYS B 362 -0.61 -15.86 -0.62
N GLU B 363 -1.17 -15.08 -1.52
CA GLU B 363 -2.61 -15.14 -1.89
C GLU B 363 -2.91 -16.49 -2.56
N ALA B 364 -1.92 -17.14 -3.15
CA ALA B 364 -2.13 -18.46 -3.78
C ALA B 364 -1.83 -19.59 -2.77
N ASN B 365 -1.76 -19.28 -1.47
CA ASN B 365 -1.64 -20.31 -0.40
C ASN B 365 -0.30 -21.01 -0.49
N MET B 366 0.72 -20.38 -1.10
CA MET B 366 2.04 -21.04 -1.23
C MET B 366 2.81 -20.99 0.10
N ASN B 367 3.64 -21.99 0.33
CA ASN B 367 4.55 -22.02 1.49
C ASN B 367 6.00 -22.27 1.09
N MET B 368 6.29 -22.36 -0.20
CA MET B 368 7.69 -22.47 -0.63
C MET B 368 7.91 -21.78 -1.96
N VAL B 369 9.08 -21.19 -2.13
CA VAL B 369 9.61 -20.80 -3.46
C VAL B 369 11.01 -21.40 -3.65
N ARG B 370 11.33 -21.78 -4.88
CA ARG B 370 12.70 -22.22 -5.27
C ARG B 370 13.32 -21.14 -6.12
N ILE B 371 14.47 -20.63 -5.70
CA ILE B 371 15.22 -19.63 -6.46
C ILE B 371 16.17 -20.38 -7.36
N TRP B 372 15.74 -20.55 -8.59
CA TRP B 372 16.40 -21.46 -9.52
C TRP B 372 17.79 -20.92 -9.93
N GLY B 373 18.68 -21.82 -10.14
CA GLY B 373 20.11 -21.54 -10.29
C GLY B 373 20.52 -20.98 -11.64
N GLY B 374 19.61 -20.53 -12.51
CA GLY B 374 20.01 -19.77 -13.70
C GLY B 374 19.83 -18.28 -13.50
N GLY B 375 19.48 -17.83 -12.29
CA GLY B 375 19.21 -16.39 -12.07
C GLY B 375 20.28 -15.72 -11.21
N THR B 376 19.89 -15.15 -10.07
CA THR B 376 20.85 -14.58 -9.10
C THR B 376 20.50 -15.10 -7.73
N TYR B 377 21.48 -15.10 -6.82
CA TYR B 377 21.21 -14.96 -5.37
C TYR B 377 20.42 -13.68 -5.24
N GLU B 378 19.17 -13.75 -4.78
CA GLU B 378 18.29 -12.57 -4.82
C GLU B 378 18.67 -11.53 -3.76
N ASN B 379 18.21 -10.32 -3.97
CA ASN B 379 18.51 -9.22 -3.06
C ASN B 379 18.03 -9.54 -1.64
N ASN B 380 18.50 -8.74 -0.69
CA ASN B 380 18.14 -8.91 0.74
C ASN B 380 16.61 -8.70 0.90
N LEU B 381 15.99 -7.81 0.16
CA LEU B 381 14.52 -7.57 0.22
C LEU B 381 13.73 -8.85 -0.08
N PHE B 382 14.14 -9.60 -1.09
CA PHE B 382 13.47 -10.86 -1.46
C PHE B 382 13.34 -11.77 -0.25
N TYR B 383 14.47 -12.07 0.42
CA TYR B 383 14.46 -12.95 1.61
C TYR B 383 13.73 -12.31 2.80
N ASP B 384 13.80 -11.01 2.98
CA ASP B 384 13.04 -10.31 4.04
C ASP B 384 11.53 -10.57 3.83
N LEU B 385 11.07 -10.44 2.59
CA LEU B 385 9.66 -10.64 2.20
C LEU B 385 9.29 -12.12 2.40
N ALA B 386 10.18 -13.00 2.06
CA ALA B 386 9.85 -14.42 2.32
C ALA B 386 9.71 -14.64 3.82
N ASP B 387 10.62 -14.02 4.62
CA ASP B 387 10.57 -14.14 6.10
C ASP B 387 9.18 -13.69 6.64
N GLU B 388 8.75 -12.51 6.23
CA GLU B 388 7.55 -11.87 6.81
C GLU B 388 6.29 -12.44 6.16
N ASN B 389 6.37 -13.29 5.14
CA ASN B 389 5.20 -13.86 4.47
C ASN B 389 5.17 -15.37 4.70
N GLY B 390 6.12 -15.88 5.46
CA GLY B 390 6.07 -17.31 5.83
C GLY B 390 6.34 -18.23 4.65
N ILE B 391 7.14 -17.81 3.68
CA ILE B 391 7.45 -18.70 2.54
C ILE B 391 8.82 -19.30 2.69
N LEU B 392 8.95 -20.64 2.82
CA LEU B 392 10.29 -21.29 2.84
C LEU B 392 11.00 -21.04 1.50
N VAL B 393 12.31 -20.86 1.55
CA VAL B 393 13.14 -20.66 0.35
C VAL B 393 14.09 -21.86 0.15
N TRP B 394 14.02 -22.42 -1.04
CA TRP B 394 14.99 -23.41 -1.57
C TRP B 394 15.99 -22.63 -2.41
N GLN B 395 17.26 -22.58 -2.03
CA GLN B 395 18.17 -21.67 -2.76
C GLN B 395 19.15 -22.50 -3.58
N ASP B 396 19.08 -22.41 -4.90
CA ASP B 396 20.06 -23.10 -5.78
C ASP B 396 21.30 -22.24 -5.73
N PHE B 397 22.49 -22.84 -5.80
CA PHE B 397 23.67 -22.04 -6.23
C PHE B 397 23.48 -21.78 -7.73
N MET B 398 24.12 -20.76 -8.28
CA MET B 398 23.79 -20.25 -9.64
C MET B 398 24.58 -21.02 -10.71
N PHE B 399 24.29 -22.30 -10.78
CA PHE B 399 24.76 -23.24 -11.82
C PHE B 399 23.52 -23.90 -12.39
N ALA B 400 23.32 -23.88 -13.72
CA ALA B 400 22.12 -24.54 -14.33
C ALA B 400 22.41 -25.14 -15.71
N CYS B 401 22.13 -26.45 -15.81
CA CYS B 401 21.82 -27.20 -17.05
C CYS B 401 23.08 -27.45 -17.89
N THR B 402 24.27 -27.03 -17.50
CA THR B 402 25.53 -27.35 -18.23
C THR B 402 26.53 -27.79 -17.18
N PRO B 403 27.47 -28.69 -17.54
CA PRO B 403 28.68 -28.83 -16.75
C PRO B 403 29.42 -27.48 -16.84
N TYR B 404 30.15 -27.20 -15.78
CA TYR B 404 31.01 -26.00 -15.62
C TYR B 404 32.47 -26.44 -15.54
N PRO B 405 33.42 -25.51 -15.81
CA PRO B 405 34.82 -25.70 -15.41
C PRO B 405 34.96 -26.06 -13.92
N SER B 406 36.11 -26.61 -13.59
CA SER B 406 36.46 -27.07 -12.25
C SER B 406 37.95 -26.80 -11.94
N ASP B 407 38.59 -25.90 -12.69
CA ASP B 407 40.03 -25.54 -12.50
C ASP B 407 40.14 -24.74 -11.20
N PRO B 408 41.34 -24.75 -10.55
CA PRO B 408 41.57 -24.06 -9.29
C PRO B 408 41.12 -22.59 -9.27
N THR B 409 41.39 -21.81 -10.31
CA THR B 409 41.03 -20.38 -10.34
C THR B 409 39.51 -20.24 -10.27
N PHE B 410 38.80 -20.97 -11.13
CA PHE B 410 37.33 -20.97 -11.21
C PHE B 410 36.72 -21.39 -9.85
N LEU B 411 37.24 -22.44 -9.25
CA LEU B 411 36.73 -22.90 -7.94
C LEU B 411 36.97 -21.86 -6.86
N LYS B 412 38.07 -21.09 -6.96
CA LYS B 412 38.40 -20.02 -5.99
C LYS B 412 37.35 -18.93 -6.07
N ARG B 413 36.97 -18.51 -7.25
CA ARG B 413 35.86 -17.58 -7.51
C ARG B 413 34.54 -18.13 -6.98
N VAL B 414 34.25 -19.40 -7.21
CA VAL B 414 33.00 -19.97 -6.68
C VAL B 414 33.06 -19.98 -5.16
N GLU B 415 34.17 -20.36 -4.56
CA GLU B 415 34.27 -20.37 -3.08
C GLU B 415 33.92 -18.97 -2.57
N ALA B 416 34.43 -17.93 -3.22
CA ALA B 416 34.20 -16.55 -2.74
C ALA B 416 32.68 -16.29 -2.75
N GLU B 417 32.02 -16.73 -3.82
CA GLU B 417 30.59 -16.39 -3.98
C GLU B 417 29.78 -17.19 -2.96
N ALA B 418 30.16 -18.43 -2.75
CA ALA B 418 29.44 -19.32 -1.84
C ALA B 418 29.57 -18.70 -0.46
N VAL B 419 30.78 -18.36 -0.05
CA VAL B 419 30.99 -17.81 1.31
C VAL B 419 30.18 -16.51 1.43
N TYR B 420 30.31 -15.61 0.45
CA TYR B 420 29.63 -14.31 0.48
C TYR B 420 28.09 -14.50 0.62
N ASN B 421 27.45 -15.27 -0.27
CA ASN B 421 25.98 -15.39 -0.21
C ASN B 421 25.53 -16.24 0.98
N ILE B 422 26.27 -17.27 1.41
CA ILE B 422 25.88 -18.05 2.58
C ILE B 422 25.86 -17.08 3.77
N ARG B 423 26.93 -16.33 3.99
CA ARG B 423 26.93 -15.38 5.13
C ARG B 423 25.82 -14.34 4.93
N ARG B 424 25.54 -13.93 3.70
CA ARG B 424 24.51 -12.88 3.46
C ARG B 424 23.11 -13.43 3.76
N LEU B 425 22.82 -14.71 3.54
CA LEU B 425 21.45 -15.27 3.59
C LEU B 425 21.18 -16.09 4.85
N ARG B 426 22.20 -16.49 5.61
CA ARG B 426 22.03 -17.54 6.62
C ARG B 426 21.27 -17.06 7.85
N ASN B 427 20.95 -15.80 8.01
CA ASN B 427 20.11 -15.33 9.16
C ASN B 427 18.61 -15.34 8.82
N HIS B 428 18.19 -15.57 7.58
CA HIS B 428 16.75 -15.53 7.15
C HIS B 428 15.99 -16.73 7.67
N ALA B 429 14.93 -16.49 8.42
CA ALA B 429 14.00 -17.57 8.84
C ALA B 429 13.57 -18.39 7.61
N SER B 430 13.41 -17.73 6.47
CA SER B 430 12.79 -18.36 5.26
C SER B 430 13.75 -19.36 4.61
N LEU B 431 15.06 -19.25 4.85
CA LEU B 431 16.00 -20.08 4.08
C LEU B 431 15.94 -21.48 4.60
N ALA B 432 15.60 -22.43 3.72
CA ALA B 432 15.31 -23.79 4.17
C ALA B 432 16.39 -24.77 3.73
N MET B 433 17.08 -24.49 2.64
CA MET B 433 18.01 -25.50 2.06
C MET B 433 18.83 -24.91 0.94
N TRP B 434 19.96 -25.53 0.66
CA TRP B 434 20.80 -25.21 -0.50
C TRP B 434 20.79 -26.36 -1.48
N CYS B 435 20.89 -26.01 -2.72
CA CYS B 435 20.97 -26.99 -3.83
C CYS B 435 22.12 -26.59 -4.76
N GLY B 436 23.01 -27.53 -5.02
CA GLY B 436 24.22 -27.28 -5.84
C GLY B 436 23.93 -26.72 -7.15
N ASN B 437 22.92 -27.25 -7.82
CA ASN B 437 22.63 -26.78 -9.18
C ASN B 437 21.27 -27.31 -9.64
N ASN B 438 20.89 -26.82 -10.81
CA ASN B 438 19.69 -27.30 -11.54
C ASN B 438 20.11 -28.24 -12.68
N GLU B 439 19.83 -29.51 -12.56
CA GLU B 439 19.82 -30.50 -13.70
C GLU B 439 21.22 -30.75 -14.29
N ILE B 440 22.31 -30.44 -13.60
CA ILE B 440 23.63 -30.65 -14.29
C ILE B 440 23.91 -32.15 -14.37
N LEU B 441 23.67 -32.89 -13.30
CA LEU B 441 23.96 -34.34 -13.30
C LEU B 441 23.02 -34.99 -14.29
N GLU B 442 21.77 -34.56 -14.26
CA GLU B 442 20.76 -35.07 -15.24
C GLU B 442 21.33 -34.89 -16.65
N ALA B 443 21.82 -33.70 -16.95
CA ALA B 443 22.37 -33.35 -18.28
C ALA B 443 23.57 -34.23 -18.61
N LEU B 444 24.46 -34.46 -17.64
CA LEU B 444 25.66 -35.30 -17.86
C LEU B 444 25.22 -36.74 -18.14
N LYS B 445 24.20 -37.26 -17.45
CA LYS B 445 23.87 -38.70 -17.57
C LYS B 445 22.91 -38.97 -18.74
N TYR B 446 22.07 -38.01 -19.17
CA TYR B 446 20.83 -38.32 -19.94
C TYR B 446 20.61 -37.39 -21.13
N TRP B 447 21.31 -36.28 -21.29
CA TRP B 447 20.95 -35.35 -22.39
C TRP B 447 21.84 -35.63 -23.62
N GLY B 448 22.46 -36.80 -23.73
CA GLY B 448 23.18 -37.23 -24.93
C GLY B 448 24.49 -36.49 -25.13
N PHE B 449 25.20 -36.13 -24.05
CA PHE B 449 26.41 -35.26 -24.13
C PHE B 449 27.66 -36.11 -24.37
N GLU B 450 27.71 -37.39 -23.91
CA GLU B 450 28.94 -38.22 -24.01
C GLU B 450 29.26 -38.42 -25.50
N LYS B 451 28.25 -38.58 -26.34
CA LYS B 451 28.43 -38.68 -27.81
C LYS B 451 29.15 -37.42 -28.32
N LYS B 452 29.02 -36.28 -27.62
CA LYS B 452 29.37 -34.90 -28.11
C LYS B 452 30.85 -34.57 -27.83
N PHE B 453 31.57 -35.39 -27.08
CA PHE B 453 32.91 -35.02 -26.52
C PHE B 453 33.78 -36.26 -26.62
N THR B 454 35.10 -36.09 -26.71
CA THR B 454 36.05 -37.24 -26.59
C THR B 454 35.78 -37.85 -25.23
N PRO B 455 35.97 -39.17 -25.03
CA PRO B 455 35.90 -39.75 -23.70
C PRO B 455 36.80 -39.07 -22.66
N GLU B 456 37.87 -38.40 -23.12
CA GLU B 456 38.88 -37.76 -22.23
C GLU B 456 38.16 -36.55 -21.62
N VAL B 457 37.61 -35.70 -22.48
CA VAL B 457 36.84 -34.48 -22.08
C VAL B 457 35.65 -34.92 -21.22
N TYR B 458 34.94 -35.99 -21.57
CA TYR B 458 33.75 -36.44 -20.80
C TYR B 458 34.18 -36.84 -19.39
N GLN B 459 35.26 -37.59 -19.23
CA GLN B 459 35.65 -38.08 -17.89
C GLN B 459 36.11 -36.88 -17.04
N GLY B 460 36.66 -35.88 -17.73
CA GLY B 460 37.04 -34.58 -17.17
C GLY B 460 35.82 -33.82 -16.67
N LEU B 461 34.75 -33.86 -17.43
CA LEU B 461 33.49 -33.18 -17.00
C LEU B 461 32.95 -33.85 -15.76
N MET B 462 33.01 -35.17 -15.70
CA MET B 462 32.50 -35.96 -14.55
C MET B 462 33.31 -35.64 -13.31
N HIS B 463 34.63 -35.72 -13.37
CA HIS B 463 35.48 -35.41 -12.18
C HIS B 463 35.20 -33.96 -11.75
N GLY B 464 35.08 -33.01 -12.68
CA GLY B 464 34.84 -31.57 -12.39
C GLY B 464 33.53 -31.39 -11.62
N TYR B 465 32.47 -32.10 -12.05
CA TYR B 465 31.13 -32.11 -11.41
C TYR B 465 31.30 -32.38 -9.91
N ASP B 466 31.98 -33.48 -9.61
CA ASP B 466 32.29 -33.93 -8.23
C ASP B 466 33.08 -32.84 -7.52
N LYS B 467 34.13 -32.29 -8.16
CA LYS B 467 34.97 -31.26 -7.53
C LYS B 467 34.06 -30.10 -7.04
N LEU B 468 33.13 -29.63 -7.88
CA LEU B 468 32.31 -28.43 -7.56
C LEU B 468 31.15 -28.83 -6.62
N PHE B 469 30.31 -29.77 -7.01
CA PHE B 469 28.99 -30.03 -6.40
C PHE B 469 29.04 -31.14 -5.37
N ARG B 470 30.08 -31.99 -5.31
CA ARG B 470 30.11 -32.97 -4.20
C ARG B 470 31.24 -32.69 -3.23
N GLU B 471 32.02 -31.66 -3.45
CA GLU B 471 33.17 -31.40 -2.55
C GLU B 471 33.13 -29.95 -2.08
N LEU B 472 33.33 -29.00 -3.01
CA LEU B 472 33.53 -27.57 -2.64
C LEU B 472 32.23 -27.02 -2.03
N LEU B 473 31.13 -27.07 -2.76
CA LEU B 473 29.83 -26.50 -2.26
C LEU B 473 29.36 -27.18 -0.98
N PRO B 474 29.19 -28.54 -0.86
CA PRO B 474 28.80 -29.16 0.41
C PRO B 474 29.74 -28.84 1.59
N SER B 475 31.07 -28.83 1.38
CA SER B 475 32.00 -28.47 2.47
CA SER B 475 32.02 -28.48 2.47
C SER B 475 31.80 -27.02 2.88
N THR B 476 31.47 -26.12 1.96
CA THR B 476 31.29 -24.69 2.31
C THR B 476 30.00 -24.52 3.15
N VAL B 477 28.97 -25.25 2.82
CA VAL B 477 27.70 -25.22 3.59
C VAL B 477 27.94 -25.83 4.98
N LYS B 478 28.69 -26.93 5.05
CA LYS B 478 29.04 -27.60 6.33
C LYS B 478 29.76 -26.59 7.25
N GLU B 479 30.65 -25.77 6.70
CA GLU B 479 31.45 -24.82 7.49
C GLU B 479 30.59 -23.59 7.90
N PHE B 480 29.79 -23.03 6.98
CA PHE B 480 29.16 -21.70 7.15
C PHE B 480 27.64 -21.75 7.36
N ASP B 481 27.02 -22.90 7.24
CA ASP B 481 25.55 -23.05 7.47
C ASP B 481 25.27 -24.49 7.84
N SER B 482 25.86 -24.96 8.97
CA SER B 482 26.02 -26.40 9.34
CA SER B 482 26.01 -26.40 9.33
C SER B 482 24.64 -27.05 9.63
N ASP B 483 23.66 -26.27 10.07
CA ASP B 483 22.32 -26.80 10.39
C ASP B 483 21.38 -26.76 9.16
N ARG B 484 21.85 -26.40 7.98
CA ARG B 484 20.97 -26.40 6.78
C ARG B 484 21.30 -27.51 5.79
N PHE B 485 20.27 -28.10 5.21
CA PHE B 485 20.45 -29.20 4.24
C PHE B 485 21.13 -28.70 2.98
N TYR B 486 22.03 -29.54 2.42
CA TYR B 486 22.57 -29.39 1.05
C TYR B 486 22.26 -30.64 0.23
N VAL B 487 21.83 -30.43 -0.99
CA VAL B 487 21.78 -31.52 -1.99
C VAL B 487 22.60 -31.06 -3.20
N HIS B 488 23.31 -32.00 -3.84
CA HIS B 488 24.27 -31.71 -4.95
C HIS B 488 23.54 -31.21 -6.20
N SER B 489 22.30 -31.62 -6.44
CA SER B 489 21.60 -31.22 -7.68
C SER B 489 20.07 -31.38 -7.52
N SER B 490 19.31 -30.75 -8.38
CA SER B 490 17.85 -31.00 -8.51
C SER B 490 17.56 -31.30 -9.95
N PRO B 491 17.02 -32.49 -10.35
CA PRO B 491 16.72 -33.59 -9.44
C PRO B 491 17.97 -34.39 -9.09
N TYR B 492 18.06 -34.95 -7.90
CA TYR B 492 19.37 -35.53 -7.49
C TYR B 492 19.55 -36.94 -8.06
N LEU B 493 18.48 -37.71 -8.31
CA LEU B 493 18.65 -39.01 -9.04
C LEU B 493 17.48 -39.33 -9.99
N ALA B 494 16.23 -39.03 -9.61
CA ALA B 494 15.03 -39.31 -10.41
C ALA B 494 15.23 -38.64 -11.77
N ASN B 495 14.83 -39.36 -12.80
CA ASN B 495 14.79 -38.88 -14.19
C ASN B 495 13.42 -39.27 -14.74
N TRP B 496 12.75 -38.36 -15.48
CA TRP B 496 11.33 -38.48 -15.89
C TRP B 496 11.19 -39.67 -16.86
N GLY B 497 12.27 -40.05 -17.55
CA GLY B 497 12.26 -41.18 -18.52
C GLY B 497 12.73 -42.49 -17.85
N ARG B 498 12.89 -42.53 -16.52
CA ARG B 498 13.35 -43.72 -15.76
C ARG B 498 12.32 -43.99 -14.68
N PRO B 499 11.22 -44.69 -15.02
CA PRO B 499 10.12 -44.84 -14.06
C PRO B 499 10.55 -45.49 -12.74
N GLU B 500 11.61 -46.31 -12.75
CA GLU B 500 12.06 -47.03 -11.52
C GLU B 500 12.73 -46.00 -10.57
N SER B 501 13.08 -44.81 -11.07
CA SER B 501 13.83 -43.74 -10.36
C SER B 501 12.90 -42.84 -9.53
N TRP B 502 11.60 -42.95 -9.75
CA TRP B 502 10.64 -41.90 -9.33
C TRP B 502 10.42 -41.90 -7.84
N GLY B 503 10.66 -43.05 -7.17
CA GLY B 503 10.56 -43.20 -5.71
C GLY B 503 11.76 -42.66 -5.01
N THR B 504 12.73 -42.14 -5.74
CA THR B 504 14.02 -41.69 -5.17
C THR B 504 14.15 -40.16 -5.21
N GLY B 505 13.89 -39.45 -4.10
CA GLY B 505 14.19 -38.02 -4.03
C GLY B 505 13.23 -37.21 -4.89
N ASP B 506 13.61 -35.99 -5.23
CA ASP B 506 12.80 -35.03 -6.02
C ASP B 506 12.84 -35.38 -7.50
N SER B 507 11.75 -35.04 -8.20
CA SER B 507 11.49 -35.25 -9.65
C SER B 507 11.31 -33.91 -10.35
N HIS B 508 11.97 -33.75 -11.49
CA HIS B 508 11.57 -32.82 -12.58
C HIS B 508 10.75 -33.63 -13.61
N ASN B 509 9.44 -33.68 -13.46
CA ASN B 509 8.63 -34.48 -14.40
C ASN B 509 8.40 -33.68 -15.67
N TRP B 510 9.20 -33.90 -16.69
CA TRP B 510 8.93 -33.24 -18.01
C TRP B 510 8.31 -34.22 -19.00
N GLY B 511 7.76 -35.36 -18.50
CA GLY B 511 6.86 -36.22 -19.28
C GLY B 511 5.65 -35.44 -19.80
N VAL B 512 5.02 -34.62 -18.96
CA VAL B 512 4.11 -33.56 -19.45
C VAL B 512 4.96 -32.44 -20.04
N TRP B 513 4.56 -31.95 -21.20
CA TRP B 513 5.27 -30.99 -22.06
C TRP B 513 6.28 -31.78 -22.93
N TYR B 514 7.54 -32.03 -22.51
CA TYR B 514 8.61 -32.56 -23.40
C TYR B 514 8.23 -33.97 -23.83
N GLY B 515 7.73 -34.80 -22.93
CA GLY B 515 7.33 -36.17 -23.28
C GLY B 515 5.96 -36.24 -23.94
N LYS B 516 5.22 -35.12 -24.01
CA LYS B 516 3.85 -35.03 -24.58
C LYS B 516 2.86 -35.92 -23.87
N LYS B 517 3.11 -36.33 -22.63
CA LYS B 517 2.13 -37.19 -21.93
C LYS B 517 0.93 -36.34 -21.55
N PRO B 518 -0.25 -36.99 -21.45
CA PRO B 518 -1.46 -36.28 -21.08
C PRO B 518 -1.39 -35.87 -19.61
N PHE B 519 -2.18 -34.84 -19.25
CA PHE B 519 -2.21 -34.32 -17.87
C PHE B 519 -2.60 -35.47 -16.95
N GLU B 520 -3.40 -36.41 -17.44
CA GLU B 520 -3.84 -37.57 -16.63
C GLU B 520 -2.64 -38.40 -16.16
N SER B 521 -1.53 -38.42 -16.88
CA SER B 521 -0.33 -39.20 -16.50
C SER B 521 0.13 -38.73 -15.10
N LEU B 522 -0.18 -37.47 -14.69
CA LEU B 522 0.29 -36.90 -13.40
C LEU B 522 -0.41 -37.61 -12.22
N ASP B 523 -1.51 -38.37 -12.46
CA ASP B 523 -2.23 -39.19 -11.46
C ASP B 523 -1.48 -40.51 -11.20
N THR B 524 -0.72 -41.05 -12.16
CA THR B 524 -0.02 -42.36 -11.99
C THR B 524 1.49 -42.16 -11.88
N ASP B 525 2.04 -41.11 -12.45
CA ASP B 525 3.51 -40.95 -12.50
C ASP B 525 3.96 -40.04 -11.33
N LEU B 526 3.91 -40.56 -10.09
CA LEU B 526 3.97 -39.77 -8.84
C LEU B 526 5.41 -39.72 -8.35
N PRO B 527 5.85 -38.55 -7.85
CA PRO B 527 7.16 -38.42 -7.25
C PRO B 527 7.08 -38.39 -5.72
N ARG B 528 8.23 -38.53 -5.07
CA ARG B 528 8.33 -38.31 -3.61
C ARG B 528 8.16 -36.81 -3.36
N PHE B 529 8.51 -35.99 -4.34
CA PHE B 529 8.49 -34.50 -4.24
C PHE B 529 8.65 -33.96 -5.65
N MET B 530 7.72 -33.12 -6.10
CA MET B 530 7.81 -32.54 -7.46
C MET B 530 8.54 -31.19 -7.38
N SER B 531 9.84 -31.17 -7.75
CA SER B 531 10.62 -29.91 -7.72
C SER B 531 10.41 -29.12 -9.01
N GLU B 532 9.93 -29.77 -10.08
N GLU B 532 9.89 -29.76 -10.06
CA GLU B 532 9.68 -29.11 -11.38
CA GLU B 532 9.63 -29.05 -11.33
C GLU B 532 8.64 -29.90 -12.18
C GLU B 532 8.66 -29.87 -12.22
N PHE B 533 7.59 -29.22 -12.69
CA PHE B 533 6.70 -29.75 -13.77
C PHE B 533 5.96 -28.54 -14.30
N GLY B 534 5.55 -28.57 -15.57
CA GLY B 534 5.08 -27.32 -16.16
C GLY B 534 4.42 -27.46 -17.50
N PHE B 535 3.82 -26.36 -17.92
CA PHE B 535 3.11 -26.36 -19.22
C PHE B 535 3.03 -24.90 -19.67
N GLN B 536 3.32 -24.68 -20.94
CA GLN B 536 3.43 -23.30 -21.49
C GLN B 536 2.03 -22.74 -21.78
N SER B 537 1.94 -21.42 -21.80
CA SER B 537 0.81 -20.68 -22.36
C SER B 537 1.29 -19.35 -22.91
N PHE B 538 0.67 -18.94 -24.01
CA PHE B 538 0.73 -17.54 -24.47
C PHE B 538 0.17 -16.69 -23.34
N PRO B 539 0.77 -15.49 -23.09
CA PRO B 539 0.14 -14.52 -22.19
C PRO B 539 -1.12 -13.91 -22.81
N GLU B 540 -1.94 -13.25 -21.99
CA GLU B 540 -3.23 -12.62 -22.40
C GLU B 540 -3.00 -11.48 -23.41
N MET B 541 -4.02 -11.09 -24.14
CA MET B 541 -3.87 -10.23 -25.35
C MET B 541 -3.17 -8.92 -25.02
N LYS B 542 -3.47 -8.29 -23.88
CA LYS B 542 -2.88 -6.97 -23.52
C LYS B 542 -1.36 -7.10 -23.36
N THR B 543 -0.88 -8.25 -22.97
CA THR B 543 0.58 -8.55 -22.90
C THR B 543 1.10 -8.82 -24.30
N ILE B 544 0.37 -9.55 -25.13
CA ILE B 544 0.80 -9.74 -26.55
C ILE B 544 0.88 -8.38 -27.27
N ALA B 545 -0.09 -7.51 -27.02
CA ALA B 545 -0.18 -6.15 -27.61
C ALA B 545 1.04 -5.32 -27.21
N ALA B 546 1.71 -5.64 -26.10
CA ALA B 546 2.92 -4.90 -25.66
C ALA B 546 4.13 -5.22 -26.54
N PHE B 547 4.22 -6.41 -27.16
CA PHE B 547 5.36 -6.83 -28.01
C PHE B 547 4.97 -7.05 -29.47
N ALA B 548 3.68 -6.98 -29.83
CA ALA B 548 3.17 -7.34 -31.17
C ALA B 548 2.07 -6.39 -31.63
N ALA B 549 2.14 -5.94 -32.89
CA ALA B 549 1.07 -5.12 -33.51
C ALA B 549 0.00 -6.08 -34.04
N PRO B 550 -1.28 -5.63 -34.14
CA PRO B 550 -2.38 -6.49 -34.53
C PRO B 550 -2.08 -7.27 -35.81
N GLU B 551 -1.33 -6.69 -36.75
CA GLU B 551 -0.99 -7.39 -38.03
C GLU B 551 -0.28 -8.70 -37.71
N ASP B 552 0.28 -8.87 -36.51
CA ASP B 552 1.27 -9.96 -36.24
C ASP B 552 0.63 -11.04 -35.34
N TYR B 553 -0.65 -10.86 -35.00
CA TYR B 553 -1.47 -11.75 -34.15
C TYR B 553 -1.76 -13.06 -34.89
N GLN B 554 -0.72 -13.84 -35.12
CA GLN B 554 -0.83 -15.26 -35.52
C GLN B 554 0.18 -16.06 -34.69
N ILE B 555 -0.08 -17.35 -34.48
CA ILE B 555 0.68 -18.26 -33.57
C ILE B 555 2.12 -18.26 -34.09
N GLU B 556 2.34 -17.94 -35.38
CA GLU B 556 3.66 -18.09 -36.05
C GLU B 556 3.97 -16.91 -36.95
N SER B 557 3.47 -15.71 -36.63
CA SER B 557 4.05 -14.47 -37.16
C SER B 557 5.56 -14.46 -36.78
N GLU B 558 6.38 -13.76 -37.57
CA GLU B 558 7.85 -13.66 -37.31
C GLU B 558 8.02 -13.28 -35.82
N VAL B 559 7.30 -12.23 -35.41
CA VAL B 559 7.32 -11.62 -34.06
C VAL B 559 6.84 -12.61 -33.02
N MET B 560 5.80 -13.37 -33.30
CA MET B 560 5.31 -14.34 -32.29
C MET B 560 6.41 -15.35 -31.99
N ASN B 561 7.16 -15.79 -33.01
CA ASN B 561 8.26 -16.78 -32.91
C ASN B 561 9.44 -16.14 -32.14
N ALA B 562 9.64 -14.83 -32.29
CA ALA B 562 10.68 -14.08 -31.54
C ALA B 562 10.40 -14.12 -30.01
N HIS B 563 9.12 -14.16 -29.60
CA HIS B 563 8.66 -14.25 -28.20
C HIS B 563 8.24 -15.65 -27.80
N GLN B 564 8.80 -16.65 -28.48
CA GLN B 564 8.69 -18.08 -28.17
C GLN B 564 10.05 -18.75 -28.34
N LYS B 565 10.70 -19.04 -27.23
CA LYS B 565 12.08 -19.55 -27.18
C LYS B 565 12.04 -21.04 -27.01
N SER B 566 10.84 -21.62 -27.15
CA SER B 566 10.70 -23.11 -27.24
C SER B 566 10.44 -23.45 -28.71
N SER B 567 11.28 -24.29 -29.31
CA SER B 567 11.19 -24.68 -30.74
C SER B 567 9.92 -25.51 -30.95
N ILE B 568 9.51 -26.29 -29.95
CA ILE B 568 8.42 -27.29 -30.10
C ILE B 568 7.08 -26.71 -29.60
N GLY B 569 7.05 -25.45 -29.18
N GLY B 569 7.04 -25.45 -29.16
CA GLY B 569 6.10 -24.98 -28.16
CA GLY B 569 6.07 -25.00 -28.14
C GLY B 569 4.71 -24.72 -28.70
C GLY B 569 4.70 -24.73 -28.70
N ASN B 570 4.63 -23.90 -29.76
CA ASN B 570 3.33 -23.57 -30.42
C ASN B 570 2.64 -24.86 -30.87
N SER B 571 3.38 -25.80 -31.39
CA SER B 571 2.81 -27.07 -31.91
C SER B 571 2.28 -27.84 -30.68
N LEU B 572 3.05 -27.80 -29.59
CA LEU B 572 2.70 -28.61 -28.42
C LEU B 572 1.39 -28.08 -27.82
N ILE B 573 1.26 -26.75 -27.66
CA ILE B 573 0.03 -26.20 -27.04
C ILE B 573 -1.14 -26.67 -27.92
N ARG B 574 -1.06 -26.46 -29.25
CA ARG B 574 -2.14 -26.92 -30.17
C ARG B 574 -2.44 -28.43 -29.94
N THR B 575 -1.41 -29.25 -29.91
CA THR B 575 -1.59 -30.73 -29.77
C THR B 575 -2.34 -31.05 -28.46
N TYR B 576 -1.91 -30.46 -27.35
CA TYR B 576 -2.55 -30.66 -26.03
C TYR B 576 -3.97 -30.12 -26.07
N MET B 577 -4.15 -28.96 -26.69
CA MET B 577 -5.44 -28.25 -26.71
C MET B 577 -6.51 -29.14 -27.33
N GLU B 578 -6.19 -29.77 -28.47
CA GLU B 578 -7.10 -30.66 -29.25
C GLU B 578 -7.52 -31.82 -28.38
N ARG B 579 -6.72 -32.22 -27.40
CA ARG B 579 -7.10 -33.35 -26.52
C ARG B 579 -8.29 -33.02 -25.63
N ASP B 580 -8.51 -31.74 -25.31
CA ASP B 580 -9.48 -31.40 -24.25
C ASP B 580 -10.49 -30.36 -24.70
N TYR B 581 -10.20 -29.63 -25.74
CA TYR B 581 -10.89 -28.41 -26.17
C TYR B 581 -11.01 -28.48 -27.68
N ILE B 582 -12.02 -27.80 -28.18
CA ILE B 582 -12.14 -27.52 -29.63
C ILE B 582 -11.17 -26.38 -29.89
N ILE B 583 -10.28 -26.54 -30.86
CA ILE B 583 -9.29 -25.49 -31.23
C ILE B 583 -10.00 -24.32 -31.87
N PRO B 584 -10.00 -23.12 -31.28
CA PRO B 584 -10.65 -21.98 -31.93
C PRO B 584 -9.95 -21.59 -33.22
N GLU B 585 -10.65 -20.85 -34.05
CA GLU B 585 -10.11 -20.25 -35.31
C GLU B 585 -9.31 -18.99 -35.03
N SER B 586 -9.86 -18.04 -34.27
CA SER B 586 -9.20 -16.74 -34.03
C SER B 586 -8.02 -16.90 -33.03
N PHE B 587 -7.01 -16.10 -33.25
CA PHE B 587 -5.81 -15.94 -32.40
C PHE B 587 -6.27 -15.63 -30.98
N GLU B 588 -7.03 -14.56 -30.83
CA GLU B 588 -7.52 -14.11 -29.52
C GLU B 588 -8.17 -15.29 -28.76
N ASP B 589 -8.98 -16.11 -29.42
CA ASP B 589 -9.74 -17.20 -28.76
C ASP B 589 -8.79 -18.36 -28.41
N PHE B 590 -7.88 -18.66 -29.32
CA PHE B 590 -6.73 -19.59 -29.08
C PHE B 590 -5.96 -19.24 -27.79
N VAL B 591 -5.62 -17.98 -27.63
CA VAL B 591 -4.89 -17.48 -26.44
C VAL B 591 -5.78 -17.64 -25.20
N TYR B 592 -7.08 -17.28 -25.27
CA TYR B 592 -7.99 -17.54 -24.13
C TYR B 592 -8.06 -19.06 -23.81
N VAL B 593 -8.24 -19.89 -24.79
CA VAL B 593 -8.36 -21.34 -24.44
C VAL B 593 -6.99 -21.83 -23.90
N GLY B 594 -5.88 -21.33 -24.44
CA GLY B 594 -4.56 -21.82 -24.04
C GLY B 594 -4.30 -21.51 -22.57
N LEU B 595 -4.77 -20.36 -22.08
CA LEU B 595 -4.67 -20.06 -20.65
C LEU B 595 -5.53 -21.02 -19.84
N VAL B 596 -6.75 -21.32 -20.33
CA VAL B 596 -7.67 -22.21 -19.59
C VAL B 596 -7.01 -23.58 -19.52
N LEU B 597 -6.43 -23.98 -20.63
CA LEU B 597 -5.77 -25.29 -20.81
C LEU B 597 -4.63 -25.44 -19.77
N GLN B 598 -3.72 -24.46 -19.70
CA GLN B 598 -2.50 -24.53 -18.81
C GLN B 598 -2.97 -24.62 -17.35
N GLY B 599 -4.04 -23.90 -17.02
CA GLY B 599 -4.62 -23.89 -15.68
C GLY B 599 -5.25 -25.18 -15.29
N GLN B 600 -6.15 -25.68 -16.13
CA GLN B 600 -6.91 -26.91 -15.84
C GLN B 600 -5.90 -28.03 -15.76
N GLY B 601 -4.97 -28.13 -16.73
CA GLY B 601 -4.10 -29.31 -16.79
C GLY B 601 -3.09 -29.31 -15.63
N MET B 602 -2.47 -28.16 -15.36
CA MET B 602 -1.51 -28.08 -14.21
C MET B 602 -2.23 -28.29 -12.86
N ARG B 603 -3.44 -27.76 -12.66
CA ARG B 603 -4.26 -27.97 -11.45
C ARG B 603 -4.46 -29.47 -11.26
N HIS B 604 -4.77 -30.18 -12.35
CA HIS B 604 -4.91 -31.64 -12.29
C HIS B 604 -3.67 -32.23 -11.65
N GLY B 605 -2.46 -31.79 -12.03
CA GLY B 605 -1.24 -32.30 -11.38
C GLY B 605 -1.06 -31.86 -9.94
N LEU B 606 -1.24 -30.58 -9.67
CA LEU B 606 -1.06 -30.05 -8.30
C LEU B 606 -1.96 -30.87 -7.35
N GLU B 607 -3.18 -31.20 -7.80
CA GLU B 607 -4.15 -31.95 -6.98
C GLU B 607 -3.66 -33.38 -6.83
N ALA B 608 -3.14 -34.02 -7.89
CA ALA B 608 -2.62 -35.41 -7.73
C ALA B 608 -1.49 -35.50 -6.70
N HIS B 609 -0.65 -34.47 -6.60
CA HIS B 609 0.53 -34.42 -5.70
C HIS B 609 0.04 -34.34 -4.27
N ARG B 610 -0.83 -33.37 -3.96
CA ARG B 610 -1.52 -33.25 -2.63
C ARG B 610 -2.32 -34.54 -2.31
N ARG B 611 -3.01 -35.11 -3.28
CA ARG B 611 -3.91 -36.27 -3.04
C ARG B 611 -3.09 -37.49 -2.59
N ASN B 612 -1.85 -37.58 -3.03
CA ASN B 612 -0.95 -38.74 -2.80
C ASN B 612 0.07 -38.48 -1.67
N ARG B 613 -0.23 -37.56 -0.76
N ARG B 613 -0.22 -37.56 -0.76
CA ARG B 613 0.48 -37.43 0.53
CA ARG B 613 0.52 -37.44 0.51
C ARG B 613 0.09 -38.65 1.35
C ARG B 613 0.11 -38.63 1.35
N PRO B 614 1.02 -39.34 2.07
CA PRO B 614 2.45 -38.96 2.15
C PRO B 614 3.50 -39.52 1.19
N TYR B 615 3.15 -40.38 0.24
CA TYR B 615 4.08 -40.83 -0.80
C TYR B 615 4.80 -39.61 -1.42
N CYS B 616 4.01 -38.60 -1.78
CA CYS B 616 4.44 -37.30 -2.34
C CYS B 616 4.32 -36.24 -1.24
N MET B 617 5.33 -35.41 -1.07
CA MET B 617 5.35 -34.42 0.03
C MET B 617 5.61 -33.00 -0.48
N GLY B 618 5.40 -32.75 -1.77
CA GLY B 618 5.42 -31.35 -2.22
C GLY B 618 5.32 -31.21 -3.71
N THR B 619 5.02 -29.99 -4.14
CA THR B 619 4.88 -29.71 -5.58
C THR B 619 5.23 -28.25 -5.76
N LEU B 620 6.26 -28.01 -6.56
CA LEU B 620 6.69 -26.67 -7.00
C LEU B 620 6.63 -26.65 -8.52
N TYR B 621 5.66 -25.95 -9.11
CA TYR B 621 5.58 -25.99 -10.58
C TYR B 621 6.64 -25.06 -11.19
N TRP B 622 6.96 -25.33 -12.43
CA TRP B 622 7.76 -24.48 -13.33
C TRP B 622 6.74 -23.76 -14.22
N GLN B 623 6.57 -22.43 -14.15
CA GLN B 623 7.38 -21.49 -13.37
C GLN B 623 6.48 -20.39 -12.82
N LEU B 624 6.85 -19.75 -11.74
CA LEU B 624 5.97 -18.69 -11.17
C LEU B 624 5.81 -17.55 -12.20
N ASN B 625 6.91 -17.07 -12.74
CA ASN B 625 7.02 -15.65 -13.20
C ASN B 625 7.80 -15.52 -14.51
N ASP B 626 7.81 -14.33 -15.07
CA ASP B 626 8.46 -14.01 -16.36
C ASP B 626 9.36 -12.78 -16.22
N SER B 627 10.47 -12.82 -16.98
CA SER B 627 11.47 -11.74 -17.02
C SER B 627 11.21 -10.73 -18.14
N TRP B 628 10.29 -11.04 -19.09
CA TRP B 628 9.94 -10.16 -20.24
C TRP B 628 8.65 -10.67 -20.90
N PRO B 629 8.01 -9.91 -21.83
CA PRO B 629 6.78 -10.39 -22.50
C PRO B 629 7.15 -11.57 -23.41
N VAL B 630 6.66 -12.77 -23.08
CA VAL B 630 7.05 -13.99 -23.81
C VAL B 630 5.97 -15.07 -23.67
N VAL B 631 6.03 -16.11 -24.48
CA VAL B 631 5.27 -17.38 -24.25
C VAL B 631 6.09 -18.23 -23.29
N SER B 632 5.53 -18.60 -22.15
CA SER B 632 6.30 -19.35 -21.11
CA SER B 632 6.28 -19.27 -21.05
C SER B 632 5.40 -20.27 -20.28
N TRP B 633 6.04 -20.97 -19.34
CA TRP B 633 5.40 -21.84 -18.35
C TRP B 633 4.87 -21.05 -17.15
N SER B 634 4.94 -19.73 -17.21
CA SER B 634 4.62 -18.87 -16.06
C SER B 634 3.11 -18.93 -15.68
N SER B 635 2.81 -18.70 -14.39
CA SER B 635 1.43 -18.45 -13.91
C SER B 635 1.15 -16.96 -13.85
N ILE B 636 2.17 -16.16 -13.84
CA ILE B 636 2.06 -14.68 -13.76
C ILE B 636 2.93 -14.11 -14.87
N ASP B 637 2.37 -13.29 -15.78
CA ASP B 637 3.16 -12.77 -16.90
C ASP B 637 4.01 -11.58 -16.43
N TYR B 638 4.73 -10.98 -17.36
CA TYR B 638 5.83 -10.02 -17.10
C TYR B 638 5.26 -8.78 -16.43
N TYR B 639 3.98 -8.46 -16.72
CA TYR B 639 3.29 -7.24 -16.26
C TYR B 639 2.52 -7.60 -15.01
N GLY B 640 2.65 -8.84 -14.54
CA GLY B 640 2.05 -9.19 -13.25
C GLY B 640 0.60 -9.63 -13.37
N ASN B 641 0.11 -9.91 -14.57
CA ASN B 641 -1.27 -10.39 -14.76
C ASN B 641 -1.32 -11.88 -14.37
N TRP B 642 -2.29 -12.20 -13.55
CA TRP B 642 -2.47 -13.62 -13.22
C TRP B 642 -3.02 -14.33 -14.44
N LYS B 643 -2.31 -15.34 -14.91
CA LYS B 643 -2.95 -16.29 -15.86
C LYS B 643 -3.96 -17.17 -15.12
N ALA B 644 -4.74 -17.94 -15.85
CA ALA B 644 -5.66 -18.93 -15.25
C ALA B 644 -4.89 -19.80 -14.26
N LEU B 645 -3.67 -20.20 -14.56
CA LEU B 645 -2.93 -21.13 -13.70
C LEU B 645 -2.79 -20.54 -12.30
N HIS B 646 -2.59 -19.22 -12.18
CA HIS B 646 -2.33 -18.68 -10.83
C HIS B 646 -3.58 -18.82 -9.95
N TYR B 647 -4.76 -18.57 -10.51
CA TYR B 647 -6.03 -18.72 -9.77
C TYR B 647 -6.18 -20.20 -9.45
N GLN B 648 -5.83 -21.04 -10.41
CA GLN B 648 -5.95 -22.53 -10.28
C GLN B 648 -5.00 -23.07 -9.22
N ALA B 649 -3.80 -22.52 -9.09
CA ALA B 649 -2.83 -22.94 -8.05
C ALA B 649 -3.36 -22.55 -6.69
N LYS B 650 -3.85 -21.31 -6.58
CA LYS B 650 -4.52 -20.83 -5.35
C LYS B 650 -5.56 -21.87 -4.90
N ARG B 651 -6.41 -22.31 -5.81
CA ARG B 651 -7.54 -23.22 -5.46
C ARG B 651 -6.93 -24.57 -5.10
N ALA B 652 -5.96 -25.04 -5.90
CA ALA B 652 -5.36 -26.38 -5.70
C ALA B 652 -4.60 -26.41 -4.39
N PHE B 653 -4.20 -25.23 -3.86
CA PHE B 653 -3.36 -25.12 -2.65
C PHE B 653 -4.17 -24.67 -1.43
N ALA B 654 -5.48 -24.53 -1.57
CA ALA B 654 -6.34 -24.13 -0.44
C ALA B 654 -6.09 -25.05 0.74
N PRO B 655 -5.96 -24.53 1.97
CA PRO B 655 -5.67 -25.42 3.10
C PRO B 655 -6.59 -26.65 3.20
N VAL B 656 -7.89 -26.48 2.93
CA VAL B 656 -8.86 -27.60 2.78
C VAL B 656 -9.36 -27.63 1.36
N LEU B 657 -9.20 -28.79 0.73
CA LEU B 657 -9.60 -29.04 -0.67
C LEU B 657 -10.45 -30.32 -0.73
N ILE B 658 -11.59 -30.22 -1.38
CA ILE B 658 -12.39 -31.38 -1.84
C ILE B 658 -11.87 -31.76 -3.23
N ASN B 659 -11.38 -32.98 -3.38
CA ASN B 659 -10.78 -33.38 -4.66
C ASN B 659 -11.53 -34.56 -5.21
N PRO B 660 -12.52 -34.35 -6.11
CA PRO B 660 -13.16 -35.44 -6.86
C PRO B 660 -12.21 -35.87 -7.98
N ILE B 661 -11.77 -37.14 -7.98
CA ILE B 661 -10.85 -37.69 -9.02
C ILE B 661 -11.58 -38.84 -9.72
N GLN B 662 -11.73 -38.69 -11.04
CA GLN B 662 -12.50 -39.64 -11.86
C GLN B 662 -11.53 -40.44 -12.69
N GLN B 663 -11.56 -41.76 -12.58
CA GLN B 663 -10.73 -42.68 -13.41
C GLN B 663 -11.51 -44.01 -13.58
N ASN B 664 -11.36 -44.67 -14.73
CA ASN B 664 -11.91 -46.01 -15.00
C ASN B 664 -13.43 -45.95 -14.77
N ASP B 665 -14.08 -44.89 -15.24
CA ASP B 665 -15.56 -44.69 -15.13
C ASP B 665 -16.07 -44.76 -13.68
N SER B 666 -15.25 -44.38 -12.71
CA SER B 666 -15.61 -44.27 -11.27
C SER B 666 -15.15 -42.91 -10.73
N LEU B 667 -15.92 -42.36 -9.80
CA LEU B 667 -15.53 -41.18 -8.97
C LEU B 667 -14.99 -41.65 -7.60
N SER B 668 -13.91 -41.07 -7.13
CA SER B 668 -13.55 -41.11 -5.70
C SER B 668 -13.49 -39.66 -5.24
N VAL B 669 -13.84 -39.37 -4.00
CA VAL B 669 -13.73 -37.99 -3.47
C VAL B 669 -12.78 -37.99 -2.30
N TYR B 670 -11.75 -37.13 -2.36
CA TYR B 670 -10.69 -37.03 -1.32
C TYR B 670 -10.92 -35.71 -0.61
N LEU B 671 -10.77 -35.75 0.71
CA LEU B 671 -10.71 -34.51 1.52
C LEU B 671 -9.22 -34.37 1.85
N ILE B 672 -8.65 -33.23 1.49
CA ILE B 672 -7.19 -32.95 1.70
C ILE B 672 -7.08 -31.73 2.63
N SER B 673 -6.38 -31.85 3.74
CA SER B 673 -6.22 -30.73 4.68
C SER B 673 -4.75 -30.57 4.99
N ASP B 674 -4.24 -29.34 4.89
CA ASP B 674 -2.94 -28.95 5.50
C ASP B 674 -3.15 -28.14 6.78
N ARG B 675 -4.28 -28.29 7.43
CA ARG B 675 -4.52 -27.59 8.72
C ARG B 675 -3.84 -28.39 9.83
N LEU B 676 -3.46 -27.68 10.89
CA LEU B 676 -2.84 -28.27 12.12
C LEU B 676 -3.89 -28.92 13.00
N ASP B 677 -5.16 -28.48 12.93
CA ASP B 677 -6.28 -29.07 13.71
C ASP B 677 -6.99 -30.19 12.89
N THR B 678 -7.51 -31.20 13.57
CA THR B 678 -8.42 -32.23 13.00
C THR B 678 -9.89 -31.74 13.00
N MET B 679 -10.63 -31.92 11.92
CA MET B 679 -12.07 -31.55 11.85
C MET B 679 -12.89 -32.81 12.11
N GLU B 680 -13.97 -32.67 12.88
CA GLU B 680 -14.80 -33.83 13.32
C GLU B 680 -16.27 -33.63 12.90
N GLN B 681 -17.00 -34.73 12.78
CA GLN B 681 -18.45 -34.68 12.48
CA GLN B 681 -18.46 -34.70 12.47
C GLN B 681 -18.67 -33.71 11.33
N MET B 682 -17.98 -33.95 10.21
CA MET B 682 -18.14 -33.12 9.01
C MET B 682 -19.07 -33.93 8.09
N THR B 683 -19.72 -33.20 7.20
CA THR B 683 -20.63 -33.71 6.16
C THR B 683 -20.17 -33.23 4.77
N LEU B 684 -20.01 -34.19 3.87
CA LEU B 684 -19.84 -33.97 2.41
C LEU B 684 -21.22 -34.07 1.78
N GLU B 685 -21.65 -33.03 1.09
CA GLU B 685 -22.92 -33.04 0.36
C GLU B 685 -22.55 -32.90 -1.11
N MET B 686 -23.11 -33.75 -1.98
CA MET B 686 -22.89 -33.66 -3.45
C MET B 686 -24.23 -33.61 -4.20
N LYS B 687 -24.31 -32.88 -5.31
CA LYS B 687 -25.50 -33.10 -6.18
C LYS B 687 -25.13 -32.94 -7.64
N VAL B 688 -25.83 -33.69 -8.48
CA VAL B 688 -25.71 -33.56 -9.94
C VAL B 688 -26.62 -32.44 -10.42
N VAL B 689 -26.06 -31.50 -11.15
CA VAL B 689 -26.79 -30.32 -11.66
C VAL B 689 -26.59 -30.18 -13.17
N ASP B 690 -27.67 -30.10 -13.94
CA ASP B 690 -27.54 -29.96 -15.40
C ASP B 690 -27.16 -28.52 -15.70
N PHE B 691 -26.72 -28.31 -16.92
CA PHE B 691 -26.24 -27.00 -17.36
C PHE B 691 -27.32 -25.93 -17.31
N ASP B 692 -28.56 -26.29 -17.02
CA ASP B 692 -29.68 -25.32 -16.92
C ASP B 692 -29.96 -25.05 -15.45
N GLY B 693 -29.38 -25.79 -14.51
CA GLY B 693 -29.57 -25.48 -13.08
C GLY B 693 -30.51 -26.45 -12.41
N LYS B 694 -30.98 -27.48 -13.14
CA LYS B 694 -31.92 -28.46 -12.60
C LYS B 694 -31.14 -29.58 -11.94
N THR B 695 -31.51 -29.93 -10.72
CA THR B 695 -30.93 -31.07 -9.99
C THR B 695 -31.40 -32.34 -10.69
N LEU B 696 -30.46 -33.25 -10.99
CA LEU B 696 -30.72 -34.64 -11.46
C LEU B 696 -30.62 -35.56 -10.24
N GLY B 697 -31.69 -36.28 -9.92
CA GLY B 697 -31.66 -37.22 -8.78
C GLY B 697 -31.67 -36.51 -7.42
N LYS B 698 -31.34 -37.29 -6.38
CA LYS B 698 -31.36 -36.92 -4.94
C LYS B 698 -29.98 -36.33 -4.51
N LYS B 699 -29.91 -35.45 -3.51
CA LYS B 699 -28.58 -35.12 -2.92
C LYS B 699 -28.01 -36.43 -2.36
N ILE B 700 -26.68 -36.53 -2.34
CA ILE B 700 -25.90 -37.56 -1.62
C ILE B 700 -25.27 -36.83 -0.42
N GLN B 701 -25.36 -37.43 0.74
CA GLN B 701 -24.86 -36.89 2.02
C GLN B 701 -23.99 -37.97 2.62
N VAL B 702 -22.76 -37.63 2.97
CA VAL B 702 -21.86 -38.55 3.71
C VAL B 702 -21.52 -37.82 4.98
N HIS B 703 -21.99 -38.39 6.10
CA HIS B 703 -22.10 -37.79 7.44
C HIS B 703 -20.96 -38.36 8.25
N SER B 704 -20.71 -37.75 9.42
CA SER B 704 -19.83 -38.31 10.49
C SER B 704 -18.38 -38.40 10.01
N LEU B 705 -17.93 -37.40 9.26
CA LEU B 705 -16.60 -37.49 8.61
C LEU B 705 -15.54 -36.82 9.49
N GLU B 706 -14.44 -37.54 9.70
CA GLU B 706 -13.20 -36.97 10.30
C GLU B 706 -12.27 -36.47 9.18
N VAL B 707 -11.69 -35.27 9.30
CA VAL B 707 -10.61 -34.77 8.36
C VAL B 707 -9.33 -34.50 9.15
N PRO B 708 -8.43 -35.50 9.32
CA PRO B 708 -7.25 -35.33 10.18
C PRO B 708 -6.29 -34.28 9.61
N ALA B 709 -5.71 -33.47 10.50
CA ALA B 709 -4.63 -32.50 10.22
C ALA B 709 -3.64 -33.14 9.26
N ASN B 710 -3.27 -32.42 8.19
CA ASN B 710 -2.12 -32.80 7.31
C ASN B 710 -2.32 -34.18 6.69
N THR B 711 -3.52 -34.45 6.17
CA THR B 711 -3.83 -35.76 5.51
C THR B 711 -4.67 -35.51 4.25
N SER B 712 -4.60 -36.48 3.36
CA SER B 712 -5.50 -36.72 2.20
C SER B 712 -6.20 -38.05 2.45
N LYS B 713 -7.53 -38.04 2.54
CA LYS B 713 -8.32 -39.28 2.77
C LYS B 713 -9.47 -39.40 1.77
N CYS B 714 -9.65 -40.62 1.27
CA CYS B 714 -10.81 -40.96 0.41
C CYS B 714 -12.05 -41.11 1.28
N VAL B 715 -13.13 -40.36 1.07
CA VAL B 715 -14.34 -40.44 1.93
C VAL B 715 -15.54 -40.99 1.12
N TYR B 716 -15.40 -41.21 -0.17
CA TYR B 716 -16.55 -41.61 -1.03
C TYR B 716 -16.04 -42.17 -2.37
N ARG B 717 -16.68 -43.25 -2.84
CA ARG B 717 -16.40 -43.94 -4.14
C ARG B 717 -17.73 -44.43 -4.74
N ALA B 718 -17.91 -44.34 -6.04
CA ALA B 718 -19.13 -44.77 -6.76
C ALA B 718 -18.79 -44.88 -8.25
N LYS B 719 -19.10 -46.04 -8.86
CA LYS B 719 -19.14 -46.28 -10.34
C LYS B 719 -20.15 -45.30 -10.96
N LEU B 720 -19.83 -44.75 -12.14
CA LEU B 720 -20.75 -43.88 -12.90
C LEU B 720 -21.81 -44.74 -13.65
N ASP B 721 -21.47 -45.98 -14.00
CA ASP B 721 -22.45 -46.93 -14.58
C ASP B 721 -23.60 -47.23 -13.61
N GLY B 722 -24.84 -46.90 -13.98
CA GLY B 722 -26.04 -47.05 -13.12
C GLY B 722 -26.32 -45.79 -12.30
N TRP B 723 -25.44 -44.80 -12.34
CA TRP B 723 -25.67 -43.52 -11.62
C TRP B 723 -25.89 -42.42 -12.68
N LEU B 724 -25.02 -42.33 -13.67
CA LEU B 724 -25.17 -41.27 -14.69
C LEU B 724 -25.01 -41.93 -16.06
N THR B 725 -25.85 -41.56 -17.00
CA THR B 725 -25.74 -41.98 -18.41
C THR B 725 -24.62 -41.16 -19.07
N PRO B 726 -23.95 -41.74 -20.09
CA PRO B 726 -23.08 -40.98 -20.98
C PRO B 726 -23.63 -39.60 -21.39
N GLU B 727 -24.93 -39.55 -21.67
CA GLU B 727 -25.70 -38.35 -22.00
C GLU B 727 -25.58 -37.38 -20.80
N ASP B 728 -25.87 -37.87 -19.58
CA ASP B 728 -25.88 -37.00 -18.38
C ASP B 728 -24.47 -36.43 -18.17
N CYS B 729 -23.47 -37.24 -18.42
CA CYS B 729 -22.03 -36.89 -18.21
C CYS B 729 -21.61 -35.76 -19.16
N ARG B 730 -22.34 -35.53 -20.25
CA ARG B 730 -22.07 -34.43 -21.21
C ARG B 730 -22.81 -33.12 -20.90
N ARG B 731 -23.81 -33.13 -20.02
N ARG B 731 -23.82 -33.13 -20.02
CA ARG B 731 -24.68 -31.94 -19.84
CA ARG B 731 -24.68 -31.94 -19.84
C ARG B 731 -24.96 -31.71 -18.35
C ARG B 731 -24.96 -31.72 -18.35
N SER B 732 -24.13 -32.26 -17.47
CA SER B 732 -24.25 -32.03 -16.03
C SER B 732 -22.87 -31.94 -15.39
N PHE B 733 -22.89 -31.47 -14.15
CA PHE B 733 -21.71 -31.34 -13.27
C PHE B 733 -22.09 -31.69 -11.84
N LEU B 734 -21.07 -32.02 -11.05
CA LEU B 734 -21.24 -32.42 -9.65
C LEU B 734 -20.78 -31.23 -8.84
N LYS B 735 -21.65 -30.81 -7.93
N LYS B 735 -21.67 -30.76 -7.97
CA LYS B 735 -21.37 -29.72 -6.97
CA LYS B 735 -21.41 -29.72 -6.95
C LYS B 735 -21.12 -30.42 -5.63
C LYS B 735 -21.09 -30.47 -5.66
N LEU B 736 -19.99 -30.13 -5.02
CA LEU B 736 -19.52 -30.77 -3.77
C LEU B 736 -19.37 -29.67 -2.72
N ILE B 737 -19.99 -29.85 -1.57
CA ILE B 737 -19.71 -28.91 -0.46
CA ILE B 737 -19.78 -28.90 -0.44
C ILE B 737 -19.35 -29.73 0.77
N LEU B 738 -18.41 -29.21 1.56
CA LEU B 738 -18.05 -29.87 2.84
C LEU B 738 -18.54 -28.95 3.95
N LYS B 739 -19.38 -29.49 4.87
CA LYS B 739 -19.87 -28.71 6.05
C LYS B 739 -19.53 -29.39 7.39
N ASP B 740 -19.26 -28.52 8.38
CA ASP B 740 -19.06 -28.85 9.83
C ASP B 740 -20.42 -29.26 10.47
N LYS B 741 -20.39 -29.74 11.72
CA LYS B 741 -21.62 -30.20 12.42
C LYS B 741 -22.67 -29.10 12.40
N SER B 742 -22.31 -27.81 12.45
CA SER B 742 -23.35 -26.75 12.46
C SER B 742 -23.95 -26.52 11.07
N GLY B 743 -23.44 -27.15 10.00
CA GLY B 743 -23.85 -26.84 8.62
C GLY B 743 -23.12 -25.61 8.04
N HIS B 744 -22.01 -25.16 8.64
CA HIS B 744 -21.17 -24.13 8.01
C HIS B 744 -20.35 -24.79 6.87
N GLN B 745 -20.35 -24.13 5.73
CA GLN B 745 -19.58 -24.55 4.54
C GLN B 745 -18.10 -24.17 4.73
N VAL B 746 -17.22 -25.18 4.71
CA VAL B 746 -15.74 -25.09 4.84
C VAL B 746 -15.06 -25.11 3.45
N ALA B 747 -15.60 -25.83 2.47
CA ALA B 747 -15.02 -25.94 1.10
C ALA B 747 -16.11 -26.32 0.09
N GLU B 748 -15.87 -25.95 -1.17
CA GLU B 748 -16.72 -26.42 -2.28
C GLU B 748 -15.84 -26.78 -3.47
N SER B 749 -16.34 -27.68 -4.31
CA SER B 749 -15.69 -28.04 -5.58
CA SER B 749 -15.68 -28.01 -5.59
C SER B 749 -16.77 -28.27 -6.62
N VAL B 750 -16.40 -28.21 -7.89
CA VAL B 750 -17.23 -28.61 -9.06
C VAL B 750 -16.44 -29.67 -9.79
N HIS B 751 -17.08 -30.72 -10.26
CA HIS B 751 -16.47 -31.75 -11.11
C HIS B 751 -17.27 -31.91 -12.40
N PHE B 752 -16.61 -31.90 -13.55
CA PHE B 752 -17.17 -32.28 -14.88
C PHE B 752 -16.80 -33.72 -15.14
N PHE B 753 -17.68 -34.46 -15.81
CA PHE B 753 -17.53 -35.93 -16.00
C PHE B 753 -16.92 -36.23 -17.37
N ARG B 754 -16.77 -35.19 -18.17
CA ARG B 754 -16.29 -35.31 -19.56
C ARG B 754 -15.31 -34.19 -19.84
N LYS B 755 -14.48 -34.43 -20.82
CA LYS B 755 -13.60 -33.37 -21.31
C LYS B 755 -14.44 -32.20 -21.85
N THR B 756 -13.89 -31.00 -21.79
CA THR B 756 -14.64 -29.76 -22.16
C THR B 756 -15.13 -29.83 -23.61
N LYS B 757 -14.29 -30.30 -24.54
CA LYS B 757 -14.72 -30.42 -25.97
C LYS B 757 -15.92 -31.37 -26.11
N ASP B 758 -16.17 -32.30 -25.18
CA ASP B 758 -17.30 -33.27 -25.21
C ASP B 758 -18.48 -32.71 -24.43
N LEU B 759 -18.38 -31.53 -23.81
CA LEU B 759 -19.55 -30.98 -23.10
C LEU B 759 -20.52 -30.34 -24.08
N GLN B 760 -21.80 -30.50 -23.80
CA GLN B 760 -22.90 -29.89 -24.58
C GLN B 760 -23.16 -28.53 -23.96
N LEU B 761 -22.20 -27.61 -24.12
CA LEU B 761 -22.29 -26.28 -23.44
C LEU B 761 -23.45 -25.51 -24.07
N PRO B 762 -24.38 -24.94 -23.30
CA PRO B 762 -25.45 -24.12 -23.84
C PRO B 762 -24.99 -22.75 -24.28
N PRO B 763 -25.76 -22.09 -25.19
CA PRO B 763 -25.45 -20.75 -25.73
C PRO B 763 -25.88 -19.72 -24.69
N THR B 764 -25.24 -19.76 -23.52
CA THR B 764 -25.75 -18.99 -22.36
C THR B 764 -25.50 -17.50 -22.60
N SER B 765 -26.31 -16.69 -21.97
CA SER B 765 -26.09 -15.23 -21.92
CA SER B 765 -26.15 -15.22 -21.89
C SER B 765 -25.59 -14.88 -20.50
N VAL B 766 -24.47 -14.15 -20.48
CA VAL B 766 -23.80 -13.71 -19.23
C VAL B 766 -24.10 -12.22 -19.10
N SER B 767 -24.88 -11.86 -18.10
CA SER B 767 -25.14 -10.45 -17.79
C SER B 767 -24.36 -10.02 -16.52
N TYR B 768 -24.17 -8.72 -16.36
CA TYR B 768 -23.51 -8.18 -15.15
C TYR B 768 -23.93 -6.71 -14.94
N GLN B 769 -23.99 -6.31 -13.67
CA GLN B 769 -24.10 -4.89 -13.21
C GLN B 769 -22.68 -4.47 -12.79
N MET B 770 -22.31 -3.20 -12.99
CA MET B 770 -20.99 -2.65 -12.56
C MET B 770 -21.21 -1.42 -11.67
N LYS B 771 -20.54 -1.42 -10.52
CA LYS B 771 -20.34 -0.24 -9.65
C LYS B 771 -18.86 0.10 -9.79
N GLN B 772 -18.61 1.22 -10.44
CA GLN B 772 -17.25 1.77 -10.60
C GLN B 772 -17.04 2.95 -9.63
N THR B 773 -15.96 2.92 -8.88
CA THR B 773 -15.43 4.06 -8.09
C THR B 773 -13.96 4.22 -8.51
N ASP B 774 -13.39 5.36 -8.15
CA ASP B 774 -11.92 5.63 -8.08
C ASP B 774 -11.22 4.42 -7.43
N GLY B 775 -10.47 3.64 -8.22
CA GLY B 775 -9.66 2.50 -7.71
C GLY B 775 -10.28 1.11 -7.85
N LYS B 776 -11.62 1.01 -7.94
CA LYS B 776 -12.40 -0.27 -7.84
C LYS B 776 -13.55 -0.31 -8.84
N CYS B 777 -13.69 -1.46 -9.49
CA CYS B 777 -14.92 -1.93 -10.19
CA CYS B 777 -14.88 -1.94 -10.25
C CYS B 777 -15.46 -3.17 -9.51
N GLU B 778 -16.73 -3.14 -9.09
CA GLU B 778 -17.43 -4.30 -8.46
CA GLU B 778 -17.40 -4.32 -8.47
C GLU B 778 -18.43 -4.82 -9.49
N LEU B 779 -18.16 -6.00 -10.09
CA LEU B 779 -19.07 -6.71 -11.02
C LEU B 779 -19.90 -7.69 -10.25
N THR B 780 -21.18 -7.80 -10.58
CA THR B 780 -21.99 -8.98 -10.28
C THR B 780 -22.38 -9.67 -11.58
N LEU B 781 -21.98 -10.91 -11.76
CA LEU B 781 -22.28 -11.65 -13.00
C LEU B 781 -23.45 -12.55 -12.73
N PHE B 782 -24.28 -12.78 -13.74
CA PHE B 782 -25.40 -13.74 -13.62
C PHE B 782 -25.56 -14.45 -14.96
N SER B 783 -25.83 -15.75 -14.91
CA SER B 783 -26.25 -16.55 -16.08
C SER B 783 -27.24 -17.63 -15.65
N SER B 784 -28.34 -17.78 -16.37
CA SER B 784 -29.33 -18.83 -16.02
C SER B 784 -28.73 -20.18 -16.38
N MET B 785 -27.68 -20.23 -17.22
CA MET B 785 -27.07 -21.55 -17.49
CA MET B 785 -27.06 -21.48 -17.72
C MET B 785 -25.56 -21.51 -17.38
N LEU B 786 -24.95 -22.69 -17.32
CA LEU B 786 -23.47 -22.79 -17.19
C LEU B 786 -22.75 -21.92 -18.20
N ALA B 787 -21.75 -21.15 -17.74
CA ALA B 787 -20.72 -20.54 -18.58
C ALA B 787 -19.35 -21.08 -18.08
N LYS B 788 -18.60 -21.61 -19.03
CA LYS B 788 -17.46 -22.51 -18.75
C LYS B 788 -16.21 -21.65 -18.77
N ASP B 789 -15.43 -21.71 -17.69
CA ASP B 789 -14.09 -21.06 -17.60
C ASP B 789 -14.14 -19.59 -18.07
N ILE B 790 -14.96 -18.81 -17.43
CA ILE B 790 -15.14 -17.36 -17.71
C ILE B 790 -13.82 -16.62 -17.45
N PHE B 791 -13.48 -15.75 -18.39
CA PHE B 791 -12.36 -14.81 -18.35
C PHE B 791 -12.92 -13.41 -18.50
N ILE B 792 -12.78 -12.68 -17.40
CA ILE B 792 -13.13 -11.23 -17.39
C ILE B 792 -11.90 -10.49 -17.83
N GLU B 793 -11.90 -10.00 -19.07
CA GLU B 793 -10.72 -9.41 -19.74
C GLU B 793 -10.87 -7.88 -19.74
N THR B 794 -9.87 -7.18 -19.22
CA THR B 794 -9.79 -5.70 -19.20
C THR B 794 -8.47 -5.34 -19.83
N PRO B 795 -8.36 -4.17 -20.46
CA PRO B 795 -7.11 -3.80 -21.13
C PRO B 795 -6.13 -3.14 -20.14
N LEU B 796 -6.49 -2.96 -18.88
CA LEU B 796 -5.57 -2.36 -17.88
C LEU B 796 -4.53 -3.40 -17.47
N GLN B 797 -3.28 -3.15 -17.86
CA GLN B 797 -2.09 -3.87 -17.34
C GLN B 797 -2.09 -3.84 -15.83
N GLY B 798 -1.92 -5.02 -15.23
CA GLY B 798 -1.70 -5.21 -13.79
C GLY B 798 -2.99 -5.11 -12.98
N ALA B 799 -4.17 -4.96 -13.61
CA ALA B 799 -5.44 -5.01 -12.85
C ALA B 799 -5.50 -6.34 -12.08
N ARG B 800 -5.98 -6.29 -10.84
CA ARG B 800 -6.04 -7.41 -9.88
C ARG B 800 -7.50 -7.81 -9.72
N TYR B 801 -7.81 -9.09 -9.66
CA TYR B 801 -9.21 -9.57 -9.62
C TYR B 801 -9.45 -10.29 -8.31
N SER B 802 -10.62 -10.16 -7.67
CA SER B 802 -10.90 -11.02 -6.51
C SER B 802 -10.86 -12.45 -7.05
N ASP B 803 -11.23 -12.67 -8.32
CA ASP B 803 -11.36 -14.04 -8.90
C ASP B 803 -11.45 -13.90 -10.42
N ASN B 804 -11.10 -14.96 -11.15
CA ASN B 804 -11.15 -14.96 -12.61
C ASN B 804 -10.97 -16.40 -13.04
N PHE B 805 -11.30 -16.74 -14.27
CA PHE B 805 -11.08 -18.10 -14.81
C PHE B 805 -11.80 -19.10 -13.95
N PHE B 806 -13.10 -18.87 -13.81
CA PHE B 806 -13.99 -19.71 -12.98
C PHE B 806 -15.21 -20.10 -13.80
N ASP B 807 -15.80 -21.25 -13.50
CA ASP B 807 -17.13 -21.61 -14.06
C ASP B 807 -18.21 -20.77 -13.39
N LEU B 808 -19.07 -20.15 -14.20
CA LEU B 808 -20.28 -19.44 -13.69
C LEU B 808 -21.46 -20.41 -13.77
N LEU B 809 -21.95 -20.82 -12.61
CA LEU B 809 -22.91 -21.93 -12.48
C LEU B 809 -24.30 -21.38 -12.77
N PRO B 810 -25.20 -22.26 -13.29
CA PRO B 810 -26.55 -21.87 -13.65
C PRO B 810 -27.22 -21.22 -12.42
N GLY B 811 -27.62 -19.95 -12.60
CA GLY B 811 -28.44 -19.19 -11.65
C GLY B 811 -27.69 -18.82 -10.37
N GLU B 812 -26.35 -18.87 -10.36
CA GLU B 812 -25.53 -18.51 -9.17
C GLU B 812 -24.77 -17.20 -9.42
N ARG B 813 -25.24 -16.10 -8.81
CA ARG B 813 -24.73 -14.72 -8.94
C ARG B 813 -23.26 -14.71 -8.46
N LYS B 814 -22.40 -13.96 -9.11
CA LYS B 814 -20.95 -13.94 -8.73
C LYS B 814 -20.43 -12.49 -8.73
N LYS B 815 -19.95 -12.00 -7.58
CA LYS B 815 -19.31 -10.66 -7.40
C LYS B 815 -17.82 -10.81 -7.70
N VAL B 816 -17.32 -10.01 -8.62
CA VAL B 816 -15.87 -9.95 -8.94
C VAL B 816 -15.46 -8.51 -8.68
N ILE B 817 -14.44 -8.31 -7.83
CA ILE B 817 -13.87 -6.96 -7.60
C ILE B 817 -12.60 -6.85 -8.45
N ILE B 818 -12.44 -5.72 -9.13
CA ILE B 818 -11.26 -5.48 -10.00
C ILE B 818 -10.63 -4.21 -9.43
N THR B 819 -9.34 -4.26 -9.09
CA THR B 819 -8.63 -3.06 -8.54
C THR B 819 -7.50 -2.64 -9.48
N SER B 820 -7.25 -1.34 -9.53
CA SER B 820 -6.13 -0.73 -10.28
C SER B 820 -6.14 0.78 -10.11
N PRO B 821 -4.99 1.39 -9.78
CA PRO B 821 -4.92 2.84 -9.65
C PRO B 821 -5.31 3.53 -10.97
N ARG B 822 -5.30 2.78 -12.07
CA ARG B 822 -5.76 3.26 -13.41
C ARG B 822 -7.31 3.35 -13.50
N ILE B 823 -8.10 2.83 -12.54
CA ILE B 823 -9.60 2.95 -12.59
C ILE B 823 -10.00 4.29 -11.92
N LYS B 824 -10.64 5.15 -12.74
CA LYS B 824 -11.26 6.47 -12.39
C LYS B 824 -12.78 6.43 -12.68
N LYS B 825 -13.65 6.82 -11.73
CA LYS B 825 -15.14 7.00 -11.89
C LYS B 825 -15.40 7.87 -13.13
N GLY B 826 -16.50 7.67 -13.83
CA GLY B 826 -16.82 8.49 -15.02
C GLY B 826 -15.90 8.20 -16.19
N GLU B 827 -14.84 7.41 -16.02
CA GLU B 827 -14.21 6.77 -17.19
C GLU B 827 -14.36 5.24 -17.09
N GLU B 828 -15.32 4.70 -17.84
CA GLU B 828 -15.90 3.34 -17.67
C GLU B 828 -14.86 2.28 -18.08
N LEU B 829 -14.61 1.30 -17.22
CA LEU B 829 -13.61 0.24 -17.55
C LEU B 829 -14.15 -0.67 -18.68
N PRO B 830 -13.52 -0.77 -19.87
CA PRO B 830 -13.84 -1.84 -20.81
C PRO B 830 -13.68 -3.25 -20.20
N VAL B 831 -14.68 -4.08 -20.42
CA VAL B 831 -14.82 -5.47 -19.90
C VAL B 831 -15.26 -6.34 -21.08
N ASN B 832 -14.47 -7.34 -21.41
CA ASN B 832 -14.83 -8.38 -22.40
C ASN B 832 -14.94 -9.70 -21.64
N ILE B 833 -16.11 -10.36 -21.62
CA ILE B 833 -16.30 -11.64 -20.87
C ILE B 833 -16.24 -12.81 -21.82
N LYS B 834 -15.25 -13.67 -21.69
CA LYS B 834 -15.10 -14.82 -22.63
C LYS B 834 -15.50 -16.08 -21.89
N HIS B 835 -15.96 -17.09 -22.61
CA HIS B 835 -16.20 -18.46 -22.03
C HIS B 835 -16.22 -19.45 -23.18
N ILE B 836 -16.04 -20.72 -22.86
CA ILE B 836 -15.55 -21.70 -23.85
C ILE B 836 -16.54 -21.78 -25.03
N ARG B 837 -17.84 -21.69 -24.75
CA ARG B 837 -18.88 -21.87 -25.79
C ARG B 837 -18.66 -20.86 -26.89
N GLU B 838 -18.23 -19.63 -26.53
CA GLU B 838 -18.12 -18.50 -27.49
C GLU B 838 -16.91 -18.71 -28.40
N THR B 839 -16.16 -19.78 -28.26
CA THR B 839 -14.89 -19.95 -28.98
C THR B 839 -15.02 -20.86 -30.21
N TYR B 840 -16.19 -21.49 -30.45
CA TYR B 840 -16.37 -22.41 -31.61
C TYR B 840 -17.79 -22.27 -32.22
N LYS B 841 -17.81 -22.55 -33.49
CA LYS B 841 -19.03 -22.64 -34.32
C LYS B 841 -19.33 -24.13 -34.48
N LEU B 842 -20.49 -24.58 -34.08
CA LEU B 842 -20.99 -25.93 -34.49
C LEU B 842 -21.54 -25.88 -35.94
N GLU B 843 -21.41 -27.01 -36.65
CA GLU B 843 -21.81 -27.17 -38.09
C GLU B 843 -23.06 -28.06 -38.16
N HIS B 844 -23.75 -28.02 -39.32
CA HIS B 844 -24.98 -28.79 -39.65
C HIS B 844 -24.66 -30.30 -39.61
C1 EDO C . -9.86 17.09 -2.00
O1 EDO C . -9.78 18.46 -1.65
C2 EDO C . -10.48 16.29 -0.92
O2 EDO C . -11.74 16.64 -0.49
C1 EDO D . -5.63 36.13 16.91
O1 EDO D . -5.19 35.94 15.58
C2 EDO D . -7.01 36.63 16.97
O2 EDO D . -7.71 36.58 15.78
C1 EDO E . -7.18 3.99 21.85
C1 EDO E . -7.19 4.07 22.37
O1 EDO E . -7.15 2.96 20.87
O1 EDO E . -6.99 3.73 20.99
C2 EDO E . -7.91 3.67 23.13
C2 EDO E . -7.56 5.51 22.69
O2 EDO E . -7.65 4.64 24.15
O2 EDO E . -8.86 5.80 22.23
C1 EDO F . -8.82 8.81 25.93
O1 EDO F . -7.94 9.83 25.34
C2 EDO F . -8.41 8.41 27.31
O2 EDO F . -7.09 7.88 27.34
C1 EDO G . -20.37 -3.22 29.80
O1 EDO G . -21.37 -2.28 29.56
C2 EDO G . -19.41 -2.85 30.83
O2 EDO G . -19.98 -2.85 32.12
C1 EDO H . 4.97 18.30 16.30
O1 EDO H . 4.60 19.37 17.23
C2 EDO H . 4.74 16.86 16.71
O2 EDO H . 4.24 16.02 15.70
C1 EDO I . 3.25 38.07 1.44
O1 EDO I . 3.41 37.12 2.45
C2 EDO I . 3.09 37.53 0.08
O2 EDO I . 4.17 37.76 -0.83
C1 EDO J . -25.94 3.79 20.30
O1 EDO J . -24.68 3.26 20.45
C2 EDO J . -26.61 3.03 19.23
O2 EDO J . -28.00 3.04 19.23
C1 EDO K . 10.89 35.87 -19.21
O1 EDO K . 11.41 35.88 -17.95
C2 EDO K . 9.94 36.96 -19.39
O2 EDO K . 10.21 38.03 -18.52
C1 EDO L . 8.93 0.31 24.89
O1 EDO L . 10.31 0.38 25.19
C2 EDO L . 8.25 -0.67 25.74
O2 EDO L . 8.40 -2.00 25.29
C1 VEE M . -14.78 29.86 9.36
C2 VEE M . -16.14 29.18 9.42
C3 VEE M . -16.23 28.20 8.27
C4 VEE M . -16.19 29.04 6.95
C5 VEE M . -14.86 29.82 6.87
C6 VEE M . -14.67 30.73 8.10
C8 VEE M . -14.70 30.56 5.54
C14 VEE M . -15.32 33.01 9.00
C15 VEE M . -16.33 34.14 8.86
C16 VEE M . -16.52 34.98 10.12
C17 VEE M . -16.96 36.43 9.85
C18 VEE M . -18.29 36.79 10.48
N7 VEE M . -15.60 31.90 8.07
O9 VEE M . -15.47 31.76 5.56
O11 VEE M . -16.30 28.27 5.73
O12 VEE M . -17.46 27.50 8.48
O13 VEE M . -17.26 30.13 9.30
BR BR N . -31.17 -6.75 17.33
BR BR O . -34.13 -11.33 15.73
BR BR P . 11.11 45.56 7.05
BR BR Q . -25.61 -7.81 33.22
BR BR R . -19.56 23.01 28.84
BR BR S . -38.42 37.13 16.04
BR BR T . -18.80 3.76 5.77
CL CL U . 9.91 38.13 6.95
CL CL V . 17.63 20.11 4.11
CL CL W . 14.46 16.71 11.56
CL CL X . -5.19 7.12 31.16
CL CL Y . -40.09 40.41 23.17
CL CL Z . -14.47 -16.15 35.68
C1 EDO AA . 2.98 25.13 27.02
O1 EDO AA . 4.17 24.40 26.90
C2 EDO AA . 2.76 25.85 28.31
O2 EDO AA . 1.78 26.87 28.08
C1 EDO BA . 7.52 -38.45 -11.49
O1 EDO BA . 6.51 -37.45 -11.30
C2 EDO BA . 7.78 -38.61 -12.94
O2 EDO BA . 8.80 -37.74 -13.42
C1 EDO CA . 35.70 7.03 -22.82
O1 EDO CA . 34.98 6.69 -23.99
C2 EDO CA . 37.06 6.60 -22.97
O2 EDO CA . 37.10 5.44 -23.79
C1 EDO DA . 19.15 -23.53 11.41
O1 EDO DA . 18.09 -23.68 12.33
C2 EDO DA . 18.77 -22.96 10.09
O2 EDO DA . 17.56 -23.53 9.55
C1 EDO EA . 7.33 -11.26 -12.16
O1 EDO EA . 8.56 -11.66 -12.80
C2 EDO EA . 6.11 -11.17 -13.00
O2 EDO EA . 5.92 -12.32 -13.80
C1 EDO FA . -2.44 -33.09 2.25
O1 EDO FA . -2.17 -32.67 3.61
C2 EDO FA . -1.47 -32.69 1.11
O2 EDO FA . -1.24 -31.20 0.95
C1 EDO GA . 17.58 -18.43 11.43
O1 EDO GA . 17.95 -18.49 10.00
C2 EDO GA . 16.35 -17.70 11.78
O2 EDO GA . 16.03 -16.42 11.28
C1 EDO HA . 19.24 -26.53 14.56
O1 EDO HA . 19.50 -25.15 14.65
C2 EDO HA . 18.22 -26.94 15.54
O2 EDO HA . 17.75 -25.84 16.24
C1 EDO IA . 6.67 -4.51 -15.22
O1 EDO IA . 6.85 -3.41 -16.06
C2 EDO IA . 5.36 -4.40 -14.55
O2 EDO IA . 5.20 -5.34 -13.51
C1 EDO JA . 32.34 -13.06 2.64
O1 EDO JA . 32.91 -12.17 1.73
C2 EDO JA . 31.57 -12.38 3.64
O2 EDO JA . 30.22 -12.38 3.43
C1 EDO KA . -6.99 -30.94 -18.93
O1 EDO KA . -7.21 -31.03 -17.55
C2 EDO KA . -7.83 -29.93 -19.62
O2 EDO KA . -9.27 -29.95 -19.47
C1 EDO LA . 14.95 -2.70 -3.91
O1 EDO LA . 14.60 -3.99 -4.33
C2 EDO LA . 15.18 -1.91 -5.11
O2 EDO LA . 15.15 -2.74 -6.24
C1 EDO MA . -10.53 4.05 -16.17
O1 EDO MA . -11.60 4.32 -15.27
C2 EDO MA . -10.94 3.34 -17.41
O2 EDO MA . -9.97 3.37 -18.42
C1 VEE NA . 13.04 -27.08 -15.96
C2 VEE NA . 14.38 -26.35 -16.06
C3 VEE NA . 14.21 -24.93 -16.60
C4 VEE NA . 13.59 -24.94 -17.97
C5 VEE NA . 12.23 -25.64 -17.89
C6 VEE NA . 12.46 -27.07 -17.39
C8 VEE NA . 11.39 -25.58 -19.15
C14 VEE NA . 13.53 -29.15 -18.34
C15 VEE NA . 13.34 -29.89 -19.63
C16 VEE NA . 14.11 -31.21 -19.65
C17 VEE NA . 14.32 -31.79 -21.04
C18 VEE NA . 13.95 -33.25 -21.20
N7 VEE NA . 13.25 -27.70 -18.46
O9 VEE NA . 12.04 -26.11 -20.31
O11 VEE NA . 13.53 -23.60 -18.45
O12 VEE NA . 15.48 -24.28 -16.74
O13 VEE NA . 15.25 -27.07 -16.94
BR BR OA . 40.41 2.52 5.79
BR BR PA . 26.98 -33.84 -1.73
BR BR QA . 37.84 -2.58 5.01
BR BR RA . -13.35 -41.92 -16.54
BR BR SA . 35.82 -32.93 -27.14
BR BR TA . 19.77 -4.60 -3.47
CL CL UA . 22.68 -8.82 5.78
CL CL VA . -9.48 -23.73 5.99
CL CL WA . 1.18 -24.83 5.01
CL CL XA . 39.72 -13.31 17.98
CL CL YA . -15.98 -22.39 0.77
CL CL ZA . 9.19 -28.84 22.63
CL CL AB . -32.86 -34.66 -2.14
CL CL BB . -2.63 0.07 -19.03
CL CL CB . 39.75 -39.68 -25.60
CL CL DB . 37.25 10.34 -22.46
CL CL EB . 43.52 -9.91 10.90
CL CL FB . 41.64 -6.96 -17.47
C1 EDO GB . 14.26 -26.03 -15.71
O1 EDO GB . 15.01 -26.58 -14.60
C2 EDO GB . 14.76 -24.72 -16.23
O2 EDO GB . 16.08 -24.74 -16.77
C1 EDO HB . 20.63 -37.02 -1.94
O1 EDO HB . 20.69 -38.12 -1.09
C2 EDO HB . 21.38 -37.31 -3.15
O2 EDO HB . 22.70 -37.34 -2.85
C1 EDO IB . -33.27 -20.73 -18.45
O1 EDO IB . -34.47 -20.06 -18.16
C2 EDO IB . -32.90 -21.67 -17.38
O2 EDO IB . -31.90 -22.51 -17.82
C1 EDO JB . -13.34 -45.61 1.86
O1 EDO JB . -11.96 -45.37 2.01
C2 EDO JB . -13.86 -45.21 0.53
O2 EDO JB . -14.91 -44.29 0.65
C1 EDO KB . 35.23 16.75 -10.38
O1 EDO KB . 36.46 17.41 -10.56
C2 EDO KB . 34.26 17.09 -11.44
O2 EDO KB . 33.09 17.70 -10.95
#